data_5NEC
#
_entry.id   5NEC
#
_cell.length_a   164.522
_cell.length_b   136.452
_cell.length_c   118.955
_cell.angle_alpha   90.00
_cell.angle_beta   132.04
_cell.angle_gamma   90.00
#
_symmetry.space_group_name_H-M   'C 1 2 1'
#
loop_
_entity.id
_entity.type
_entity.pdbx_description
1 polymer 'TonB-dependent siderophore receptor'
2 non-polymer (HYDROXYETHYLOXY)TRI(ETHYLOXY)OCTANE
3 water water
#
_entity_poly.entity_id   1
_entity_poly.type   'polypeptide(L)'
_entity_poly.pdbx_seq_one_letter_code
;AMNEAGQKKTDKDRVLSLDAATIVGEQQDETTYNVDRSASKKYTAPLLDTPRSVTVVPKQVIKDTAAVSLQDALRTVPGI
TFGAGEGGNPTGDRPFIRGFDAQSDTYVDGVRDTGAQTREIFNLEQIEVSKGPNSAFGGRGSAGGSLNLVSKQAKAGNFI
DGGFTYGSDQTRRYTLDLNQEFLDGNAAFRLNLLKHDANVAGRDEVDVSRWGVAPSLTFGLGSPTRVTVSHYHLESDDTP
DSGIPYAKSSDRSKHNPDKPVNVDRGNFYGLTGRDFQKSRIDTSTITVEHDLTDSLTIRNTSRYGNSHQDYLWTQPDDSQ
GNINNGSVWRRQNNRVSTTTTAVNQTDLFGEFYLGGFKNSFSTGLEFSREDSKRDGYIVDTNTGLGSNKCNPSLIGAPSG
YNCTSLENPNPHDPWNGSITRKYAPLNTVGTTKAIYAFDTIDLNEQWQVNIGARFDSFETTAKNHGVRPATKLSDKSSFW
NWQAGLVWKPVPNGSIYASYATSATPPGSMLDNGDTSNAVDGFAISNNLEPEETTNYELGTKWAFFNERLELSAAIFRTD
KDNTRILVANQTYDNAGQSRVDGVELSASGKLTEKWKVFAGYSYLDSELVDAGKAGRNGNVNASAASNNGNEMPNTPKNS
FSLWTTYDIFPKTTIGGGAFYVDKVYGDVGNTVYVPDYWRYDAMASYKLSKNVDFQLNVQNVFDKKYFDKAYAAHYASQA
AGRTILFSTNFHFLEHHHHHH
;
_entity_poly.pdbx_strand_id   A,B
#
loop_
_chem_comp.id
_chem_comp.type
_chem_comp.name
_chem_comp.formula
C8E non-polymer (HYDROXYETHYLOXY)TRI(ETHYLOXY)OCTANE 'C16 H34 O5'
#
# COMPACT_ATOMS: atom_id res chain seq x y z
N ASP A 29 -16.99 19.80 -27.49
CA ASP A 29 -18.18 20.38 -26.79
C ASP A 29 -18.45 19.65 -25.47
N GLU A 30 -18.11 20.31 -24.36
CA GLU A 30 -18.27 19.73 -23.02
C GLU A 30 -19.72 19.74 -22.49
N THR A 31 -20.59 20.55 -23.10
CA THR A 31 -22.02 20.66 -22.72
C THR A 31 -22.93 19.64 -23.42
N THR A 32 -22.36 18.70 -24.17
CA THR A 32 -23.16 17.73 -24.89
C THR A 32 -23.94 16.76 -23.96
N TYR A 33 -25.15 16.44 -24.38
CA TYR A 33 -25.96 15.37 -23.79
C TYR A 33 -25.80 14.04 -24.53
N ASN A 34 -25.05 14.04 -25.62
CA ASN A 34 -24.72 12.81 -26.36
C ASN A 34 -23.21 12.65 -26.46
N VAL A 35 -22.73 11.45 -26.12
CA VAL A 35 -21.33 11.10 -26.24
C VAL A 35 -21.28 9.95 -27.25
N ASP A 36 -20.51 10.14 -28.31
CA ASP A 36 -20.55 9.26 -29.49
C ASP A 36 -19.52 8.11 -29.47
N ARG A 37 -18.62 8.13 -28.48
CA ARG A 37 -17.55 7.15 -28.37
C ARG A 37 -17.33 6.82 -26.88
N SER A 38 -16.90 5.60 -26.61
CA SER A 38 -16.46 5.21 -25.28
C SER A 38 -15.07 5.81 -24.98
N ALA A 39 -14.74 5.94 -23.72
CA ALA A 39 -13.41 6.38 -23.30
C ALA A 39 -12.36 5.25 -23.37
N SER A 40 -12.74 4.03 -23.01
CA SER A 40 -11.79 2.90 -22.97
C SER A 40 -11.55 2.35 -24.36
N LYS A 41 -10.28 2.23 -24.77
CA LYS A 41 -9.91 1.77 -26.13
C LYS A 41 -9.81 0.24 -26.20
N LYS A 42 -10.81 -0.40 -25.62
CA LYS A 42 -11.17 -1.80 -25.85
C LYS A 42 -12.38 -1.83 -26.80
N TYR A 43 -13.10 -0.72 -26.91
CA TYR A 43 -14.09 -0.50 -27.96
C TYR A 43 -13.35 -0.17 -29.24
N THR A 44 -13.74 -0.84 -30.31
CA THR A 44 -13.08 -0.77 -31.61
C THR A 44 -13.95 -0.06 -32.69
N ALA A 45 -14.84 0.85 -32.25
CA ALA A 45 -15.86 1.50 -33.11
C ALA A 45 -16.69 2.54 -32.33
N PRO A 46 -17.24 3.57 -33.03
CA PRO A 46 -18.17 4.51 -32.35
C PRO A 46 -19.46 3.84 -31.87
N LEU A 47 -20.20 4.52 -30.98
CA LEU A 47 -21.39 3.92 -30.34
C LEU A 47 -22.56 3.70 -31.30
N LEU A 48 -22.77 4.61 -32.25
CA LEU A 48 -23.74 4.38 -33.35
C LEU A 48 -23.53 3.01 -34.03
N ASP A 49 -22.26 2.66 -34.28
CA ASP A 49 -21.91 1.43 -35.00
C ASP A 49 -21.46 0.27 -34.10
N THR A 50 -21.70 0.38 -32.79
CA THR A 50 -21.40 -0.71 -31.85
C THR A 50 -22.69 -1.54 -31.68
N PRO A 51 -22.59 -2.88 -31.87
CA PRO A 51 -23.78 -3.76 -31.85
C PRO A 51 -24.25 -4.19 -30.45
N ARG A 52 -24.41 -3.23 -29.55
CA ARG A 52 -24.79 -3.46 -28.15
C ARG A 52 -25.52 -2.23 -27.62
N SER A 53 -26.39 -2.42 -26.63
CA SER A 53 -27.02 -1.28 -25.95
C SER A 53 -26.03 -0.63 -24.98
N VAL A 54 -25.63 0.60 -25.28
CA VAL A 54 -24.72 1.36 -24.43
C VAL A 54 -25.30 2.75 -24.24
N THR A 55 -25.43 3.20 -22.99
CA THR A 55 -25.84 4.57 -22.67
C THR A 55 -24.76 5.24 -21.85
N VAL A 56 -24.29 6.40 -22.32
CA VAL A 56 -23.33 7.19 -21.57
C VAL A 56 -24.07 8.35 -20.89
N VAL A 57 -23.92 8.46 -19.57
CA VAL A 57 -24.39 9.64 -18.85
C VAL A 57 -23.25 10.64 -18.88
N PRO A 58 -23.39 11.70 -19.70
CA PRO A 58 -22.28 12.65 -19.83
C PRO A 58 -22.19 13.64 -18.69
N LYS A 59 -21.01 14.24 -18.56
CA LYS A 59 -20.71 15.26 -17.57
C LYS A 59 -21.83 16.28 -17.35
N GLN A 60 -22.39 16.77 -18.45
CA GLN A 60 -23.34 17.87 -18.42
C GLN A 60 -24.67 17.46 -17.79
N VAL A 61 -25.08 16.20 -18.00
CA VAL A 61 -26.27 15.67 -17.34
C VAL A 61 -26.04 15.54 -15.83
N ILE A 62 -24.83 15.09 -15.44
CA ILE A 62 -24.43 15.00 -14.04
C ILE A 62 -24.49 16.37 -13.36
N LYS A 63 -23.99 17.41 -14.03
CA LYS A 63 -24.07 18.78 -13.51
C LYS A 63 -25.49 19.36 -13.51
N ASP A 64 -26.24 19.20 -14.60
CA ASP A 64 -27.59 19.78 -14.73
C ASP A 64 -28.60 19.18 -13.74
N THR A 65 -28.48 17.89 -13.45
CA THR A 65 -29.29 17.21 -12.42
C THR A 65 -28.78 17.46 -11.00
N ALA A 66 -27.58 18.02 -10.86
CA ALA A 66 -26.91 18.21 -9.55
C ALA A 66 -26.81 16.92 -8.73
N ALA A 67 -26.59 15.80 -9.42
CA ALA A 67 -26.38 14.50 -8.80
C ALA A 67 -25.18 14.54 -7.87
N VAL A 68 -25.37 14.03 -6.65
CA VAL A 68 -24.27 13.96 -5.66
C VAL A 68 -23.75 12.54 -5.45
N SER A 69 -24.27 11.58 -6.21
CA SER A 69 -23.82 10.20 -6.12
C SER A 69 -24.08 9.45 -7.40
N LEU A 70 -23.51 8.25 -7.48
CA LEU A 70 -23.68 7.34 -8.62
C LEU A 70 -25.12 6.93 -8.82
N GLN A 71 -25.82 6.58 -7.73
CA GLN A 71 -27.26 6.22 -7.80
C GLN A 71 -28.16 7.36 -8.25
N ASP A 72 -27.97 8.53 -7.63
CA ASP A 72 -28.64 9.78 -8.01
C ASP A 72 -28.53 10.01 -9.53
N ALA A 73 -27.31 9.86 -10.05
CA ALA A 73 -27.02 10.09 -11.47
C ALA A 73 -27.66 9.04 -12.36
N LEU A 74 -27.68 7.79 -11.92
CA LEU A 74 -28.25 6.69 -12.72
C LEU A 74 -29.79 6.66 -12.78
N ARG A 75 -30.47 7.51 -12.01
CA ARG A 75 -31.92 7.69 -12.18
C ARG A 75 -32.30 8.12 -13.61
N THR A 76 -31.37 8.74 -14.34
CA THR A 76 -31.55 9.11 -15.76
C THR A 76 -31.53 7.93 -16.76
N VAL A 77 -31.09 6.76 -16.35
CA VAL A 77 -31.06 5.59 -17.21
C VAL A 77 -32.05 4.56 -16.66
N PRO A 78 -33.18 4.35 -17.36
CA PRO A 78 -34.24 3.51 -16.81
C PRO A 78 -33.88 2.05 -16.74
N GLY A 79 -34.48 1.34 -15.79
CA GLY A 79 -34.25 -0.11 -15.62
C GLY A 79 -33.02 -0.53 -14.79
N ILE A 80 -32.36 0.44 -14.17
CA ILE A 80 -31.24 0.17 -13.27
C ILE A 80 -31.78 0.40 -11.88
N THR A 81 -31.93 -0.68 -11.11
CA THR A 81 -32.37 -0.57 -9.73
C THR A 81 -31.28 -1.04 -8.79
N PHE A 82 -31.34 -0.54 -7.57
CA PHE A 82 -30.39 -0.91 -6.55
C PHE A 82 -31.09 -1.76 -5.51
N GLY A 83 -30.40 -2.79 -5.04
CA GLY A 83 -30.89 -3.61 -3.96
C GLY A 83 -29.74 -4.04 -3.05
N ALA A 84 -29.84 -5.26 -2.53
CA ALA A 84 -28.77 -5.88 -1.73
C ALA A 84 -28.86 -7.42 -1.79
N ASN A 89 -26.82 -4.34 3.84
CA ASN A 89 -26.17 -3.03 3.68
C ASN A 89 -27.07 -1.82 4.11
N PRO A 90 -26.55 -0.88 4.93
CA PRO A 90 -27.39 0.27 5.36
C PRO A 90 -27.79 1.24 4.23
N THR A 91 -27.11 1.17 3.08
CA THR A 91 -27.54 1.80 1.82
C THR A 91 -27.12 0.85 0.69
N GLY A 92 -28.07 0.19 0.03
CA GLY A 92 -27.77 -0.83 -0.99
C GLY A 92 -27.11 -0.29 -2.25
N ASP A 93 -25.82 -0.60 -2.45
CA ASP A 93 -24.97 -0.03 -3.55
C ASP A 93 -24.73 -1.02 -4.67
N ARG A 94 -25.65 -1.99 -4.80
CA ARG A 94 -25.55 -3.08 -5.73
C ARG A 94 -26.53 -2.84 -6.89
N PRO A 95 -26.02 -2.46 -8.08
CA PRO A 95 -26.93 -2.26 -9.21
C PRO A 95 -27.46 -3.56 -9.85
N PHE A 96 -28.70 -3.53 -10.32
CA PHE A 96 -29.31 -4.60 -11.11
C PHE A 96 -29.62 -4.06 -12.50
N ILE A 97 -29.17 -4.77 -13.53
CA ILE A 97 -29.28 -4.29 -14.90
C ILE A 97 -29.96 -5.39 -15.71
N ARG A 98 -31.05 -5.07 -16.40
CA ARG A 98 -31.90 -6.05 -17.08
C ARG A 98 -32.24 -7.23 -16.18
N GLY A 99 -32.55 -6.89 -14.93
CA GLY A 99 -32.94 -7.83 -13.91
C GLY A 99 -31.88 -8.80 -13.42
N PHE A 100 -30.62 -8.40 -13.56
CA PHE A 100 -29.51 -9.24 -13.13
C PHE A 100 -28.49 -8.45 -12.31
N ASP A 101 -27.99 -9.11 -11.27
CA ASP A 101 -27.09 -8.53 -10.28
C ASP A 101 -25.76 -8.15 -10.91
N ALA A 102 -25.30 -6.92 -10.68
CA ALA A 102 -24.06 -6.40 -11.29
C ALA A 102 -23.10 -5.73 -10.29
N GLN A 103 -23.09 -6.19 -9.03
CA GLN A 103 -22.20 -5.62 -7.99
C GLN A 103 -20.72 -5.71 -8.39
N SER A 104 -20.35 -6.88 -8.91
CA SER A 104 -18.98 -7.16 -9.30
C SER A 104 -18.80 -6.99 -10.82
N ASP A 105 -19.56 -6.06 -11.40
CA ASP A 105 -19.32 -5.58 -12.76
C ASP A 105 -19.34 -4.04 -12.79
N THR A 106 -18.73 -3.44 -11.77
CA THR A 106 -18.48 -2.01 -11.72
C THR A 106 -16.99 -1.76 -11.91
N TYR A 107 -16.68 -0.93 -12.89
CA TYR A 107 -15.34 -0.68 -13.34
C TYR A 107 -15.04 0.81 -13.18
N VAL A 108 -13.79 1.13 -12.85
CA VAL A 108 -13.28 2.49 -12.92
C VAL A 108 -12.18 2.47 -13.97
N ASP A 109 -12.41 3.19 -15.07
CA ASP A 109 -11.51 3.19 -16.24
C ASP A 109 -11.13 1.78 -16.67
N GLY A 110 -12.14 0.97 -16.94
CA GLY A 110 -11.97 -0.38 -17.46
C GLY A 110 -11.25 -1.39 -16.57
N VAL A 111 -11.13 -1.11 -15.28
CA VAL A 111 -10.49 -2.06 -14.34
C VAL A 111 -11.41 -2.26 -13.16
N ARG A 112 -11.45 -3.47 -12.61
CA ARG A 112 -12.41 -3.81 -11.52
C ARG A 112 -12.08 -3.02 -10.25
N ASP A 113 -13.04 -2.89 -9.35
CA ASP A 113 -12.85 -2.08 -8.13
C ASP A 113 -13.05 -2.82 -6.79
N THR A 114 -12.29 -2.38 -5.80
CA THR A 114 -12.28 -2.89 -4.42
C THR A 114 -13.58 -2.63 -3.67
N GLN A 117 -20.01 -0.71 -1.30
CA GLN A 117 -19.31 0.55 -1.27
C GLN A 117 -20.13 1.60 -2.06
N THR A 118 -20.37 2.77 -1.45
CA THR A 118 -21.23 3.84 -2.03
C THR A 118 -20.36 4.86 -2.78
N ARG A 119 -20.61 4.99 -4.08
CA ARG A 119 -19.74 5.74 -4.95
C ARG A 119 -20.22 7.16 -5.20
N GLU A 120 -19.24 8.04 -5.20
CA GLU A 120 -19.45 9.48 -5.27
C GLU A 120 -19.19 9.82 -6.75
N ILE A 121 -19.52 11.03 -7.20
CA ILE A 121 -19.30 11.40 -8.62
C ILE A 121 -18.31 12.57 -8.84
N PHE A 122 -17.80 13.21 -7.78
CA PHE A 122 -16.93 14.40 -7.92
C PHE A 122 -15.71 14.17 -8.82
N ASN A 123 -15.15 12.95 -8.83
CA ASN A 123 -14.00 12.62 -9.66
C ASN A 123 -14.33 12.00 -11.02
N LEU A 124 -15.59 12.03 -11.46
CA LEU A 124 -15.99 11.37 -12.71
C LEU A 124 -16.26 12.32 -13.87
N GLU A 125 -15.88 11.90 -15.06
CA GLU A 125 -16.14 12.61 -16.31
C GLU A 125 -17.51 12.18 -16.85
N GLN A 126 -17.74 10.86 -16.85
CA GLN A 126 -18.97 10.27 -17.37
C GLN A 126 -19.14 8.84 -16.86
N ILE A 127 -20.37 8.33 -17.03
CA ILE A 127 -20.76 7.00 -16.59
C ILE A 127 -21.24 6.20 -17.82
N GLU A 128 -20.57 5.09 -18.12
CA GLU A 128 -20.89 4.28 -19.29
C GLU A 128 -21.63 2.99 -18.86
N VAL A 129 -22.88 2.87 -19.30
CA VAL A 129 -23.74 1.73 -18.95
C VAL A 129 -23.85 0.76 -20.12
N SER A 130 -23.23 -0.40 -20.01
CA SER A 130 -23.43 -1.52 -20.96
C SER A 130 -24.55 -2.40 -20.46
N LYS A 131 -25.62 -2.53 -21.25
CA LYS A 131 -26.81 -3.24 -20.78
C LYS A 131 -26.78 -4.74 -21.03
N GLY A 132 -26.11 -5.19 -22.07
CA GLY A 132 -25.84 -6.61 -22.27
C GLY A 132 -24.38 -6.87 -22.03
N PRO A 133 -23.93 -8.12 -22.24
CA PRO A 133 -22.53 -8.45 -21.95
C PRO A 133 -21.52 -7.80 -22.91
N ASN A 134 -20.26 -7.78 -22.46
CA ASN A 134 -19.13 -7.21 -23.21
C ASN A 134 -17.82 -7.92 -22.75
N SER A 135 -17.34 -8.86 -23.58
CA SER A 135 -16.10 -9.65 -23.31
C SER A 135 -14.84 -8.84 -22.99
N ALA A 136 -14.78 -7.59 -23.48
CA ALA A 136 -13.74 -6.62 -23.09
C ALA A 136 -13.53 -6.49 -21.56
N PHE A 137 -14.62 -6.53 -20.79
CA PHE A 137 -14.58 -6.58 -19.31
C PHE A 137 -14.94 -8.00 -18.82
N GLY A 144 -24.89 -9.93 -17.12
CA GLY A 144 -26.07 -9.07 -16.96
C GLY A 144 -25.98 -7.64 -17.47
N GLY A 145 -24.75 -7.13 -17.68
CA GLY A 145 -24.48 -5.71 -17.96
C GLY A 145 -23.42 -5.15 -17.01
N SER A 146 -22.88 -3.97 -17.33
CA SER A 146 -21.85 -3.36 -16.47
C SER A 146 -21.88 -1.83 -16.48
N LEU A 147 -21.22 -1.27 -15.46
CA LEU A 147 -21.00 0.17 -15.33
C LEU A 147 -19.52 0.41 -15.47
N ASN A 148 -19.15 1.37 -16.31
CA ASN A 148 -17.79 1.84 -16.40
C ASN A 148 -17.71 3.33 -16.07
N LEU A 149 -17.03 3.63 -14.96
CA LEU A 149 -16.90 4.97 -14.44
C LEU A 149 -15.59 5.60 -14.92
N VAL A 150 -15.68 6.62 -15.75
CA VAL A 150 -14.48 7.26 -16.32
C VAL A 150 -13.98 8.37 -15.38
N SER A 151 -12.77 8.22 -14.85
CA SER A 151 -12.16 9.21 -13.94
C SER A 151 -11.71 10.46 -14.64
N LYS A 152 -11.84 11.59 -13.97
CA LYS A 152 -11.14 12.81 -14.36
C LYS A 152 -9.63 12.57 -14.24
N GLN A 153 -8.87 12.83 -15.31
CA GLN A 153 -7.41 12.71 -15.34
C GLN A 153 -6.80 14.07 -15.64
N ALA A 154 -5.57 14.26 -15.18
CA ALA A 154 -4.78 15.43 -15.58
C ALA A 154 -4.55 15.35 -17.07
N LYS A 155 -4.65 16.50 -17.72
CA LYS A 155 -4.64 16.58 -19.19
C LYS A 155 -4.14 17.96 -19.62
N ALA A 156 -4.08 18.19 -20.93
CA ALA A 156 -3.69 19.50 -21.45
C ALA A 156 -4.74 20.56 -21.11
N GLY A 157 -4.32 21.80 -20.93
CA GLY A 157 -5.20 22.89 -20.52
C GLY A 157 -4.83 23.42 -19.15
N ASN A 158 -5.20 24.67 -18.87
CA ASN A 158 -5.08 25.24 -17.54
C ASN A 158 -6.46 25.73 -17.12
N PHE A 159 -7.00 25.17 -16.03
CA PHE A 159 -8.25 25.62 -15.48
C PHE A 159 -8.34 25.45 -13.97
N ILE A 160 -9.20 26.24 -13.37
CA ILE A 160 -9.52 26.13 -11.95
C ILE A 160 -11.04 26.21 -11.92
N ASP A 161 -11.68 25.13 -11.49
CA ASP A 161 -13.15 25.10 -11.31
C ASP A 161 -13.48 24.85 -9.85
N GLY A 162 -14.66 25.27 -9.45
CA GLY A 162 -15.04 25.12 -8.07
C GLY A 162 -16.49 25.45 -7.91
N GLY A 163 -17.09 24.87 -6.86
CA GLY A 163 -18.49 25.11 -6.57
C GLY A 163 -18.84 24.91 -5.11
N PHE A 164 -19.89 25.60 -4.70
CA PHE A 164 -20.53 25.28 -3.46
C PHE A 164 -22.04 25.24 -3.62
N THR A 165 -22.66 24.23 -3.00
CA THR A 165 -24.09 23.98 -3.08
C THR A 165 -24.66 23.96 -1.66
N TYR A 166 -25.69 24.78 -1.45
CA TYR A 166 -26.44 24.80 -0.20
C TYR A 166 -27.86 24.29 -0.45
N GLY A 167 -28.39 23.48 0.48
CA GLY A 167 -29.69 22.84 0.33
C GLY A 167 -30.67 23.01 1.47
N SER A 168 -31.95 22.80 1.14
CA SER A 168 -33.04 22.77 2.13
C SER A 168 -32.99 21.58 3.09
N ASP A 169 -32.24 20.55 2.71
CA ASP A 169 -31.88 19.40 3.55
C ASP A 169 -30.55 19.59 4.31
N GLN A 170 -30.11 20.83 4.46
CA GLN A 170 -28.81 21.17 5.07
C GLN A 170 -27.57 20.72 4.25
N THR A 171 -27.71 20.45 2.97
CA THR A 171 -26.55 20.13 2.12
C THR A 171 -25.54 21.29 2.17
N ARG A 172 -24.28 20.97 2.45
CA ARG A 172 -23.18 21.89 2.33
C ARG A 172 -22.10 21.13 1.61
N ARG A 173 -21.96 21.39 0.31
CA ARG A 173 -21.06 20.68 -0.59
C ARG A 173 -20.07 21.65 -1.23
N TYR A 174 -18.79 21.31 -1.15
CA TYR A 174 -17.69 22.16 -1.66
C TYR A 174 -16.84 21.32 -2.57
N THR A 175 -16.63 21.77 -3.80
CA THR A 175 -15.74 21.07 -4.74
C THR A 175 -14.72 22.03 -5.34
N LEU A 176 -13.58 21.47 -5.71
CA LEU A 176 -12.51 22.20 -6.36
C LEU A 176 -11.89 21.24 -7.37
N ASP A 177 -11.66 21.73 -8.59
CA ASP A 177 -11.12 20.92 -9.70
C ASP A 177 -10.09 21.80 -10.45
N LEU A 178 -8.84 21.62 -10.06
CA LEU A 178 -7.70 22.41 -10.55
C LEU A 178 -6.82 21.56 -11.46
N ASN A 179 -6.49 22.05 -12.67
CA ASN A 179 -5.64 21.35 -13.64
C ASN A 179 -4.59 22.33 -14.24
N GLN A 180 -3.31 22.05 -13.99
CA GLN A 180 -2.20 22.95 -14.37
C GLN A 180 -1.12 22.23 -15.17
N GLU A 181 -0.78 22.76 -16.34
CA GLU A 181 0.40 22.26 -17.09
C GLU A 181 1.70 22.64 -16.39
N PHE A 182 2.71 21.79 -16.56
CA PHE A 182 4.09 22.08 -16.15
C PHE A 182 5.07 21.31 -17.06
N LEU A 183 6.37 21.42 -16.81
CA LEU A 183 7.43 20.99 -17.76
C LEU A 183 7.14 21.49 -19.18
N ASP A 184 6.81 22.79 -19.28
CA ASP A 184 6.50 23.46 -20.55
C ASP A 184 5.45 22.74 -21.39
N GLY A 185 4.35 22.33 -20.76
CA GLY A 185 3.25 21.66 -21.47
C GLY A 185 3.44 20.18 -21.80
N ASN A 186 4.55 19.57 -21.42
CA ASN A 186 4.70 18.10 -21.56
C ASN A 186 4.03 17.29 -20.44
N ALA A 187 3.69 17.94 -19.33
CA ALA A 187 3.05 17.27 -18.21
C ALA A 187 1.95 18.14 -17.60
N ALA A 188 1.13 17.52 -16.75
CA ALA A 188 0.04 18.23 -16.07
C ALA A 188 -0.28 17.60 -14.72
N PHE A 189 -0.72 18.43 -13.79
CA PHE A 189 -1.12 18.04 -12.46
C PHE A 189 -2.58 18.41 -12.33
N ARG A 190 -3.38 17.52 -11.75
CA ARG A 190 -4.79 17.80 -11.47
C ARG A 190 -5.13 17.42 -10.06
N LEU A 191 -5.90 18.26 -9.38
CA LEU A 191 -6.35 17.97 -8.02
C LEU A 191 -7.86 18.19 -7.96
N ASN A 192 -8.60 17.16 -7.53
CA ASN A 192 -10.03 17.28 -7.23
C ASN A 192 -10.22 17.09 -5.73
N LEU A 193 -10.92 18.04 -5.11
CA LEU A 193 -11.23 18.01 -3.69
C LEU A 193 -12.73 18.02 -3.47
N LEU A 194 -13.17 17.40 -2.37
CA LEU A 194 -14.60 17.32 -2.01
C LEU A 194 -14.80 17.39 -0.51
N LYS A 195 -15.80 18.17 -0.09
CA LYS A 195 -16.33 18.10 1.28
C LYS A 195 -17.86 18.15 1.16
N HIS A 196 -18.54 17.13 1.71
CA HIS A 196 -20.00 17.00 1.60
C HIS A 196 -20.63 16.59 2.93
N ASP A 197 -21.57 17.41 3.40
CA ASP A 197 -22.38 17.13 4.57
C ASP A 197 -23.83 17.46 4.21
N ALA A 198 -24.75 16.66 4.72
CA ALA A 198 -26.18 16.83 4.43
C ALA A 198 -26.98 15.97 5.37
N ASN A 199 -28.20 16.42 5.65
CA ASN A 199 -29.26 15.55 6.18
C ASN A 199 -30.02 14.95 4.99
N VAL A 200 -31.11 14.23 5.23
CA VAL A 200 -31.94 13.70 4.15
C VAL A 200 -33.37 14.19 4.31
N ALA A 201 -33.91 14.85 3.29
CA ALA A 201 -35.29 15.35 3.31
C ALA A 201 -36.30 14.22 3.60
N GLY A 202 -37.15 14.45 4.59
CA GLY A 202 -38.15 13.50 5.00
C GLY A 202 -37.65 12.29 5.74
N ARG A 203 -36.43 12.32 6.27
CA ARG A 203 -35.94 11.24 7.14
C ARG A 203 -35.37 11.88 8.43
N ASP A 204 -35.94 11.53 9.58
CA ASP A 204 -35.46 12.05 10.87
C ASP A 204 -34.03 11.50 11.12
N GLU A 205 -33.11 12.39 11.49
CA GLU A 205 -31.77 12.07 11.99
C GLU A 205 -30.75 11.51 10.99
N VAL A 206 -31.19 10.96 9.87
CA VAL A 206 -30.32 10.31 8.93
C VAL A 206 -29.43 11.40 8.32
N ASP A 207 -28.15 11.10 8.18
CA ASP A 207 -27.22 12.07 7.63
C ASP A 207 -25.96 11.46 7.03
N VAL A 208 -25.27 12.27 6.25
CA VAL A 208 -24.09 11.84 5.53
C VAL A 208 -23.02 12.89 5.69
N SER A 209 -21.79 12.41 5.70
CA SER A 209 -20.63 13.24 5.85
C SER A 209 -19.47 12.55 5.11
N ARG A 210 -18.85 13.24 4.19
CA ARG A 210 -17.71 12.67 3.49
C ARG A 210 -16.80 13.73 2.88
N TRP A 211 -15.58 13.31 2.60
CA TRP A 211 -14.64 14.17 1.94
C TRP A 211 -13.70 13.32 1.11
N GLY A 212 -13.14 13.95 0.09
CA GLY A 212 -12.32 13.27 -0.88
C GLY A 212 -11.20 14.12 -1.43
N VAL A 213 -10.15 13.43 -1.84
CA VAL A 213 -8.97 14.04 -2.46
C VAL A 213 -8.53 13.11 -3.59
N ALA A 214 -8.37 13.68 -4.79
CA ALA A 214 -8.01 12.91 -5.99
C ALA A 214 -6.91 13.65 -6.72
N PRO A 215 -5.64 13.38 -6.37
CA PRO A 215 -4.53 13.94 -7.15
C PRO A 215 -4.23 13.09 -8.37
N SER A 216 -3.70 13.72 -9.41
CA SER A 216 -3.41 13.07 -10.67
C SER A 216 -2.25 13.80 -11.40
N LEU A 217 -1.35 13.02 -11.99
CA LEU A 217 -0.19 13.51 -12.74
C LEU A 217 -0.14 12.80 -14.06
N THR A 218 0.07 13.53 -15.15
CA THR A 218 0.24 12.91 -16.45
C THR A 218 1.49 13.51 -17.12
N PHE A 219 2.24 12.68 -17.84
CA PHE A 219 3.51 13.06 -18.47
C PHE A 219 3.52 12.60 -19.90
N GLY A 220 4.26 13.32 -20.75
CA GLY A 220 4.39 12.99 -22.16
C GLY A 220 3.18 13.38 -22.98
N LEU A 221 2.54 14.50 -22.62
CA LEU A 221 1.39 15.01 -23.39
C LEU A 221 1.77 15.25 -24.85
N GLY A 222 0.95 14.76 -25.77
CA GLY A 222 1.24 14.83 -27.19
C GLY A 222 2.32 13.91 -27.74
N SER A 223 3.05 13.18 -26.89
CA SER A 223 4.22 12.40 -27.33
C SER A 223 3.82 10.93 -27.49
N PRO A 224 4.70 10.09 -28.09
CA PRO A 224 4.36 8.65 -28.25
C PRO A 224 4.43 7.78 -26.98
N THR A 225 4.86 8.36 -25.84
CA THR A 225 5.01 7.63 -24.59
C THR A 225 4.39 8.46 -23.45
N ARG A 226 3.33 7.93 -22.85
CA ARG A 226 2.52 8.62 -21.85
C ARG A 226 2.50 7.82 -20.54
N VAL A 227 2.69 8.53 -19.44
CA VAL A 227 2.67 7.95 -18.11
C VAL A 227 1.69 8.75 -17.28
N THR A 228 0.73 8.05 -16.67
CA THR A 228 -0.24 8.66 -15.75
C THR A 228 -0.22 7.97 -14.39
N VAL A 229 -0.29 8.79 -13.34
CA VAL A 229 -0.33 8.35 -11.95
C VAL A 229 -1.51 9.05 -11.25
N SER A 230 -2.44 8.28 -10.71
CA SER A 230 -3.62 8.80 -10.00
C SER A 230 -3.73 8.21 -8.63
N HIS A 231 -4.18 9.00 -7.68
CA HIS A 231 -4.63 8.49 -6.43
C HIS A 231 -6.04 9.00 -6.16
N TYR A 232 -6.88 8.14 -5.56
CA TYR A 232 -8.24 8.45 -5.19
C TYR A 232 -8.48 8.10 -3.71
N HIS A 233 -8.99 9.06 -2.95
CA HIS A 233 -9.23 8.87 -1.54
C HIS A 233 -10.60 9.43 -1.18
N LEU A 234 -11.46 8.60 -0.57
CA LEU A 234 -12.74 9.04 -0.02
C LEU A 234 -12.97 8.41 1.35
N GLU A 235 -13.41 9.24 2.29
CA GLU A 235 -13.68 8.85 3.66
C GLU A 235 -15.09 9.30 3.99
N SER A 236 -15.90 8.44 4.61
CA SER A 236 -17.25 8.84 4.97
C SER A 236 -17.68 8.35 6.33
N ASP A 237 -18.63 9.07 6.92
CA ASP A 237 -19.06 8.85 8.29
C ASP A 237 -20.52 9.30 8.38
N ASP A 238 -21.42 8.34 8.27
CA ASP A 238 -22.85 8.60 8.11
C ASP A 238 -23.61 8.07 9.32
N THR A 239 -24.79 8.65 9.55
CA THR A 239 -25.81 8.03 10.40
C THR A 239 -26.78 7.26 9.47
N PRO A 240 -26.70 5.91 9.45
CA PRO A 240 -27.39 5.08 8.47
C PRO A 240 -28.88 4.99 8.72
N ASP A 241 -29.65 5.03 7.63
CA ASP A 241 -31.10 4.88 7.67
C ASP A 241 -31.53 3.47 8.09
N SER A 242 -32.71 3.37 8.70
CA SER A 242 -33.32 2.10 9.10
C SER A 242 -34.20 1.55 7.98
N GLY A 243 -34.71 2.45 7.13
CA GLY A 243 -35.82 2.12 6.25
C GLY A 243 -37.12 1.90 7.04
N ILE A 244 -38.10 1.35 6.33
CA ILE A 244 -39.48 1.25 6.77
C ILE A 244 -39.85 -0.21 6.61
N PRO A 245 -40.42 -0.82 7.67
CA PRO A 245 -40.78 -2.24 7.57
C PRO A 245 -41.93 -2.52 6.59
N TYR A 246 -41.88 -3.71 5.98
CA TYR A 246 -43.02 -4.26 5.27
C TYR A 246 -44.14 -4.54 6.27
N ALA A 247 -45.37 -4.25 5.87
CA ALA A 247 -46.56 -4.73 6.58
C ALA A 247 -46.48 -6.25 6.60
N LYS A 248 -47.01 -6.87 7.65
CA LYS A 248 -46.95 -8.33 7.78
C LYS A 248 -48.36 -8.90 7.96
N SER A 249 -48.97 -9.25 6.84
CA SER A 249 -50.34 -9.75 6.81
C SER A 249 -50.34 -11.26 7.02
N SER A 250 -51.34 -11.74 7.77
CA SER A 250 -51.52 -13.17 7.99
C SER A 250 -51.60 -13.98 6.70
N ASP A 251 -52.17 -13.43 5.62
CA ASP A 251 -52.29 -14.17 4.35
C ASP A 251 -51.22 -13.75 3.31
N ARG A 252 -50.04 -13.31 3.75
CA ARG A 252 -49.03 -12.84 2.80
C ARG A 252 -48.59 -13.99 1.90
N SER A 253 -48.55 -13.74 0.59
CA SER A 253 -48.08 -14.75 -0.39
C SER A 253 -47.79 -14.05 -1.72
N LYS A 254 -47.38 -14.84 -2.73
CA LYS A 254 -47.33 -14.38 -4.12
C LYS A 254 -48.61 -13.71 -4.61
N HIS A 255 -49.74 -14.19 -4.10
CA HIS A 255 -51.05 -13.73 -4.53
C HIS A 255 -51.47 -12.42 -3.85
N ASN A 256 -51.13 -12.28 -2.55
CA ASN A 256 -51.35 -11.04 -1.80
C ASN A 256 -50.03 -10.60 -1.16
N PRO A 257 -49.15 -9.98 -1.96
CA PRO A 257 -47.86 -9.59 -1.42
C PRO A 257 -47.96 -8.36 -0.52
N ASP A 258 -47.01 -8.22 0.41
CA ASP A 258 -46.96 -7.04 1.29
C ASP A 258 -46.05 -5.91 0.80
N LYS A 259 -46.40 -4.69 1.19
CA LYS A 259 -45.65 -3.48 0.88
C LYS A 259 -45.34 -2.69 2.19
N PRO A 260 -44.50 -1.63 2.10
CA PRO A 260 -44.14 -0.95 3.35
C PRO A 260 -45.33 -0.41 4.12
N VAL A 261 -45.25 -0.47 5.43
CA VAL A 261 -46.29 0.16 6.28
C VAL A 261 -46.41 1.66 5.97
N ASN A 262 -47.59 2.22 6.19
CA ASN A 262 -47.84 3.65 6.03
C ASN A 262 -47.76 4.33 7.40
N VAL A 263 -46.66 5.02 7.64
CA VAL A 263 -46.40 5.75 8.88
C VAL A 263 -45.95 7.16 8.50
N ASP A 264 -45.70 8.01 9.48
CA ASP A 264 -45.26 9.36 9.18
C ASP A 264 -43.98 9.34 8.33
N ARG A 265 -43.85 10.30 7.44
CA ARG A 265 -42.77 10.34 6.47
C ARG A 265 -41.37 10.20 7.09
N GLY A 266 -41.13 10.91 8.19
CA GLY A 266 -39.81 11.01 8.83
C GLY A 266 -39.39 9.87 9.73
N ASN A 267 -40.30 8.92 10.03
CA ASN A 267 -40.01 7.86 11.00
C ASN A 267 -38.67 7.16 10.73
N PHE A 268 -37.82 7.17 11.74
CA PHE A 268 -36.54 6.49 11.77
C PHE A 268 -36.53 5.54 12.98
N TYR A 269 -36.32 4.25 12.73
CA TYR A 269 -36.34 3.25 13.79
C TYR A 269 -34.96 2.94 14.41
N GLY A 270 -33.92 3.59 13.89
CA GLY A 270 -32.57 3.41 14.42
C GLY A 270 -32.28 4.30 15.62
N LEU A 271 -31.00 4.31 16.00
CA LEU A 271 -30.54 4.88 17.25
C LEU A 271 -29.32 5.76 17.00
N THR A 272 -29.49 7.06 17.23
CA THR A 272 -28.38 8.02 17.08
C THR A 272 -27.22 7.75 18.03
N GLY A 273 -27.50 7.17 19.20
CA GLY A 273 -26.44 6.79 20.14
C GLY A 273 -25.67 5.53 19.77
N ARG A 274 -26.17 4.72 18.84
CA ARG A 274 -25.58 3.43 18.53
C ARG A 274 -25.10 3.28 17.11
N ASP A 275 -25.90 3.69 16.15
CA ASP A 275 -25.69 3.29 14.76
C ASP A 275 -24.66 4.16 14.06
N PHE A 276 -23.85 3.57 13.19
CA PHE A 276 -22.79 4.29 12.49
C PHE A 276 -22.48 3.60 11.17
N GLN A 277 -21.94 4.36 10.23
CA GLN A 277 -21.54 3.83 8.94
C GLN A 277 -20.29 4.59 8.49
N LYS A 278 -19.15 3.92 8.63
CA LYS A 278 -17.84 4.53 8.38
C LYS A 278 -17.17 3.78 7.26
N SER A 279 -16.61 4.52 6.31
CA SER A 279 -15.85 3.88 5.24
C SER A 279 -14.67 4.72 4.80
N ARG A 280 -13.68 4.03 4.23
CA ARG A 280 -12.48 4.62 3.71
C ARG A 280 -12.14 3.86 2.45
N ILE A 281 -11.91 4.56 1.34
CA ILE A 281 -11.35 3.93 0.15
C ILE A 281 -10.10 4.67 -0.32
N ASP A 282 -9.06 3.91 -0.67
CA ASP A 282 -7.82 4.40 -1.26
C ASP A 282 -7.52 3.59 -2.53
N THR A 283 -7.26 4.27 -3.63
CA THR A 283 -6.95 3.61 -4.91
C THR A 283 -5.83 4.37 -5.63
N SER A 284 -4.77 3.65 -5.98
CA SER A 284 -3.63 4.16 -6.71
C SER A 284 -3.66 3.49 -8.06
N THR A 285 -3.51 4.26 -9.14
CA THR A 285 -3.50 3.71 -10.49
C THR A 285 -2.30 4.28 -11.24
N ILE A 286 -1.58 3.42 -11.94
CA ILE A 286 -0.41 3.80 -12.76
C ILE A 286 -0.57 3.22 -14.14
N THR A 287 -0.62 4.09 -15.15
CA THR A 287 -0.88 3.70 -16.54
C THR A 287 0.31 4.13 -17.41
N VAL A 288 0.92 3.18 -18.14
CA VAL A 288 1.99 3.46 -19.12
C VAL A 288 1.50 3.07 -20.53
N GLU A 289 1.52 4.03 -21.45
CA GLU A 289 1.16 3.80 -22.87
C GLU A 289 2.35 4.10 -23.77
N HIS A 290 2.52 3.28 -24.79
CA HIS A 290 3.57 3.51 -25.78
C HIS A 290 3.06 3.15 -27.17
N ASP A 291 3.18 4.07 -28.12
CA ASP A 291 2.87 3.76 -29.53
C ASP A 291 4.05 3.02 -30.18
N LEU A 292 3.86 1.74 -30.47
CA LEU A 292 4.89 0.92 -31.08
C LEU A 292 5.05 1.22 -32.56
N THR A 293 3.91 1.45 -33.22
CA THR A 293 3.89 1.90 -34.61
C THR A 293 2.76 2.92 -34.72
N ASP A 294 2.50 3.39 -35.93
CA ASP A 294 1.30 4.20 -36.21
C ASP A 294 -0.03 3.42 -36.11
N SER A 295 0.04 2.08 -36.08
CA SER A 295 -1.14 1.22 -35.98
C SER A 295 -1.28 0.42 -34.69
N LEU A 296 -0.35 0.60 -33.73
CA LEU A 296 -0.23 -0.27 -32.57
C LEU A 296 0.19 0.48 -31.31
N THR A 297 -0.65 0.44 -30.28
CA THR A 297 -0.33 0.96 -28.95
C THR A 297 -0.32 -0.18 -27.91
N ILE A 298 0.71 -0.19 -27.08
CA ILE A 298 0.79 -1.11 -25.94
C ILE A 298 0.58 -0.31 -24.67
N ARG A 299 -0.18 -0.90 -23.74
CA ARG A 299 -0.61 -0.20 -22.52
C ARG A 299 -0.53 -1.14 -21.33
N ASN A 300 0.06 -0.66 -20.23
CA ASN A 300 0.09 -1.40 -18.97
C ASN A 300 -0.53 -0.54 -17.90
N THR A 301 -1.42 -1.14 -17.11
CA THR A 301 -2.11 -0.46 -16.03
C THR A 301 -1.95 -1.28 -14.76
N SER A 302 -1.55 -0.60 -13.69
CA SER A 302 -1.43 -1.22 -12.39
C SER A 302 -2.33 -0.47 -11.45
N ARG A 303 -3.16 -1.21 -10.72
CA ARG A 303 -4.00 -0.62 -9.69
C ARG A 303 -3.76 -1.36 -8.36
N TYR A 304 -3.49 -0.60 -7.31
CA TYR A 304 -3.58 -1.08 -5.94
C TYR A 304 -4.74 -0.33 -5.25
N GLY A 305 -5.61 -1.10 -4.60
CA GLY A 305 -6.78 -0.56 -3.90
C GLY A 305 -6.91 -1.12 -2.50
N ASN A 306 -7.52 -0.35 -1.62
CA ASN A 306 -7.61 -0.66 -0.20
C ASN A 306 -8.89 -0.02 0.35
N SER A 307 -9.83 -0.83 0.86
CA SER A 307 -11.10 -0.28 1.39
C SER A 307 -11.48 -0.88 2.73
N HIS A 308 -11.94 -0.03 3.65
CA HIS A 308 -12.39 -0.43 4.95
C HIS A 308 -13.86 -0.01 5.12
N GLN A 309 -14.65 -0.88 5.73
CA GLN A 309 -16.03 -0.58 6.09
C GLN A 309 -16.31 -1.03 7.51
N ASP A 310 -16.93 -0.14 8.27
CA ASP A 310 -17.28 -0.39 9.65
C ASP A 310 -18.72 0.16 9.84
N TYR A 311 -19.69 -0.75 9.74
CA TYR A 311 -21.12 -0.44 9.69
C TYR A 311 -21.86 -1.15 10.82
N LEU A 312 -22.78 -0.43 11.47
CA LEU A 312 -23.74 -0.98 12.43
C LEU A 312 -25.06 -0.20 12.31
N TRP A 313 -26.13 -0.89 11.95
CA TRP A 313 -27.39 -0.20 11.68
C TRP A 313 -28.59 -1.01 12.17
N THR A 314 -29.76 -0.38 12.14
CA THR A 314 -31.01 -0.95 12.65
C THR A 314 -31.94 -1.35 11.51
N GLN A 315 -32.58 -2.50 11.64
CA GLN A 315 -33.64 -2.94 10.71
C GLN A 315 -34.94 -3.06 11.49
N PRO A 316 -36.02 -2.47 10.97
CA PRO A 316 -37.28 -2.44 11.72
C PRO A 316 -38.01 -3.77 11.73
N ASP A 317 -37.93 -4.45 12.86
CA ASP A 317 -38.75 -5.62 13.25
C ASP A 317 -38.40 -6.99 12.70
N ASP A 318 -37.58 -7.05 11.67
CA ASP A 318 -37.29 -8.31 10.94
C ASP A 318 -38.40 -9.38 10.92
N SER A 319 -39.59 -8.95 10.52
CA SER A 319 -40.74 -9.84 10.24
C SER A 319 -41.21 -10.69 11.42
N GLN A 320 -41.04 -10.14 12.63
CA GLN A 320 -41.45 -10.79 13.85
C GLN A 320 -42.94 -10.58 14.17
N GLY A 321 -43.59 -9.67 13.47
CA GLY A 321 -45.00 -9.43 13.65
C GLY A 321 -45.34 -8.49 14.79
N ASN A 322 -44.33 -7.90 15.45
CA ASN A 322 -44.58 -6.89 16.50
C ASN A 322 -45.31 -5.65 15.99
N ILE A 323 -45.14 -5.32 14.72
CA ILE A 323 -45.83 -4.16 14.11
C ILE A 323 -47.35 -4.27 14.17
N ASN A 324 -47.88 -5.49 14.19
CA ASN A 324 -49.31 -5.69 14.32
C ASN A 324 -49.90 -5.40 15.69
N ASN A 325 -49.07 -5.16 16.71
CA ASN A 325 -49.55 -4.65 17.99
C ASN A 325 -49.08 -3.22 18.26
N GLY A 326 -48.44 -2.58 17.27
CA GLY A 326 -48.00 -1.19 17.36
C GLY A 326 -46.57 -0.94 17.84
N SER A 327 -45.71 -1.97 17.75
CA SER A 327 -44.31 -1.86 18.17
C SER A 327 -43.31 -2.45 17.17
N VAL A 328 -42.03 -2.12 17.39
CA VAL A 328 -40.94 -2.49 16.48
C VAL A 328 -39.72 -2.95 17.28
N TRP A 329 -39.24 -4.17 17.00
CA TRP A 329 -37.95 -4.62 17.52
C TRP A 329 -36.80 -3.99 16.70
N ARG A 330 -35.89 -3.30 17.38
CA ARG A 330 -34.71 -2.71 16.74
C ARG A 330 -33.63 -3.76 16.56
N ARG A 331 -33.79 -4.56 15.52
CA ARG A 331 -32.80 -5.54 15.17
C ARG A 331 -31.57 -4.80 14.63
N GLN A 332 -30.45 -5.37 14.96
CA GLN A 332 -29.17 -4.80 14.77
C GLN A 332 -28.53 -5.60 13.66
N ASN A 333 -28.00 -4.93 12.65
CA ASN A 333 -27.17 -5.61 11.66
C ASN A 333 -25.88 -4.85 11.53
N ASN A 334 -24.82 -5.56 11.13
CA ASN A 334 -23.50 -4.97 11.09
C ASN A 334 -22.56 -5.68 10.12
N ARG A 335 -21.50 -4.96 9.78
CA ARG A 335 -20.41 -5.50 8.99
C ARG A 335 -19.12 -4.72 9.21
N VAL A 336 -18.05 -5.45 9.46
CA VAL A 336 -16.70 -4.92 9.48
C VAL A 336 -15.92 -5.64 8.40
N SER A 337 -15.33 -4.86 7.50
CA SER A 337 -14.76 -5.42 6.30
C SER A 337 -13.47 -4.69 5.89
N THR A 338 -12.45 -5.42 5.48
CA THR A 338 -11.26 -4.83 4.85
C THR A 338 -10.96 -5.57 3.58
N THR A 339 -10.68 -4.84 2.51
CA THR A 339 -10.36 -5.46 1.23
C THR A 339 -9.15 -4.78 0.60
N THR A 340 -8.29 -5.60 0.03
CA THR A 340 -7.08 -5.19 -0.65
C THR A 340 -7.21 -5.76 -2.05
N THR A 341 -6.89 -4.97 -3.07
CA THR A 341 -6.95 -5.44 -4.46
C THR A 341 -5.71 -4.98 -5.19
N ALA A 342 -5.12 -5.88 -5.97
CA ALA A 342 -3.95 -5.56 -6.77
C ALA A 342 -4.22 -6.08 -8.19
N VAL A 343 -4.16 -5.22 -9.20
CA VAL A 343 -4.44 -5.63 -10.59
C VAL A 343 -3.33 -5.16 -11.54
N ASN A 344 -2.94 -6.02 -12.48
CA ASN A 344 -2.12 -5.59 -13.60
C ASN A 344 -2.78 -6.00 -14.91
N GLN A 345 -2.91 -5.05 -15.82
CA GLN A 345 -3.60 -5.25 -17.08
C GLN A 345 -2.71 -4.75 -18.22
N THR A 346 -2.30 -5.64 -19.11
CA THR A 346 -1.49 -5.29 -20.26
C THR A 346 -2.35 -5.43 -21.51
N ASP A 347 -2.48 -4.35 -22.30
CA ASP A 347 -3.30 -4.35 -23.51
C ASP A 347 -2.51 -3.98 -24.78
N LEU A 348 -2.86 -4.63 -25.88
CA LEU A 348 -2.36 -4.29 -27.21
C LEU A 348 -3.59 -3.95 -28.06
N PHE A 349 -3.62 -2.76 -28.63
CA PHE A 349 -4.76 -2.37 -29.46
C PHE A 349 -4.35 -1.52 -30.66
N GLY A 350 -5.20 -1.52 -31.68
CA GLY A 350 -4.95 -0.74 -32.90
C GLY A 350 -5.56 -1.38 -34.12
N GLU A 351 -4.79 -1.44 -35.22
CA GLU A 351 -5.32 -1.86 -36.53
C GLU A 351 -4.40 -2.78 -37.30
N PHE A 352 -4.99 -3.70 -38.06
CA PHE A 352 -4.28 -4.40 -39.14
C PHE A 352 -5.23 -4.68 -40.30
N TYR A 353 -4.65 -5.12 -41.43
CA TYR A 353 -5.37 -5.24 -42.71
C TYR A 353 -5.23 -6.65 -43.19
N LEU A 354 -6.32 -7.26 -43.62
CA LEU A 354 -6.31 -8.67 -43.99
C LEU A 354 -7.46 -8.91 -44.93
N GLY A 355 -7.17 -9.42 -46.12
CA GLY A 355 -8.18 -9.62 -47.16
C GLY A 355 -8.86 -8.33 -47.61
N GLY A 356 -8.15 -7.21 -47.55
CA GLY A 356 -8.71 -5.92 -47.92
C GLY A 356 -9.56 -5.23 -46.86
N PHE A 357 -9.66 -5.83 -45.66
CA PHE A 357 -10.54 -5.30 -44.61
C PHE A 357 -9.68 -4.72 -43.49
N LYS A 358 -10.15 -3.64 -42.89
CA LYS A 358 -9.57 -3.11 -41.68
C LYS A 358 -10.04 -3.98 -40.50
N ASN A 359 -9.09 -4.28 -39.60
CA ASN A 359 -9.38 -4.98 -38.35
C ASN A 359 -8.99 -4.05 -37.21
N SER A 360 -9.98 -3.44 -36.55
CA SER A 360 -9.77 -2.66 -35.35
C SER A 360 -9.91 -3.59 -34.14
N PHE A 361 -8.80 -3.82 -33.44
CA PHE A 361 -8.74 -4.87 -32.43
C PHE A 361 -8.27 -4.37 -31.07
N SER A 362 -8.55 -5.17 -30.06
CA SER A 362 -7.92 -5.04 -28.75
C SER A 362 -7.73 -6.41 -28.11
N THR A 363 -6.59 -6.63 -27.49
CA THR A 363 -6.29 -7.90 -26.84
C THR A 363 -5.46 -7.64 -25.58
N GLY A 364 -5.58 -8.51 -24.58
CA GLY A 364 -4.86 -8.29 -23.32
C GLY A 364 -4.81 -9.42 -22.31
N LEU A 365 -3.92 -9.25 -21.32
CA LEU A 365 -3.77 -10.14 -20.19
C LEU A 365 -4.05 -9.36 -18.95
N GLU A 366 -4.73 -10.00 -18.00
CA GLU A 366 -5.06 -9.40 -16.73
C GLU A 366 -4.73 -10.36 -15.59
N PHE A 367 -3.98 -9.89 -14.59
CA PHE A 367 -3.67 -10.65 -13.39
C PHE A 367 -4.14 -9.85 -12.19
N SER A 368 -4.82 -10.49 -11.24
CA SER A 368 -5.21 -9.77 -10.01
C SER A 368 -5.24 -10.64 -8.76
N ARG A 369 -5.25 -9.97 -7.61
CA ARG A 369 -5.26 -10.61 -6.31
C ARG A 369 -6.17 -9.80 -5.40
N GLU A 370 -7.22 -10.43 -4.87
CA GLU A 370 -8.06 -9.79 -3.85
C GLU A 370 -7.92 -10.50 -2.50
N ASP A 371 -7.65 -9.71 -1.46
CA ASP A 371 -7.64 -10.13 -0.04
C ASP A 371 -8.89 -9.55 0.58
N SER A 372 -9.73 -10.34 1.22
CA SER A 372 -10.81 -9.77 2.00
C SER A 372 -10.86 -10.37 3.40
N LYS A 373 -11.22 -9.54 4.36
CA LYS A 373 -11.39 -9.95 5.74
C LYS A 373 -12.77 -9.50 6.16
N ARG A 374 -13.67 -10.45 6.43
CA ARG A 374 -15.03 -10.14 6.91
C ARG A 374 -15.18 -10.48 8.40
N ASP A 375 -15.47 -9.49 9.23
CA ASP A 375 -15.73 -9.70 10.65
C ASP A 375 -17.08 -9.03 11.01
N GLY A 376 -17.36 -8.79 12.27
CA GLY A 376 -18.57 -8.12 12.70
C GLY A 376 -18.55 -7.81 14.17
N TYR A 377 -19.73 -7.50 14.73
CA TYR A 377 -19.92 -7.19 16.13
C TYR A 377 -20.90 -8.20 16.75
N ILE A 378 -20.81 -8.39 18.06
CA ILE A 378 -21.75 -9.14 18.85
C ILE A 378 -22.48 -8.11 19.68
N VAL A 379 -23.80 -8.07 19.58
CA VAL A 379 -24.59 -6.97 20.16
C VAL A 379 -25.78 -7.55 20.94
N ASP A 380 -26.00 -7.08 22.16
CA ASP A 380 -27.17 -7.48 22.92
C ASP A 380 -28.39 -6.64 22.51
N THR A 381 -29.33 -7.27 21.80
CA THR A 381 -30.63 -6.65 21.50
C THR A 381 -31.85 -7.37 22.17
N ASN A 382 -31.61 -8.07 23.27
CA ASN A 382 -32.65 -8.86 23.93
C ASN A 382 -33.76 -7.95 24.46
N THR A 383 -35.00 -8.20 24.02
CA THR A 383 -36.15 -7.37 24.43
C THR A 383 -36.69 -7.69 25.81
N GLY A 384 -36.34 -8.85 26.33
CA GLY A 384 -36.89 -9.37 27.58
C GLY A 384 -38.06 -10.31 27.34
N LEU A 385 -38.62 -10.34 26.14
CA LEU A 385 -39.74 -11.22 25.76
C LEU A 385 -39.39 -12.03 24.50
N GLY A 386 -39.05 -13.32 24.68
CA GLY A 386 -38.61 -14.20 23.59
C GLY A 386 -37.51 -13.62 22.70
N SER A 387 -36.57 -12.88 23.29
CA SER A 387 -35.42 -12.23 22.56
C SER A 387 -35.75 -11.06 21.62
N ASN A 388 -36.75 -11.24 20.76
CA ASN A 388 -37.04 -10.28 19.66
C ASN A 388 -38.53 -9.88 19.56
N LYS A 389 -39.32 -10.11 20.62
CA LYS A 389 -40.74 -9.74 20.64
C LYS A 389 -40.97 -8.51 21.51
N CYS A 390 -42.00 -7.75 21.14
CA CYS A 390 -42.28 -6.39 21.67
C CYS A 390 -43.78 -6.17 21.71
N ASN A 391 -44.18 -5.25 22.57
CA ASN A 391 -45.56 -4.72 22.58
C ASN A 391 -45.46 -3.34 23.25
N PRO A 392 -46.55 -2.56 23.25
CA PRO A 392 -46.45 -1.20 23.81
C PRO A 392 -45.96 -1.06 25.26
N SER A 393 -46.17 -2.07 26.09
CA SER A 393 -45.67 -2.06 27.48
C SER A 393 -44.16 -2.21 27.58
N LEU A 394 -43.54 -2.79 26.56
CA LEU A 394 -42.07 -2.97 26.50
C LEU A 394 -41.32 -1.81 25.82
N ILE A 395 -42.04 -0.94 25.11
CA ILE A 395 -41.42 0.21 24.44
C ILE A 395 -40.63 1.07 25.43
N GLY A 396 -39.39 1.47 25.07
CA GLY A 396 -38.59 2.29 25.95
C GLY A 396 -37.80 1.45 26.94
N ALA A 397 -37.65 1.96 28.15
CA ALA A 397 -36.74 1.41 29.14
C ALA A 397 -36.99 -0.04 29.57
N PRO A 398 -38.26 -0.51 29.62
CA PRO A 398 -38.43 -1.93 29.98
C PRO A 398 -37.85 -2.94 28.99
N SER A 399 -37.63 -2.57 27.73
CA SER A 399 -36.95 -3.47 26.78
C SER A 399 -35.46 -3.16 26.62
N GLY A 400 -34.87 -2.37 27.52
CA GLY A 400 -33.55 -1.77 27.29
C GLY A 400 -33.47 -0.91 26.01
N TYR A 401 -34.61 -0.38 25.58
CA TYR A 401 -34.75 0.40 24.33
C TYR A 401 -34.57 -0.41 23.05
N ASN A 402 -34.67 -1.73 23.15
CA ASN A 402 -34.67 -2.61 21.98
C ASN A 402 -36.05 -2.69 21.30
N CYS A 403 -37.09 -2.18 21.95
CA CYS A 403 -38.40 -2.03 21.34
C CYS A 403 -38.70 -0.56 21.27
N THR A 404 -39.32 -0.14 20.17
CA THR A 404 -39.81 1.22 20.03
C THR A 404 -41.22 1.21 19.44
N SER A 405 -41.78 2.40 19.27
CA SER A 405 -43.13 2.59 18.73
C SER A 405 -43.13 2.58 17.21
N LEU A 406 -44.13 1.90 16.61
CA LEU A 406 -44.32 1.93 15.17
C LEU A 406 -44.68 3.34 14.64
N GLU A 407 -45.56 4.04 15.37
CA GLU A 407 -46.02 5.34 14.95
C GLU A 407 -45.08 6.46 15.34
N ASN A 408 -44.55 6.43 16.56
CA ASN A 408 -43.75 7.56 17.09
C ASN A 408 -42.44 7.14 17.74
N PRO A 409 -41.51 6.57 16.96
CA PRO A 409 -40.25 6.11 17.55
C PRO A 409 -39.38 7.27 18.00
N ASN A 410 -38.57 7.03 19.04
CA ASN A 410 -37.60 8.01 19.53
C ASN A 410 -36.15 7.58 19.23
N PRO A 411 -35.53 8.19 18.21
CA PRO A 411 -34.15 7.77 17.87
C PRO A 411 -33.07 8.09 18.91
N HIS A 412 -33.36 8.98 19.85
CA HIS A 412 -32.42 9.37 20.90
C HIS A 412 -32.43 8.47 22.15
N ASP A 413 -33.31 7.45 22.19
CA ASP A 413 -33.34 6.52 23.29
C ASP A 413 -31.93 6.12 23.68
N PRO A 414 -31.59 6.17 24.99
CA PRO A 414 -30.25 5.83 25.50
C PRO A 414 -30.05 4.32 25.62
N TRP A 415 -30.14 3.64 24.48
CA TRP A 415 -29.79 2.22 24.39
C TRP A 415 -28.37 2.01 24.95
N ASN A 416 -28.12 0.89 25.63
CA ASN A 416 -26.79 0.67 26.20
C ASN A 416 -26.44 -0.80 26.40
N GLY A 417 -26.73 -1.62 25.41
CA GLY A 417 -26.31 -3.01 25.40
C GLY A 417 -24.82 -3.14 25.05
N SER A 418 -24.24 -4.30 25.32
CA SER A 418 -22.84 -4.53 24.99
C SER A 418 -22.65 -4.62 23.46
N ILE A 419 -21.58 -4.00 22.99
CA ILE A 419 -21.09 -4.13 21.62
C ILE A 419 -19.64 -4.61 21.74
N THR A 420 -19.34 -5.81 21.27
CA THR A 420 -17.95 -6.23 21.13
C THR A 420 -17.72 -6.75 19.71
N ARG A 421 -16.53 -6.50 19.17
CA ARG A 421 -16.08 -7.13 17.92
C ARG A 421 -15.98 -8.66 18.09
N LYS A 422 -16.35 -9.43 17.07
CA LYS A 422 -16.16 -10.88 17.05
C LYS A 422 -14.69 -11.25 17.05
N TYR A 423 -13.89 -10.51 16.28
CA TYR A 423 -12.50 -10.80 16.07
C TYR A 423 -12.27 -12.26 15.63
N ALA A 424 -13.17 -12.75 14.79
CA ALA A 424 -13.15 -14.13 14.31
C ALA A 424 -13.56 -14.10 12.85
N PRO A 425 -12.69 -13.54 11.99
CA PRO A 425 -13.09 -13.22 10.64
C PRO A 425 -13.10 -14.36 9.63
N LEU A 426 -13.79 -14.15 8.51
CA LEU A 426 -13.63 -15.00 7.33
C LEU A 426 -12.63 -14.26 6.44
N ASN A 427 -11.48 -14.88 6.19
CA ASN A 427 -10.40 -14.30 5.41
C ASN A 427 -10.27 -15.02 4.10
N THR A 428 -10.37 -14.30 2.99
CA THR A 428 -10.35 -14.89 1.68
C THR A 428 -9.25 -14.29 0.80
N VAL A 429 -8.49 -15.14 0.12
CA VAL A 429 -7.48 -14.69 -0.83
C VAL A 429 -7.85 -15.24 -2.22
N GLY A 430 -8.11 -14.33 -3.16
CA GLY A 430 -8.49 -14.68 -4.56
C GLY A 430 -7.46 -14.27 -5.60
N THR A 431 -7.23 -15.12 -6.60
CA THR A 431 -6.34 -14.87 -7.73
C THR A 431 -7.15 -14.99 -9.00
N THR A 432 -6.91 -14.08 -9.96
CA THR A 432 -7.49 -14.22 -11.30
C THR A 432 -6.40 -14.05 -12.37
N LYS A 433 -6.53 -14.80 -13.44
CA LYS A 433 -5.74 -14.63 -14.65
C LYS A 433 -6.75 -14.62 -15.77
N ALA A 434 -6.69 -13.62 -16.65
CA ALA A 434 -7.60 -13.59 -17.81
C ALA A 434 -6.88 -13.23 -19.10
N ILE A 435 -7.44 -13.70 -20.21
CA ILE A 435 -7.00 -13.31 -21.54
C ILE A 435 -8.24 -12.98 -22.36
N TYR A 436 -8.15 -11.93 -23.19
CA TYR A 436 -9.27 -11.52 -24.03
C TYR A 436 -8.78 -11.03 -25.40
N ALA A 437 -9.68 -11.01 -26.37
CA ALA A 437 -9.39 -10.52 -27.71
C ALA A 437 -10.69 -10.00 -28.30
N PHE A 438 -10.67 -8.80 -28.84
CA PHE A 438 -11.83 -8.21 -29.47
C PHE A 438 -11.39 -7.69 -30.86
N ASP A 439 -12.21 -7.92 -31.89
CA ASP A 439 -11.93 -7.44 -33.25
C ASP A 439 -13.20 -6.95 -33.93
N THR A 440 -13.12 -5.77 -34.56
CA THR A 440 -14.15 -5.27 -35.45
C THR A 440 -13.60 -5.20 -36.88
N ILE A 441 -14.30 -5.85 -37.80
CA ILE A 441 -13.87 -5.93 -39.20
C ILE A 441 -14.82 -5.10 -40.05
N ASP A 442 -14.31 -4.10 -40.76
CA ASP A 442 -15.11 -3.36 -41.76
C ASP A 442 -15.05 -4.14 -43.05
N LEU A 443 -16.17 -4.78 -43.41
CA LEU A 443 -16.26 -5.54 -44.66
C LEU A 443 -16.37 -4.57 -45.85
N ASN A 444 -17.28 -3.61 -45.75
CA ASN A 444 -17.34 -2.43 -46.64
C ASN A 444 -17.99 -1.29 -45.84
N GLU A 445 -18.37 -0.19 -46.48
CA GLU A 445 -19.00 0.91 -45.71
C GLU A 445 -20.41 0.59 -45.19
N GLN A 446 -21.07 -0.47 -45.67
CA GLN A 446 -22.36 -0.94 -45.13
C GLN A 446 -22.34 -2.11 -44.15
N TRP A 447 -21.23 -2.83 -44.01
CA TRP A 447 -21.21 -4.06 -43.20
C TRP A 447 -20.00 -4.12 -42.29
N GLN A 448 -20.25 -4.43 -41.00
CA GLN A 448 -19.20 -4.66 -40.01
C GLN A 448 -19.51 -5.93 -39.21
N VAL A 449 -18.46 -6.65 -38.82
CA VAL A 449 -18.59 -7.83 -37.96
C VAL A 449 -17.74 -7.64 -36.72
N ASN A 450 -18.32 -7.90 -35.55
CA ASN A 450 -17.62 -7.88 -34.25
C ASN A 450 -17.54 -9.30 -33.71
N ILE A 451 -16.35 -9.71 -33.29
CA ILE A 451 -16.16 -10.96 -32.56
C ILE A 451 -15.34 -10.65 -31.32
N GLY A 452 -15.65 -11.35 -30.22
CA GLY A 452 -14.95 -11.16 -28.95
C GLY A 452 -14.94 -12.46 -28.16
N ALA A 453 -13.81 -12.75 -27.52
CA ALA A 453 -13.71 -13.88 -26.61
C ALA A 453 -12.95 -13.48 -25.35
N ARG A 454 -13.19 -14.25 -24.28
CA ARG A 454 -12.55 -14.05 -22.99
C ARG A 454 -12.51 -15.36 -22.20
N PHE A 455 -11.36 -15.66 -21.61
CA PHE A 455 -11.16 -16.79 -20.71
C PHE A 455 -10.65 -16.27 -19.37
N ASP A 456 -11.35 -16.59 -18.27
CA ASP A 456 -10.94 -16.22 -16.91
C ASP A 456 -10.67 -17.46 -16.10
N SER A 457 -9.60 -17.42 -15.31
CA SER A 457 -9.19 -18.49 -14.42
C SER A 457 -9.13 -17.93 -13.00
N PHE A 458 -9.72 -18.64 -12.05
CA PHE A 458 -9.97 -18.14 -10.69
C PHE A 458 -9.46 -19.16 -9.63
N GLU A 459 -8.72 -18.70 -8.61
CA GLU A 459 -8.30 -19.53 -7.46
C GLU A 459 -8.61 -18.79 -6.18
N THR A 460 -9.32 -19.40 -5.24
CA THR A 460 -9.56 -18.80 -3.91
C THR A 460 -9.23 -19.74 -2.76
N THR A 461 -8.82 -19.15 -1.64
CA THR A 461 -8.65 -19.85 -0.39
C THR A 461 -9.35 -19.04 0.67
N ALA A 462 -10.22 -19.67 1.43
CA ALA A 462 -10.98 -19.00 2.49
C ALA A 462 -10.64 -19.66 3.80
N LYS A 463 -10.22 -18.85 4.78
CA LYS A 463 -9.98 -19.30 6.13
C LYS A 463 -11.04 -18.70 7.03
N ASN A 464 -11.82 -19.57 7.65
CA ASN A 464 -12.91 -19.13 8.51
C ASN A 464 -12.57 -19.38 9.96
N HIS A 465 -12.28 -18.30 10.67
CA HIS A 465 -12.02 -18.33 12.11
C HIS A 465 -13.32 -18.22 12.93
N GLY A 466 -14.48 -18.14 12.27
CA GLY A 466 -15.78 -18.17 12.96
C GLY A 466 -16.21 -19.54 13.45
N VAL A 467 -15.59 -20.61 12.97
CA VAL A 467 -15.87 -21.98 13.41
C VAL A 467 -14.59 -22.56 14.02
N ARG A 468 -14.77 -23.61 14.83
CA ARG A 468 -13.72 -24.16 15.67
C ARG A 468 -13.59 -25.68 15.45
N PRO A 469 -12.44 -26.18 14.97
CA PRO A 469 -11.24 -25.46 14.53
C PRO A 469 -11.49 -24.65 13.26
N ALA A 470 -10.64 -23.68 13.00
CA ALA A 470 -10.70 -22.89 11.78
C ALA A 470 -10.63 -23.81 10.56
N THR A 471 -11.40 -23.46 9.52
CA THR A 471 -11.42 -24.22 8.27
C THR A 471 -10.61 -23.48 7.21
N LYS A 472 -9.99 -24.28 6.35
CA LYS A 472 -9.28 -23.83 5.20
C LYS A 472 -9.87 -24.55 3.99
N LEU A 473 -10.50 -23.80 3.09
CA LEU A 473 -11.18 -24.36 1.92
C LEU A 473 -10.75 -23.63 0.65
N SER A 474 -10.30 -24.39 -0.33
CA SER A 474 -9.88 -23.86 -1.62
C SER A 474 -10.84 -24.18 -2.74
N ASP A 475 -10.80 -23.38 -3.78
CA ASP A 475 -11.65 -23.56 -4.94
C ASP A 475 -10.94 -23.05 -6.19
N LYS A 476 -11.15 -23.75 -7.31
CA LYS A 476 -10.59 -23.41 -8.63
C LYS A 476 -11.72 -23.46 -9.64
N SER A 477 -11.75 -22.50 -10.55
CA SER A 477 -12.75 -22.49 -11.60
C SER A 477 -12.30 -21.64 -12.79
N SER A 478 -13.08 -21.72 -13.87
CA SER A 478 -12.87 -20.85 -15.01
C SER A 478 -14.18 -20.44 -15.66
N PHE A 479 -14.08 -19.42 -16.49
CA PHE A 479 -15.24 -18.79 -17.11
C PHE A 479 -14.88 -18.51 -18.58
N TRP A 480 -15.53 -19.23 -19.50
CA TRP A 480 -15.42 -18.97 -20.95
C TRP A 480 -16.51 -17.99 -21.33
N ASN A 481 -16.21 -17.12 -22.27
CA ASN A 481 -17.19 -16.13 -22.70
C ASN A 481 -16.87 -15.67 -24.12
N TRP A 482 -17.89 -15.59 -24.98
CA TRP A 482 -17.68 -15.07 -26.33
C TRP A 482 -18.92 -14.46 -26.93
N GLN A 483 -18.70 -13.55 -27.89
CA GLN A 483 -19.80 -12.83 -28.52
C GLN A 483 -19.51 -12.44 -29.95
N ALA A 484 -20.58 -12.27 -30.72
CA ALA A 484 -20.50 -11.91 -32.12
C ALA A 484 -21.60 -10.91 -32.44
N GLY A 485 -21.25 -9.91 -33.25
CA GLY A 485 -22.19 -8.89 -33.70
C GLY A 485 -22.08 -8.60 -35.19
N LEU A 486 -23.21 -8.24 -35.78
CA LEU A 486 -23.30 -7.90 -37.20
C LEU A 486 -23.99 -6.53 -37.28
N VAL A 487 -23.39 -5.60 -38.04
CA VAL A 487 -23.95 -4.26 -38.21
C VAL A 487 -24.16 -3.98 -39.71
N TRP A 488 -25.38 -3.58 -40.08
CA TRP A 488 -25.72 -3.14 -41.42
C TRP A 488 -26.00 -1.64 -41.34
N LYS A 489 -25.32 -0.86 -42.18
CA LYS A 489 -25.52 0.58 -42.28
C LYS A 489 -26.12 0.93 -43.65
N PRO A 490 -27.47 1.04 -43.73
CA PRO A 490 -28.08 1.38 -45.02
C PRO A 490 -27.56 2.74 -45.51
N VAL A 491 -27.51 3.71 -44.62
CA VAL A 491 -26.91 5.02 -44.88
C VAL A 491 -25.93 5.32 -43.73
N PRO A 492 -24.95 6.23 -43.92
CA PRO A 492 -23.88 6.47 -42.91
C PRO A 492 -24.34 6.78 -41.46
N ASN A 493 -25.47 7.47 -41.34
CA ASN A 493 -26.01 7.89 -40.04
C ASN A 493 -27.10 6.92 -39.52
N GLY A 494 -27.03 5.66 -39.94
CA GLY A 494 -28.06 4.67 -39.64
C GLY A 494 -27.39 3.35 -39.42
N SER A 495 -27.96 2.56 -38.52
CA SER A 495 -27.34 1.31 -38.08
C SER A 495 -28.43 0.33 -37.67
N ILE A 496 -28.30 -0.93 -38.10
CA ILE A 496 -29.21 -2.00 -37.73
C ILE A 496 -28.33 -3.17 -37.38
N TYR A 497 -28.50 -3.74 -36.19
CA TYR A 497 -27.56 -4.75 -35.67
C TYR A 497 -28.23 -5.97 -35.08
N ALA A 498 -27.57 -7.11 -35.25
CA ALA A 498 -27.90 -8.33 -34.53
C ALA A 498 -26.71 -8.66 -33.63
N SER A 499 -26.98 -9.37 -32.55
CA SER A 499 -25.93 -9.69 -31.59
C SER A 499 -26.24 -10.97 -30.81
N TYR A 500 -25.19 -11.75 -30.60
CA TYR A 500 -25.29 -12.99 -29.89
C TYR A 500 -24.14 -13.07 -28.89
N ALA A 501 -24.43 -13.40 -27.64
CA ALA A 501 -23.37 -13.61 -26.65
C ALA A 501 -23.71 -14.84 -25.82
N THR A 502 -22.68 -15.62 -25.49
CA THR A 502 -22.82 -16.78 -24.63
C THR A 502 -21.68 -16.85 -23.62
N SER A 503 -21.95 -17.42 -22.44
CA SER A 503 -20.95 -17.59 -21.38
C SER A 503 -21.19 -18.91 -20.63
N ALA A 504 -20.11 -19.63 -20.30
CA ALA A 504 -20.16 -21.03 -19.88
C ALA A 504 -19.10 -21.32 -18.79
N GLU A 533 -24.43 -20.89 -16.88
CA GLU A 533 -24.55 -20.78 -18.33
C GLU A 533 -25.59 -19.74 -18.79
N THR A 534 -25.20 -18.84 -19.69
CA THR A 534 -26.02 -17.69 -20.10
C THR A 534 -25.99 -17.48 -21.61
N THR A 535 -27.13 -17.05 -22.17
CA THR A 535 -27.22 -16.75 -23.60
C THR A 535 -28.01 -15.45 -23.82
N ASN A 536 -27.44 -14.54 -24.63
CA ASN A 536 -28.07 -13.25 -24.97
C ASN A 536 -28.26 -13.11 -26.47
N TYR A 537 -29.46 -12.71 -26.86
CA TYR A 537 -29.78 -12.33 -28.22
C TYR A 537 -30.21 -10.90 -28.14
N GLU A 538 -29.75 -10.10 -29.09
CA GLU A 538 -30.22 -8.74 -29.21
C GLU A 538 -30.31 -8.34 -30.67
N LEU A 539 -31.28 -7.47 -30.92
CA LEU A 539 -31.61 -7.01 -32.25
C LEU A 539 -31.97 -5.56 -32.08
N GLY A 540 -31.25 -4.66 -32.74
CA GLY A 540 -31.48 -3.22 -32.50
C GLY A 540 -31.18 -2.31 -33.65
N THR A 541 -31.51 -1.04 -33.47
CA THR A 541 -31.25 -0.02 -34.48
C THR A 541 -30.87 1.31 -33.82
N LYS A 542 -29.90 2.02 -34.41
CA LYS A 542 -29.46 3.33 -33.93
C LYS A 542 -29.37 4.34 -35.08
N TRP A 543 -29.82 5.56 -34.83
CA TRP A 543 -29.84 6.63 -35.84
C TRP A 543 -29.32 7.95 -35.29
N ALA A 544 -28.55 8.65 -36.13
CA ALA A 544 -27.96 9.95 -35.81
C ALA A 544 -28.61 10.99 -36.71
N PHE A 545 -29.25 11.99 -36.11
CA PHE A 545 -29.93 13.04 -36.84
C PHE A 545 -29.33 14.41 -36.52
N PHE A 546 -29.84 15.44 -37.22
CA PHE A 546 -29.50 16.86 -37.04
C PHE A 546 -27.99 17.07 -36.85
N ASN A 547 -27.27 16.62 -37.87
CA ASN A 547 -25.80 16.70 -37.94
C ASN A 547 -25.13 15.92 -36.82
N GLU A 548 -25.67 14.74 -36.54
CA GLU A 548 -25.18 13.83 -35.48
C GLU A 548 -25.14 14.44 -34.08
N ARG A 549 -26.12 15.29 -33.77
CA ARG A 549 -26.28 15.86 -32.44
C ARG A 549 -27.43 15.23 -31.65
N LEU A 550 -28.20 14.35 -32.31
CA LEU A 550 -29.31 13.61 -31.70
C LEU A 550 -29.16 12.13 -32.04
N GLU A 551 -29.02 11.27 -31.03
CA GLU A 551 -28.96 9.82 -31.27
C GLU A 551 -30.26 9.18 -30.77
N LEU A 552 -30.95 8.44 -31.65
CA LEU A 552 -32.10 7.62 -31.26
C LEU A 552 -31.73 6.15 -31.33
N SER A 553 -32.22 5.34 -30.38
CA SER A 553 -31.91 3.91 -30.26
C SER A 553 -33.16 3.10 -29.99
N ALA A 554 -33.18 1.86 -30.50
CA ALA A 554 -34.22 0.90 -30.16
C ALA A 554 -33.59 -0.46 -30.13
N ALA A 555 -33.89 -1.27 -29.11
CA ALA A 555 -33.39 -2.65 -29.03
C ALA A 555 -34.45 -3.60 -28.47
N ILE A 556 -34.38 -4.85 -28.90
CA ILE A 556 -35.11 -5.94 -28.28
C ILE A 556 -34.08 -6.98 -27.93
N PHE A 557 -34.28 -7.70 -26.84
CA PHE A 557 -33.29 -8.70 -26.43
C PHE A 557 -33.95 -9.81 -25.64
N ARG A 558 -33.26 -10.94 -25.61
CA ARG A 558 -33.61 -12.06 -24.74
C ARG A 558 -32.36 -12.52 -24.03
N THR A 559 -32.47 -12.67 -22.71
CA THR A 559 -31.44 -13.32 -21.91
C THR A 559 -32.00 -14.62 -21.30
N ASP A 560 -31.27 -15.73 -21.48
CA ASP A 560 -31.62 -17.03 -20.90
C ASP A 560 -30.50 -17.44 -19.99
N LYS A 561 -30.83 -17.89 -18.79
CA LYS A 561 -29.83 -18.30 -17.82
C LYS A 561 -30.20 -19.64 -17.19
N ASP A 562 -29.26 -20.58 -17.20
CA ASP A 562 -29.40 -21.88 -16.54
C ASP A 562 -28.59 -21.91 -15.25
N ASN A 563 -29.14 -22.58 -14.22
CA ASN A 563 -28.59 -22.60 -12.85
C ASN A 563 -28.48 -21.18 -12.28
N THR A 564 -29.61 -20.49 -12.30
CA THR A 564 -29.71 -19.07 -12.03
C THR A 564 -29.50 -18.80 -10.54
N GLN A 578 -33.36 -21.84 -13.56
CA GLN A 578 -33.50 -21.31 -14.91
C GLN A 578 -34.32 -19.99 -14.97
N SER A 579 -33.79 -18.97 -15.65
CA SER A 579 -34.49 -17.68 -15.80
C SER A 579 -34.47 -17.12 -17.22
N ARG A 580 -35.45 -16.28 -17.53
CA ARG A 580 -35.52 -15.59 -18.80
C ARG A 580 -35.90 -14.13 -18.59
N VAL A 581 -35.22 -13.23 -19.29
CA VAL A 581 -35.62 -11.83 -19.39
C VAL A 581 -35.73 -11.48 -20.87
N ASP A 582 -36.94 -11.08 -21.28
CA ASP A 582 -37.17 -10.50 -22.60
C ASP A 582 -37.42 -9.01 -22.39
N GLY A 583 -36.90 -8.17 -23.28
CA GLY A 583 -37.08 -6.75 -23.12
C GLY A 583 -36.95 -5.87 -24.34
N VAL A 584 -37.34 -4.62 -24.13
CA VAL A 584 -37.29 -3.56 -25.13
C VAL A 584 -36.70 -2.31 -24.50
N GLU A 585 -35.79 -1.67 -25.21
CA GLU A 585 -35.12 -0.46 -24.76
C GLU A 585 -35.19 0.59 -25.86
N LEU A 586 -35.59 1.81 -25.50
CA LEU A 586 -35.60 2.96 -26.39
C LEU A 586 -34.77 4.08 -25.76
N SER A 587 -33.93 4.76 -26.55
CA SER A 587 -33.17 5.94 -26.07
C SER A 587 -33.22 7.12 -27.02
N ALA A 588 -33.10 8.31 -26.45
CA ALA A 588 -32.95 9.56 -27.18
C ALA A 588 -31.94 10.41 -26.41
N SER A 589 -30.92 10.92 -27.09
CA SER A 589 -29.83 11.64 -26.46
C SER A 589 -29.27 12.74 -27.37
N GLY A 590 -29.36 14.00 -26.94
CA GLY A 590 -28.80 15.15 -27.65
C GLY A 590 -29.79 16.27 -27.96
N LYS A 591 -29.53 17.02 -29.04
CA LYS A 591 -30.32 18.21 -29.41
C LYS A 591 -31.52 17.90 -30.29
N LEU A 592 -32.69 18.40 -29.87
CA LEU A 592 -33.90 18.31 -30.69
C LEU A 592 -33.96 19.53 -31.62
N THR A 593 -33.75 20.71 -31.04
CA THR A 593 -33.52 21.95 -31.78
C THR A 593 -32.23 22.55 -31.22
N GLU A 594 -31.89 23.75 -31.66
CA GLU A 594 -30.67 24.41 -31.17
C GLU A 594 -30.71 24.71 -29.68
N LYS A 595 -31.90 24.98 -29.15
CA LYS A 595 -32.07 25.35 -27.74
C LYS A 595 -32.58 24.22 -26.83
N TRP A 596 -33.06 23.12 -27.41
CA TRP A 596 -33.81 22.11 -26.68
C TRP A 596 -33.04 20.77 -26.67
N LYS A 597 -32.52 20.40 -25.50
CA LYS A 597 -31.76 19.16 -25.30
C LYS A 597 -32.58 18.10 -24.57
N VAL A 598 -32.24 16.84 -24.83
CA VAL A 598 -32.94 15.71 -24.26
C VAL A 598 -31.99 14.54 -23.94
N PHE A 599 -32.23 13.89 -22.79
CA PHE A 599 -31.58 12.66 -22.42
C PHE A 599 -32.67 11.80 -21.80
N ALA A 600 -33.03 10.71 -22.48
CA ALA A 600 -34.25 9.97 -22.16
C ALA A 600 -34.20 8.52 -22.60
N GLY A 601 -34.92 7.65 -21.89
CA GLY A 601 -35.03 6.24 -22.26
C GLY A 601 -36.28 5.57 -21.73
N TYR A 602 -36.66 4.46 -22.35
CA TYR A 602 -37.75 3.62 -21.87
C TYR A 602 -37.22 2.20 -21.78
N SER A 603 -37.67 1.45 -20.77
CA SER A 603 -37.23 0.09 -20.56
C SER A 603 -38.44 -0.80 -20.22
N TYR A 604 -38.57 -1.90 -20.95
CA TYR A 604 -39.55 -2.92 -20.69
C TYR A 604 -38.79 -4.22 -20.41
N LEU A 605 -39.04 -4.81 -19.24
CA LEU A 605 -38.36 -6.02 -18.81
C LEU A 605 -39.42 -7.03 -18.41
N ASP A 606 -39.63 -8.03 -19.25
CA ASP A 606 -40.51 -9.15 -18.93
C ASP A 606 -39.60 -10.24 -18.44
N SER A 607 -39.60 -10.49 -17.13
CA SER A 607 -38.71 -11.47 -16.52
C SER A 607 -39.48 -12.62 -15.88
N GLU A 608 -38.83 -13.77 -15.79
CA GLU A 608 -39.48 -14.98 -15.30
C GLU A 608 -38.48 -15.99 -14.74
N LEU A 609 -38.86 -16.65 -13.65
CA LEU A 609 -38.19 -17.89 -13.20
C LEU A 609 -38.92 -19.11 -13.77
N VAL A 610 -38.19 -20.06 -14.36
CA VAL A 610 -38.78 -21.16 -15.16
C VAL A 610 -38.29 -22.54 -14.72
N SER A 627 -43.59 -23.59 -5.14
CA SER A 627 -42.66 -23.34 -6.23
C SER A 627 -42.69 -21.89 -6.72
N ASN A 628 -41.52 -21.39 -7.11
CA ASN A 628 -41.34 -20.02 -7.63
C ASN A 628 -41.49 -19.96 -9.15
N ASN A 629 -41.76 -21.10 -9.78
CA ASN A 629 -41.93 -21.19 -11.24
C ASN A 629 -43.00 -20.18 -11.69
N GLY A 630 -42.62 -19.26 -12.59
CA GLY A 630 -43.53 -18.21 -13.09
C GLY A 630 -43.45 -16.86 -12.39
N ASN A 631 -42.61 -16.75 -11.35
CA ASN A 631 -42.42 -15.48 -10.66
C ASN A 631 -41.48 -14.54 -11.42
N GLU A 632 -41.70 -13.24 -11.24
CA GLU A 632 -40.80 -12.19 -11.75
C GLU A 632 -39.49 -12.14 -10.96
N MET A 633 -38.44 -11.64 -11.59
CA MET A 633 -37.12 -11.48 -10.96
C MET A 633 -37.25 -10.33 -9.97
N PRO A 634 -36.60 -10.43 -8.79
CA PRO A 634 -36.61 -9.28 -7.89
C PRO A 634 -35.85 -8.09 -8.47
N ASN A 635 -36.13 -6.89 -8.01
CA ASN A 635 -35.37 -5.70 -8.39
C ASN A 635 -35.35 -5.46 -9.90
N THR A 636 -36.48 -5.76 -10.54
CA THR A 636 -36.60 -5.73 -12.00
C THR A 636 -37.94 -5.10 -12.35
N PRO A 637 -38.01 -3.76 -12.44
CA PRO A 637 -39.28 -3.13 -12.80
C PRO A 637 -39.64 -3.47 -14.23
N LYS A 638 -40.90 -3.83 -14.43
CA LYS A 638 -41.38 -4.25 -15.72
C LYS A 638 -41.31 -3.08 -16.71
N ASN A 639 -41.76 -1.90 -16.26
CA ASN A 639 -41.73 -0.65 -17.00
C ASN A 639 -40.92 0.43 -16.25
N SER A 640 -40.05 1.15 -16.96
CA SER A 640 -39.48 2.38 -16.40
C SER A 640 -39.21 3.38 -17.50
N PHE A 641 -39.28 4.65 -17.12
CA PHE A 641 -39.15 5.75 -18.06
C PHE A 641 -38.39 6.88 -17.36
N SER A 642 -37.38 7.40 -18.04
CA SER A 642 -36.62 8.54 -17.57
C SER A 642 -36.53 9.57 -18.68
N LEU A 643 -36.89 10.82 -18.38
CA LEU A 643 -36.80 11.92 -19.31
C LEU A 643 -36.09 13.05 -18.59
N TRP A 644 -34.99 13.53 -19.15
CA TRP A 644 -34.35 14.76 -18.68
C TRP A 644 -34.23 15.71 -19.86
N THR A 645 -34.65 16.95 -19.67
CA THR A 645 -34.62 17.94 -20.73
C THR A 645 -34.26 19.35 -20.25
N THR A 646 -33.50 20.08 -21.06
CA THR A 646 -33.20 21.49 -20.82
C THR A 646 -33.54 22.33 -22.04
N TYR A 647 -33.93 23.57 -21.76
CA TYR A 647 -34.28 24.53 -22.79
C TYR A 647 -33.56 25.85 -22.54
N ASP A 648 -32.79 26.32 -23.53
CA ASP A 648 -32.14 27.64 -23.49
C ASP A 648 -33.16 28.75 -23.79
N ILE A 649 -33.99 29.05 -22.78
CA ILE A 649 -35.16 29.91 -22.92
C ILE A 649 -34.82 31.40 -23.19
N PHE A 650 -33.74 31.90 -22.59
CA PHE A 650 -33.19 33.20 -22.93
C PHE A 650 -31.71 32.99 -23.14
N PRO A 651 -30.99 34.00 -23.66
CA PRO A 651 -29.54 33.92 -23.53
C PRO A 651 -29.17 34.07 -22.04
N LYS A 652 -28.07 33.45 -21.63
CA LYS A 652 -27.66 33.37 -20.21
C LYS A 652 -28.56 32.52 -19.27
N THR A 653 -29.68 32.00 -19.77
CA THR A 653 -30.65 31.31 -18.92
C THR A 653 -31.08 30.01 -19.54
N THR A 654 -31.06 28.95 -18.71
CA THR A 654 -31.55 27.64 -19.08
C THR A 654 -32.55 27.22 -18.00
N ILE A 655 -33.67 26.64 -18.44
CA ILE A 655 -34.59 25.95 -17.54
C ILE A 655 -34.64 24.50 -17.97
N GLY A 656 -35.07 23.65 -17.04
CA GLY A 656 -35.14 22.23 -17.31
C GLY A 656 -35.91 21.43 -16.29
N GLY A 657 -36.17 20.17 -16.63
CA GLY A 657 -36.79 19.27 -15.70
C GLY A 657 -36.62 17.82 -16.06
N GLY A 658 -37.14 16.96 -15.20
CA GLY A 658 -37.18 15.55 -15.47
C GLY A 658 -38.43 14.91 -14.94
N ALA A 659 -38.90 13.87 -15.64
CA ALA A 659 -39.99 13.03 -15.18
C ALA A 659 -39.45 11.59 -15.19
N PHE A 660 -39.64 10.89 -14.07
CA PHE A 660 -39.12 9.54 -13.93
C PHE A 660 -40.23 8.64 -13.43
N TYR A 661 -40.51 7.56 -14.15
CA TYR A 661 -41.44 6.54 -13.69
C TYR A 661 -40.69 5.22 -13.42
N VAL A 662 -41.02 4.57 -12.31
CA VAL A 662 -40.55 3.21 -12.02
C VAL A 662 -41.77 2.39 -11.58
N ASP A 663 -41.99 1.26 -12.23
CA ASP A 663 -43.09 0.32 -11.94
C ASP A 663 -42.83 -0.34 -10.59
N LYS A 664 -43.78 -1.10 -10.07
CA LYS A 664 -43.58 -1.83 -8.82
C LYS A 664 -42.34 -2.76 -8.94
N VAL A 665 -41.70 -3.03 -7.80
CA VAL A 665 -40.50 -3.84 -7.78
C VAL A 665 -40.61 -4.82 -6.61
N TYR A 666 -40.46 -6.11 -6.91
CA TYR A 666 -40.42 -7.15 -5.90
C TYR A 666 -39.05 -7.26 -5.24
N GLY A 667 -39.07 -7.53 -3.95
CA GLY A 667 -37.88 -7.73 -3.17
C GLY A 667 -37.32 -9.14 -3.25
N ASP A 668 -38.19 -10.15 -3.37
CA ASP A 668 -37.76 -11.55 -3.28
C ASP A 668 -38.14 -12.36 -4.51
N VAL A 669 -37.39 -13.43 -4.75
CA VAL A 669 -37.74 -14.42 -5.80
C VAL A 669 -39.17 -14.96 -5.58
N GLY A 670 -39.59 -15.09 -4.31
CA GLY A 670 -40.94 -15.55 -3.99
C GLY A 670 -42.07 -14.56 -4.29
N ASN A 671 -41.73 -13.30 -4.57
CA ASN A 671 -42.70 -12.25 -4.94
C ASN A 671 -43.74 -11.98 -3.83
N THR A 672 -43.32 -12.09 -2.56
CA THR A 672 -44.18 -11.87 -1.38
C THR A 672 -44.08 -10.47 -0.80
N VAL A 673 -43.05 -9.72 -1.20
CA VAL A 673 -42.89 -8.32 -0.78
C VAL A 673 -42.51 -7.44 -1.96
N TYR A 674 -42.88 -6.17 -1.90
CA TYR A 674 -42.71 -5.27 -3.03
C TYR A 674 -42.80 -3.83 -2.59
N VAL A 675 -42.32 -2.93 -3.44
CA VAL A 675 -42.53 -1.49 -3.28
C VAL A 675 -43.32 -0.99 -4.47
N PRO A 676 -44.29 -0.11 -4.23
CA PRO A 676 -45.17 0.31 -5.31
C PRO A 676 -44.47 1.20 -6.35
N ASP A 677 -45.10 1.30 -7.52
CA ASP A 677 -44.68 2.19 -8.58
C ASP A 677 -44.83 3.65 -8.16
N TYR A 678 -44.13 4.56 -8.86
CA TYR A 678 -44.20 5.99 -8.58
C TYR A 678 -43.74 6.83 -9.76
N TRP A 679 -44.20 8.07 -9.75
CA TRP A 679 -43.76 9.14 -10.64
C TRP A 679 -42.97 10.12 -9.78
N ARG A 680 -41.83 10.56 -10.27
CA ARG A 680 -41.06 11.64 -9.63
C ARG A 680 -40.79 12.71 -10.67
N TYR A 681 -40.90 13.97 -10.26
CA TYR A 681 -40.58 15.10 -11.14
C TYR A 681 -39.51 15.97 -10.52
N ASP A 682 -38.56 16.44 -11.34
CA ASP A 682 -37.48 17.35 -10.92
C ASP A 682 -37.52 18.62 -11.77
N ALA A 683 -37.06 19.74 -11.22
CA ALA A 683 -36.98 21.02 -11.95
C ALA A 683 -35.60 21.63 -11.77
N MET A 684 -35.12 22.38 -12.78
CA MET A 684 -33.91 23.21 -12.64
C MET A 684 -33.96 24.52 -13.43
N ALA A 685 -33.17 25.47 -12.97
CA ALA A 685 -32.94 26.71 -13.67
C ALA A 685 -31.50 27.12 -13.43
N SER A 686 -30.85 27.66 -14.45
CA SER A 686 -29.49 28.22 -14.32
C SER A 686 -29.35 29.56 -15.01
N TYR A 687 -28.46 30.38 -14.46
CA TYR A 687 -28.19 31.70 -14.95
C TYR A 687 -26.68 31.88 -14.98
N LYS A 688 -26.14 32.19 -16.16
CA LYS A 688 -24.72 32.56 -16.28
C LYS A 688 -24.54 34.02 -15.87
N LEU A 689 -24.05 34.30 -14.67
CA LEU A 689 -23.83 35.68 -14.24
C LEU A 689 -22.74 36.35 -15.07
N SER A 690 -21.70 35.58 -15.37
CA SER A 690 -20.61 36.01 -16.23
C SER A 690 -20.02 34.77 -16.89
N LYS A 691 -18.92 34.94 -17.61
CA LYS A 691 -18.19 33.81 -18.19
C LYS A 691 -17.51 32.92 -17.16
N ASN A 692 -17.30 33.45 -15.96
CA ASN A 692 -16.66 32.73 -14.86
C ASN A 692 -17.59 32.24 -13.74
N VAL A 693 -18.85 32.65 -13.70
CA VAL A 693 -19.74 32.30 -12.59
C VAL A 693 -21.11 31.85 -13.10
N ASP A 694 -21.52 30.63 -12.72
CA ASP A 694 -22.90 30.14 -12.91
C ASP A 694 -23.60 30.05 -11.57
N PHE A 695 -24.91 30.31 -11.59
CA PHE A 695 -25.81 30.07 -10.47
C PHE A 695 -26.82 29.03 -10.93
N GLN A 696 -27.08 28.01 -10.09
CA GLN A 696 -28.04 26.94 -10.46
C GLN A 696 -29.03 26.62 -9.33
N LEU A 697 -30.28 26.38 -9.69
CA LEU A 697 -31.32 25.99 -8.74
C LEU A 697 -31.80 24.64 -9.19
N ASN A 698 -31.88 23.69 -8.25
CA ASN A 698 -32.50 22.38 -8.53
C ASN A 698 -33.58 22.11 -7.50
N VAL A 699 -34.72 21.61 -7.97
CA VAL A 699 -35.77 21.12 -7.10
C VAL A 699 -35.91 19.65 -7.42
N GLN A 700 -35.57 18.81 -6.44
CA GLN A 700 -35.62 17.36 -6.59
C GLN A 700 -36.91 16.91 -5.92
N ASN A 701 -37.67 16.07 -6.63
CA ASN A 701 -38.92 15.52 -6.13
C ASN A 701 -39.87 16.69 -5.86
N VAL A 702 -40.31 17.31 -6.95
CA VAL A 702 -41.05 18.57 -6.91
C VAL A 702 -42.35 18.43 -6.12
N PHE A 703 -43.03 17.31 -6.27
CA PHE A 703 -44.31 17.07 -5.58
C PHE A 703 -44.16 16.33 -4.22
N ASP A 704 -42.94 16.18 -3.71
CA ASP A 704 -42.70 15.55 -2.41
C ASP A 704 -43.32 14.15 -2.33
N LYS A 705 -43.21 13.39 -3.40
CA LYS A 705 -43.72 12.02 -3.43
C LYS A 705 -42.94 11.17 -2.44
N LYS A 706 -43.66 10.41 -1.62
CA LYS A 706 -43.04 9.41 -0.79
C LYS A 706 -42.96 8.11 -1.59
N TYR A 707 -41.76 7.56 -1.71
CA TYR A 707 -41.55 6.34 -2.47
C TYR A 707 -40.31 5.61 -1.99
N PHE A 708 -40.18 4.38 -2.48
CA PHE A 708 -39.19 3.46 -1.99
C PHE A 708 -38.32 3.01 -3.13
N ASP A 709 -37.06 3.41 -3.06
CA ASP A 709 -36.07 3.20 -4.12
C ASP A 709 -35.32 1.88 -4.03
N LYS A 710 -35.41 1.15 -2.92
CA LYS A 710 -34.84 -0.20 -2.84
C LYS A 710 -35.79 -1.11 -2.06
N ALA A 711 -36.07 -2.27 -2.65
CA ALA A 711 -36.89 -3.29 -2.02
C ALA A 711 -35.98 -4.43 -1.66
N TYR A 712 -35.80 -4.71 -0.37
CA TYR A 712 -34.99 -5.84 0.07
C TYR A 712 -35.81 -7.12 0.12
N ALA A 713 -35.11 -8.25 0.14
CA ALA A 713 -35.73 -9.57 0.04
C ALA A 713 -36.61 -9.94 1.21
N ALA A 714 -36.34 -9.34 2.37
CA ALA A 714 -37.13 -9.55 3.54
C ALA A 714 -37.16 -8.28 4.39
N HIS A 715 -38.19 -8.18 5.23
CA HIS A 715 -38.21 -7.33 6.40
C HIS A 715 -38.56 -5.87 6.15
N TYR A 716 -37.94 -5.23 5.15
CA TYR A 716 -38.03 -3.78 4.99
C TYR A 716 -37.61 -3.25 3.61
N ALA A 717 -37.86 -1.97 3.40
CA ALA A 717 -37.49 -1.24 2.20
C ALA A 717 -36.91 0.12 2.56
N SER A 718 -36.12 0.66 1.63
CA SER A 718 -35.50 1.96 1.80
C SER A 718 -36.39 3.03 1.22
N GLN A 719 -36.61 4.10 1.98
CA GLN A 719 -37.41 5.24 1.55
C GLN A 719 -36.50 6.31 0.94
N ALA A 720 -36.89 6.88 -0.19
CA ALA A 720 -36.07 7.86 -0.88
C ALA A 720 -36.23 9.21 -0.22
N ALA A 721 -35.40 10.15 -0.67
CA ALA A 721 -35.44 11.49 -0.16
C ALA A 721 -36.75 12.16 -0.59
N GLY A 722 -37.22 13.09 0.23
CA GLY A 722 -38.37 13.94 -0.13
C GLY A 722 -37.94 15.13 -0.98
N ARG A 723 -38.82 16.13 -1.10
CA ARG A 723 -38.51 17.36 -1.81
C ARG A 723 -37.25 18.02 -1.24
N THR A 724 -36.34 18.38 -2.14
CA THR A 724 -35.07 18.98 -1.80
C THR A 724 -34.79 20.11 -2.78
N ILE A 725 -34.42 21.27 -2.23
CA ILE A 725 -34.11 22.47 -3.02
C ILE A 725 -32.60 22.73 -2.86
N LEU A 726 -31.88 22.81 -3.97
CA LEU A 726 -30.42 23.04 -3.96
C LEU A 726 -30.08 24.32 -4.74
N PHE A 727 -29.28 25.19 -4.14
CA PHE A 727 -28.74 26.37 -4.83
C PHE A 727 -27.25 26.20 -4.96
N SER A 728 -26.75 26.27 -6.19
CA SER A 728 -25.30 26.14 -6.50
C SER A 728 -24.71 27.43 -7.05
N THR A 729 -23.51 27.75 -6.60
CA THR A 729 -22.66 28.78 -7.20
C THR A 729 -21.43 28.05 -7.77
N ASN A 730 -21.22 28.11 -9.10
CA ASN A 730 -20.04 27.50 -9.76
C ASN A 730 -19.08 28.54 -10.36
N PHE A 731 -17.80 28.41 -10.05
CA PHE A 731 -16.71 29.21 -10.61
C PHE A 731 -15.98 28.37 -11.65
N HIS A 732 -15.55 28.99 -12.76
CA HIS A 732 -14.64 28.33 -13.71
C HIS A 732 -13.81 29.38 -14.44
N PHE A 733 -12.49 29.23 -14.34
CA PHE A 733 -11.53 30.15 -14.93
C PHE A 733 -10.66 29.34 -15.89
N LEU A 734 -10.76 29.61 -17.20
CA LEU A 734 -10.07 28.85 -18.24
C LEU A 734 -9.21 29.77 -19.08
N ASP B 29 30.88 13.19 -10.21
CA ASP B 29 29.82 12.29 -10.78
C ASP B 29 29.00 11.63 -9.66
N GLU B 30 27.77 12.09 -9.47
CA GLU B 30 26.89 11.56 -8.41
C GLU B 30 26.23 10.20 -8.74
N THR B 31 26.24 9.80 -10.02
CA THR B 31 25.67 8.53 -10.49
C THR B 31 26.66 7.35 -10.45
N THR B 32 27.84 7.56 -9.86
CA THR B 32 28.86 6.53 -9.79
C THR B 32 28.44 5.34 -8.91
N TYR B 33 28.84 4.15 -9.37
CA TYR B 33 28.77 2.90 -8.60
C TYR B 33 30.08 2.61 -7.87
N ASN B 34 31.12 3.43 -8.10
CA ASN B 34 32.38 3.33 -7.36
C ASN B 34 32.71 4.64 -6.67
N VAL B 35 33.06 4.57 -5.39
CA VAL B 35 33.52 5.68 -4.60
C VAL B 35 34.96 5.36 -4.21
N ASP B 36 35.88 6.27 -4.55
CA ASP B 36 37.31 6.00 -4.45
C ASP B 36 37.98 6.45 -3.15
N ARG B 37 37.21 7.15 -2.31
CA ARG B 37 37.71 7.72 -1.07
C ARG B 37 36.64 7.62 0.02
N SER B 38 37.09 7.48 1.25
CA SER B 38 36.20 7.53 2.41
C SER B 38 35.80 8.99 2.68
N ALA B 39 34.67 9.18 3.36
CA ALA B 39 34.24 10.52 3.79
C ALA B 39 34.95 10.96 5.07
N SER B 40 35.20 10.05 6.01
CA SER B 40 35.84 10.41 7.29
C SER B 40 37.34 10.57 7.11
N LYS B 41 37.89 11.72 7.53
CA LYS B 41 39.32 12.02 7.33
C LYS B 41 40.19 11.49 8.47
N LYS B 42 39.92 10.24 8.83
CA LYS B 42 40.77 9.37 9.64
C LYS B 42 41.49 8.39 8.70
N TYR B 43 40.98 8.24 7.48
CA TYR B 43 41.67 7.54 6.39
C TYR B 43 42.72 8.46 5.85
N THR B 44 43.94 7.94 5.68
CA THR B 44 45.11 8.72 5.27
C THR B 44 45.60 8.37 3.83
N ALA B 45 44.67 7.92 2.98
CA ALA B 45 44.93 7.46 1.60
C ALA B 45 43.62 7.11 0.88
N PRO B 46 43.61 7.14 -0.48
CA PRO B 46 42.42 6.60 -1.23
C PRO B 46 42.19 5.10 -1.00
N LEU B 47 41.01 4.60 -1.37
CA LEU B 47 40.63 3.20 -1.09
C LEU B 47 41.47 2.17 -1.86
N LEU B 48 41.81 2.47 -3.11
CA LEU B 48 42.79 1.65 -3.87
C LEU B 48 44.08 1.36 -3.07
N ASP B 49 44.60 2.38 -2.39
CA ASP B 49 45.86 2.29 -1.66
C ASP B 49 45.71 2.11 -0.15
N THR B 50 44.51 1.79 0.32
CA THR B 50 44.27 1.52 1.74
C THR B 50 44.39 -0.02 1.93
N PRO B 51 45.22 -0.46 2.90
CA PRO B 51 45.52 -1.89 3.08
C PRO B 51 44.48 -2.67 3.90
N ARG B 52 43.19 -2.54 3.54
CA ARG B 52 42.07 -3.17 4.24
C ARG B 52 40.91 -3.37 3.26
N SER B 53 40.07 -4.36 3.51
CA SER B 53 38.86 -4.54 2.71
C SER B 53 37.80 -3.51 3.08
N VAL B 54 37.49 -2.61 2.16
CA VAL B 54 36.46 -1.60 2.36
C VAL B 54 35.54 -1.57 1.15
N THR B 55 34.22 -1.67 1.38
CA THR B 55 33.24 -1.54 0.31
C THR B 55 32.30 -0.37 0.64
N VAL B 56 32.18 0.56 -0.30
CA VAL B 56 31.26 1.67 -0.14
C VAL B 56 30.02 1.39 -1.00
N VAL B 57 28.84 1.41 -0.37
CA VAL B 57 27.58 1.38 -1.10
C VAL B 57 27.25 2.84 -1.42
N PRO B 58 27.41 3.24 -2.69
CA PRO B 58 27.16 4.65 -3.02
C PRO B 58 25.67 4.98 -3.17
N LYS B 59 25.38 6.27 -3.08
CA LYS B 59 24.06 6.86 -3.26
C LYS B 59 23.26 6.23 -4.40
N GLN B 60 23.91 6.04 -5.54
CA GLN B 60 23.22 5.63 -6.77
C GLN B 60 22.73 4.20 -6.69
N VAL B 61 23.48 3.34 -6.00
CA VAL B 61 23.06 1.96 -5.75
C VAL B 61 21.86 1.93 -4.80
N ILE B 62 21.88 2.80 -3.78
CA ILE B 62 20.75 2.95 -2.84
C ILE B 62 19.48 3.37 -3.59
N LYS B 63 19.59 4.32 -4.52
CA LYS B 63 18.45 4.74 -5.36
C LYS B 63 18.00 3.68 -6.35
N ASP B 64 18.95 3.07 -7.08
CA ASP B 64 18.62 2.10 -8.14
C ASP B 64 17.96 0.81 -7.60
N THR B 65 18.36 0.37 -6.41
CA THR B 65 17.74 -0.77 -5.72
C THR B 65 16.45 -0.39 -4.99
N ALA B 66 16.18 0.90 -4.86
CA ALA B 66 15.03 1.42 -4.09
C ALA B 66 14.99 0.90 -2.64
N ALA B 67 16.18 0.74 -2.04
CA ALA B 67 16.32 0.33 -0.66
C ALA B 67 15.63 1.32 0.27
N VAL B 68 14.82 0.81 1.20
CA VAL B 68 14.12 1.64 2.17
C VAL B 68 14.71 1.53 3.58
N SER B 69 15.79 0.76 3.73
CA SER B 69 16.46 0.61 5.02
C SER B 69 17.90 0.22 4.85
N LEU B 70 18.63 0.28 5.97
CA LEU B 70 20.04 -0.11 6.03
C LEU B 70 20.26 -1.57 5.65
N GLN B 71 19.43 -2.48 6.16
CA GLN B 71 19.51 -3.92 5.83
C GLN B 71 19.22 -4.22 4.36
N ASP B 72 18.13 -3.66 3.86
CA ASP B 72 17.75 -3.72 2.44
C ASP B 72 18.95 -3.34 1.55
N ALA B 73 19.60 -2.23 1.90
CA ALA B 73 20.74 -1.70 1.14
C ALA B 73 21.97 -2.60 1.22
N LEU B 74 22.22 -3.18 2.40
CA LEU B 74 23.40 -4.05 2.61
C LEU B 74 23.28 -5.44 1.96
N ARG B 75 22.12 -5.80 1.41
CA ARG B 75 22.02 -7.02 0.60
C ARG B 75 22.99 -7.03 -0.59
N THR B 76 23.41 -5.84 -1.05
CA THR B 76 24.41 -5.68 -2.11
C THR B 76 25.86 -5.99 -1.70
N VAL B 77 26.15 -6.14 -0.41
CA VAL B 77 27.48 -6.48 0.05
C VAL B 77 27.42 -7.86 0.71
N PRO B 78 27.99 -8.88 0.05
CA PRO B 78 27.83 -10.25 0.52
C PRO B 78 28.55 -10.53 1.83
N GLY B 79 28.02 -11.48 2.60
CA GLY B 79 28.62 -11.89 3.88
C GLY B 79 28.24 -11.07 5.10
N ILE B 80 27.28 -10.16 4.95
CA ILE B 80 26.77 -9.38 6.07
C ILE B 80 25.40 -9.98 6.37
N THR B 81 25.28 -10.63 7.52
CA THR B 81 24.00 -11.15 7.98
C THR B 81 23.56 -10.44 9.24
N PHE B 82 22.26 -10.45 9.48
CA PHE B 82 21.69 -9.84 10.67
C PHE B 82 21.16 -10.91 11.58
N GLY B 83 21.34 -10.72 12.87
CA GLY B 83 20.78 -11.59 13.88
C GLY B 83 20.34 -10.78 15.09
N ALA B 84 20.48 -11.39 16.27
CA ALA B 84 20.14 -10.77 17.55
C ALA B 84 20.90 -11.48 18.70
N GLY B 87 19.97 -8.57 24.68
CA GLY B 87 18.60 -9.06 24.72
C GLY B 87 18.16 -9.69 23.41
N GLY B 88 16.85 -9.64 23.11
CA GLY B 88 16.25 -10.04 21.81
C GLY B 88 15.62 -8.83 21.11
N ASN B 89 14.91 -9.02 19.99
CA ASN B 89 14.46 -7.88 19.15
C ASN B 89 13.39 -8.26 18.07
N PRO B 90 12.28 -7.50 17.97
CA PRO B 90 11.24 -7.85 16.98
C PRO B 90 11.65 -7.73 15.50
N THR B 91 12.76 -7.02 15.24
CA THR B 91 13.47 -7.05 13.94
C THR B 91 14.97 -6.92 14.27
N GLY B 92 15.75 -7.98 14.04
CA GLY B 92 17.18 -7.98 14.44
C GLY B 92 18.06 -6.99 13.66
N ASP B 93 18.55 -5.94 14.36
CA ASP B 93 19.27 -4.80 13.72
C ASP B 93 20.80 -4.88 13.93
N ARG B 94 21.28 -6.08 14.23
CA ARG B 94 22.64 -6.33 14.65
C ARG B 94 23.40 -7.00 13.50
N PRO B 95 24.29 -6.27 12.82
CA PRO B 95 25.03 -6.90 11.70
C PRO B 95 26.18 -7.81 12.14
N PHE B 96 26.40 -8.89 11.40
CA PHE B 96 27.55 -9.79 11.58
C PHE B 96 28.44 -9.67 10.34
N ILE B 97 29.71 -9.41 10.57
CA ILE B 97 30.66 -9.16 9.48
C ILE B 97 31.81 -10.14 9.64
N ARG B 98 32.08 -10.92 8.59
CA ARG B 98 33.05 -12.03 8.65
C ARG B 98 32.82 -12.91 9.86
N GLY B 99 31.54 -13.19 10.11
CA GLY B 99 31.09 -14.04 11.18
C GLY B 99 31.27 -13.52 12.58
N PHE B 100 31.36 -12.21 12.74
CA PHE B 100 31.55 -11.59 14.05
C PHE B 100 30.59 -10.42 14.28
N ASP B 101 30.11 -10.34 15.51
CA ASP B 101 29.06 -9.42 15.92
C ASP B 101 29.57 -7.97 15.86
N ALA B 102 28.81 -7.09 15.21
CA ALA B 102 29.19 -5.68 15.04
C ALA B 102 28.11 -4.66 15.42
N GLN B 103 27.26 -5.00 16.40
CA GLN B 103 26.18 -4.09 16.87
C GLN B 103 26.72 -2.76 17.36
N SER B 104 27.80 -2.82 18.13
CA SER B 104 28.40 -1.64 18.74
C SER B 104 29.63 -1.20 17.93
N ASP B 105 29.60 -1.46 16.62
CA ASP B 105 30.56 -0.89 15.67
C ASP B 105 29.83 -0.28 14.47
N THR B 106 28.70 0.39 14.76
CA THR B 106 27.98 1.19 13.79
C THR B 106 28.19 2.67 14.12
N TYR B 107 28.64 3.39 13.12
CA TYR B 107 29.04 4.76 13.23
C TYR B 107 28.17 5.59 12.29
N VAL B 108 27.86 6.81 12.72
CA VAL B 108 27.30 7.84 11.85
C VAL B 108 28.34 8.95 11.79
N ASP B 109 28.89 9.18 10.61
CA ASP B 109 29.98 10.15 10.41
C ASP B 109 31.11 9.97 11.41
N GLY B 110 31.63 8.75 11.49
CA GLY B 110 32.77 8.44 12.34
C GLY B 110 32.60 8.59 13.84
N VAL B 111 31.36 8.64 14.33
CA VAL B 111 31.10 8.74 15.76
C VAL B 111 30.08 7.66 16.12
N ARG B 112 30.20 7.07 17.32
CA ARG B 112 29.34 5.96 17.75
C ARG B 112 27.88 6.43 17.88
N ASP B 113 26.94 5.49 17.84
CA ASP B 113 25.51 5.86 17.88
C ASP B 113 24.69 5.19 19.01
N THR B 114 23.72 5.96 19.50
CA THR B 114 22.78 5.61 20.57
C THR B 114 21.82 4.49 20.14
N GLN B 117 17.99 -0.89 17.30
CA GLN B 117 17.42 0.27 16.64
C GLN B 117 17.53 0.08 15.12
N THR B 118 16.41 0.28 14.41
CA THR B 118 16.28 0.03 12.96
C THR B 118 16.56 1.31 12.16
N ARG B 119 17.58 1.24 11.32
CA ARG B 119 18.12 2.41 10.67
C ARG B 119 17.59 2.58 9.27
N GLU B 120 17.27 3.83 8.96
CA GLU B 120 16.57 4.19 7.74
C GLU B 120 17.71 4.73 6.84
N ILE B 121 17.47 4.97 5.56
CA ILE B 121 18.51 5.49 4.66
C ILE B 121 18.23 6.88 4.05
N PHE B 122 17.06 7.48 4.29
CA PHE B 122 16.68 8.77 3.66
C PHE B 122 17.71 9.88 3.89
N ASN B 123 18.37 9.89 5.05
CA ASN B 123 19.38 10.92 5.36
C ASN B 123 20.83 10.52 5.06
N LEU B 124 21.05 9.43 4.32
CA LEU B 124 22.42 8.96 4.05
C LEU B 124 22.91 9.22 2.63
N GLU B 125 24.19 9.57 2.53
CA GLU B 125 24.88 9.78 1.27
C GLU B 125 25.42 8.44 0.76
N GLN B 126 26.05 7.70 1.67
CA GLN B 126 26.63 6.39 1.36
C GLN B 126 26.86 5.58 2.64
N ILE B 127 27.12 4.28 2.45
CA ILE B 127 27.36 3.34 3.53
C ILE B 127 28.75 2.71 3.33
N GLU B 128 29.63 2.91 4.31
CA GLU B 128 31.01 2.42 4.24
C GLU B 128 31.19 1.17 5.12
N VAL B 129 31.48 0.03 4.50
CA VAL B 129 31.65 -1.26 5.18
C VAL B 129 33.13 -1.61 5.29
N SER B 130 33.68 -1.52 6.49
CA SER B 130 35.03 -2.02 6.79
C SER B 130 34.94 -3.48 7.26
N LYS B 131 35.57 -4.38 6.52
CA LYS B 131 35.41 -5.81 6.78
C LYS B 131 36.37 -6.36 7.83
N GLY B 132 37.56 -5.81 7.94
CA GLY B 132 38.45 -6.14 9.06
C GLY B 132 38.53 -4.94 9.97
N PRO B 133 39.35 -5.02 11.04
CA PRO B 133 39.42 -3.92 12.00
C PRO B 133 40.04 -2.63 11.43
N ASN B 134 39.80 -1.52 12.15
CA ASN B 134 40.30 -0.20 11.80
C ASN B 134 40.42 0.64 13.11
N SER B 135 41.65 0.80 13.61
CA SER B 135 41.96 1.56 14.85
C SER B 135 41.42 3.00 14.91
N ALA B 136 41.23 3.61 13.74
CA ALA B 136 40.53 4.91 13.61
C ALA B 136 39.18 4.98 14.35
N PHE B 137 38.41 3.88 14.32
CA PHE B 137 37.17 3.72 15.10
C PHE B 137 37.41 2.74 16.29
N GLY B 138 36.62 2.81 17.37
CA GLY B 138 36.79 1.84 18.47
C GLY B 138 35.79 1.84 19.63
N GLY B 139 35.83 0.78 20.45
CA GLY B 139 34.96 0.62 21.62
C GLY B 139 34.57 -0.83 21.91
N GLY B 144 36.12 -7.27 14.37
CA GLY B 144 35.18 -7.97 13.46
C GLY B 144 34.86 -7.25 12.13
N GLY B 145 34.91 -5.92 12.15
CA GLY B 145 34.46 -5.05 11.05
C GLY B 145 33.52 -3.94 11.55
N SER B 146 33.27 -2.94 10.73
CA SER B 146 32.34 -1.88 11.09
C SER B 146 31.55 -1.29 9.91
N LEU B 147 30.47 -0.58 10.26
CA LEU B 147 29.68 0.19 9.31
C LEU B 147 29.85 1.65 9.65
N ASN B 148 30.12 2.47 8.65
CA ASN B 148 30.12 3.91 8.79
C ASN B 148 29.08 4.54 7.85
N LEU B 149 28.07 5.14 8.45
CA LEU B 149 26.96 5.76 7.73
C LEU B 149 27.22 7.25 7.56
N VAL B 150 27.42 7.70 6.34
CA VAL B 150 27.72 9.11 6.05
C VAL B 150 26.40 9.90 5.88
N SER B 151 26.15 10.87 6.75
CA SER B 151 24.93 11.73 6.69
C SER B 151 24.98 12.72 5.56
N LYS B 152 23.83 12.99 4.97
CA LYS B 152 23.66 14.16 4.11
C LYS B 152 23.83 15.42 4.98
N GLN B 153 24.71 16.34 4.57
CA GLN B 153 24.94 17.63 5.26
C GLN B 153 24.61 18.76 4.29
N ALA B 154 24.26 19.91 4.84
CA ALA B 154 24.10 21.13 4.05
C ALA B 154 25.46 21.49 3.49
N LYS B 155 25.46 21.91 2.24
CA LYS B 155 26.69 22.13 1.47
C LYS B 155 26.45 23.17 0.39
N ALA B 156 27.47 23.46 -0.41
CA ALA B 156 27.32 24.40 -1.54
C ALA B 156 26.41 23.79 -2.60
N GLY B 157 25.69 24.64 -3.32
CA GLY B 157 24.71 24.22 -4.32
C GLY B 157 23.30 24.64 -3.91
N ASN B 158 22.43 24.75 -4.89
CA ASN B 158 21.00 24.96 -4.65
C ASN B 158 20.27 23.85 -5.38
N PHE B 159 19.55 23.01 -4.64
CA PHE B 159 18.74 21.95 -5.23
C PHE B 159 17.51 21.61 -4.42
N ILE B 160 16.53 21.04 -5.10
CA ILE B 160 15.31 20.55 -4.50
C ILE B 160 15.12 19.18 -5.12
N ASP B 161 15.21 18.13 -4.31
CA ASP B 161 14.94 16.74 -4.75
C ASP B 161 13.76 16.17 -3.99
N GLY B 162 13.11 15.19 -4.56
CA GLY B 162 11.91 14.66 -3.94
C GLY B 162 11.43 13.46 -4.67
N GLY B 163 10.62 12.64 -4.00
CA GLY B 163 10.08 11.44 -4.61
C GLY B 163 8.90 10.86 -3.88
N PHE B 164 8.08 10.12 -4.62
CA PHE B 164 7.09 9.29 -4.00
C PHE B 164 7.07 7.91 -4.64
N THR B 165 6.93 6.88 -3.80
CA THR B 165 6.95 5.48 -4.22
C THR B 165 5.66 4.81 -3.73
N TYR B 166 4.95 4.15 -4.65
CA TYR B 166 3.79 3.34 -4.35
C TYR B 166 4.10 1.88 -4.65
N GLY B 167 3.63 0.97 -3.78
CA GLY B 167 3.93 -0.45 -3.90
C GLY B 167 2.75 -1.40 -3.86
N SER B 168 2.97 -2.61 -4.37
CA SER B 168 2.02 -3.72 -4.29
C SER B 168 1.81 -4.26 -2.86
N ASP B 169 2.76 -3.96 -1.97
CA ASP B 169 2.64 -4.19 -0.54
C ASP B 169 2.06 -3.00 0.24
N GLN B 170 1.34 -2.12 -0.46
CA GLN B 170 0.81 -0.86 0.09
C GLN B 170 1.88 0.16 0.56
N THR B 171 3.11 0.07 0.05
CA THR B 171 4.13 1.11 0.33
C THR B 171 3.63 2.48 -0.12
N ARG B 172 3.69 3.47 0.77
CA ARG B 172 3.46 4.85 0.44
C ARG B 172 4.59 5.62 1.09
N ARG B 173 5.58 6.00 0.28
CA ARG B 173 6.80 6.64 0.75
C ARG B 173 7.00 7.99 0.09
N TYR B 174 7.24 9.03 0.89
CA TYR B 174 7.41 10.40 0.41
C TYR B 174 8.72 10.94 0.95
N THR B 175 9.57 11.48 0.08
CA THR B 175 10.81 12.12 0.52
C THR B 175 10.98 13.50 -0.10
N LEU B 176 11.71 14.36 0.60
CA LEU B 176 12.03 15.69 0.13
C LEU B 176 13.43 16.00 0.65
N ASP B 177 14.29 16.53 -0.22
CA ASP B 177 15.69 16.84 0.09
C ASP B 177 16.03 18.20 -0.55
N LEU B 178 15.90 19.25 0.26
CA LEU B 178 16.06 20.63 -0.15
C LEU B 178 17.34 21.22 0.44
N ASN B 179 18.17 21.86 -0.40
CA ASN B 179 19.44 22.50 0.03
C ASN B 179 19.59 23.89 -0.60
N GLN B 180 19.64 24.93 0.25
CA GLN B 180 19.67 26.34 -0.21
C GLN B 180 20.84 27.11 0.40
N GLU B 181 21.64 27.77 -0.44
CA GLU B 181 22.64 28.72 0.05
C GLU B 181 21.99 30.00 0.61
N PHE B 182 22.66 30.60 1.57
CA PHE B 182 22.32 31.94 2.09
C PHE B 182 23.59 32.62 2.62
N LEU B 183 23.47 33.83 3.16
CA LEU B 183 24.62 34.72 3.42
C LEU B 183 25.56 34.81 2.20
N ASP B 184 24.97 35.00 1.02
CA ASP B 184 25.71 35.09 -0.26
C ASP B 184 26.67 33.92 -0.50
N GLY B 185 26.21 32.70 -0.27
CA GLY B 185 27.04 31.52 -0.51
C GLY B 185 28.05 31.14 0.56
N ASN B 186 28.13 31.90 1.66
CA ASN B 186 28.98 31.49 2.79
C ASN B 186 28.34 30.44 3.71
N ALA B 187 27.02 30.27 3.62
CA ALA B 187 26.31 29.30 4.44
C ALA B 187 25.23 28.57 3.63
N ALA B 188 24.71 27.49 4.20
CA ALA B 188 23.67 26.71 3.55
C ALA B 188 22.77 26.02 4.57
N PHE B 189 21.50 25.84 4.20
CA PHE B 189 20.51 25.16 4.99
C PHE B 189 20.07 23.95 4.18
N ARG B 190 19.91 22.81 4.84
CA ARG B 190 19.39 21.62 4.18
C ARG B 190 18.32 20.98 5.04
N LEU B 191 17.25 20.51 4.40
CA LEU B 191 16.18 19.83 5.09
C LEU B 191 15.87 18.54 4.35
N ASN B 192 15.91 17.41 5.05
CA ASN B 192 15.44 16.12 4.54
C ASN B 192 14.21 15.68 5.34
N LEU B 193 13.14 15.33 4.64
CA LEU B 193 11.91 14.88 5.25
C LEU B 193 11.54 13.50 4.72
N LEU B 194 10.88 12.70 5.57
CA LEU B 194 10.43 11.36 5.22
C LEU B 194 9.07 11.01 5.82
N LYS B 195 8.22 10.36 5.03
CA LYS B 195 7.01 9.72 5.54
C LYS B 195 6.92 8.37 4.85
N HIS B 196 6.82 7.29 5.64
CA HIS B 196 6.83 5.92 5.12
C HIS B 196 5.81 5.03 5.84
N ASP B 197 4.90 4.44 5.07
CA ASP B 197 3.96 3.43 5.53
C ASP B 197 3.97 2.29 4.53
N ALA B 198 3.85 1.07 5.03
CA ALA B 198 3.84 -0.13 4.19
C ALA B 198 3.37 -1.31 4.97
N ASN B 199 2.75 -2.27 4.28
CA ASN B 199 2.62 -3.64 4.81
C ASN B 199 3.86 -4.45 4.35
N VAL B 200 3.88 -5.75 4.60
CA VAL B 200 5.00 -6.60 4.13
C VAL B 200 4.44 -7.74 3.28
N ALA B 201 4.91 -7.85 2.05
CA ALA B 201 4.51 -8.91 1.12
C ALA B 201 4.73 -10.31 1.73
N GLY B 202 3.68 -11.11 1.72
CA GLY B 202 3.70 -12.45 2.25
C GLY B 202 3.71 -12.57 3.75
N ARG B 203 3.38 -11.50 4.48
CA ARG B 203 3.23 -11.56 5.94
C ARG B 203 1.89 -10.96 6.33
N ASP B 204 1.03 -11.76 6.96
CA ASP B 204 -0.29 -11.27 7.42
C ASP B 204 -0.06 -10.20 8.50
N GLU B 205 -0.74 -9.05 8.36
CA GLU B 205 -0.84 -8.00 9.40
C GLU B 205 0.41 -7.18 9.72
N VAL B 206 1.60 -7.69 9.42
CA VAL B 206 2.82 -7.02 9.80
C VAL B 206 2.88 -5.72 9.00
N ASP B 207 3.31 -4.64 9.67
CA ASP B 207 3.40 -3.36 9.01
C ASP B 207 4.36 -2.38 9.68
N VAL B 208 4.68 -1.33 8.95
CA VAL B 208 5.63 -0.34 9.38
C VAL B 208 5.07 1.03 9.09
N SER B 209 5.44 1.96 9.94
CA SER B 209 5.02 3.33 9.85
C SER B 209 6.11 4.19 10.48
N ARG B 210 6.62 5.16 9.73
CA ARG B 210 7.61 6.07 10.29
C ARG B 210 7.67 7.39 9.55
N TRP B 211 8.27 8.36 10.21
CA TRP B 211 8.53 9.63 9.59
C TRP B 211 9.79 10.21 10.21
N GLY B 212 10.43 11.08 9.44
CA GLY B 212 11.69 11.67 9.82
C GLY B 212 11.89 13.08 9.34
N VAL B 213 12.70 13.82 10.08
CA VAL B 213 13.03 15.21 9.82
C VAL B 213 14.50 15.40 10.15
N ALA B 214 15.26 15.93 9.20
CA ALA B 214 16.72 16.08 9.34
C ALA B 214 17.12 17.45 8.85
N PRO B 215 17.10 18.44 9.75
CA PRO B 215 17.59 19.77 9.38
C PRO B 215 19.09 19.86 9.56
N SER B 216 19.72 20.74 8.81
CA SER B 216 21.17 20.91 8.80
C SER B 216 21.56 22.34 8.37
N LEU B 217 22.55 22.91 9.04
CA LEU B 217 23.09 24.24 8.73
C LEU B 217 24.59 24.15 8.65
N THR B 218 25.19 24.79 7.66
CA THR B 218 26.64 24.85 7.56
C THR B 218 27.05 26.30 7.29
N PHE B 219 28.17 26.72 7.88
CA PHE B 219 28.66 28.12 7.79
C PHE B 219 30.14 28.10 7.44
N GLY B 220 30.59 29.15 6.76
CA GLY B 220 31.98 29.29 6.35
C GLY B 220 32.34 28.42 5.16
N LEU B 221 31.41 28.22 4.23
CA LEU B 221 31.68 27.46 3.01
C LEU B 221 32.84 28.08 2.22
N GLY B 222 33.78 27.25 1.80
CA GLY B 222 34.97 27.73 1.11
C GLY B 222 36.03 28.42 1.97
N SER B 223 35.76 28.68 3.25
CA SER B 223 36.68 29.42 4.11
C SER B 223 37.50 28.45 4.95
N PRO B 224 38.57 28.93 5.63
CA PRO B 224 39.36 28.01 6.49
C PRO B 224 38.70 27.62 7.84
N THR B 225 37.51 28.15 8.16
CA THR B 225 36.83 27.87 9.41
C THR B 225 35.36 27.54 9.14
N ARG B 226 34.99 26.28 9.40
CA ARG B 226 33.67 25.74 9.06
C ARG B 226 32.96 25.25 10.32
N VAL B 227 31.67 25.59 10.42
CA VAL B 227 30.84 25.15 11.51
C VAL B 227 29.60 24.51 10.90
N THR B 228 29.33 23.26 11.29
CA THR B 228 28.13 22.55 10.87
C THR B 228 27.30 22.09 12.09
N VAL B 229 25.99 22.27 11.97
CA VAL B 229 25.03 21.91 13.02
C VAL B 229 23.92 21.08 12.38
N SER B 230 23.76 19.84 12.82
CA SER B 230 22.79 18.90 12.27
C SER B 230 21.88 18.34 13.34
N HIS B 231 20.62 18.13 13.00
CA HIS B 231 19.75 17.41 13.86
C HIS B 231 19.09 16.30 13.04
N TYR B 232 18.88 15.14 13.66
CA TYR B 232 18.24 13.98 13.06
C TYR B 232 17.09 13.46 13.96
N HIS B 233 15.92 13.29 13.39
CA HIS B 233 14.76 12.85 14.15
C HIS B 233 14.00 11.80 13.38
N LEU B 234 13.78 10.62 13.98
CA LEU B 234 12.98 9.55 13.38
C LEU B 234 12.08 8.92 14.43
N GLU B 235 10.82 8.74 14.07
CA GLU B 235 9.80 8.19 14.94
C GLU B 235 9.15 7.04 14.18
N SER B 236 8.97 5.90 14.83
CA SER B 236 8.33 4.76 14.16
C SER B 236 7.37 4.02 15.03
N ASP B 237 6.42 3.37 14.41
CA ASP B 237 5.28 2.73 15.07
C ASP B 237 4.82 1.58 14.20
N ASP B 238 5.27 0.38 14.52
CA ASP B 238 5.14 -0.78 13.66
C ASP B 238 4.29 -1.84 14.37
N THR B 239 3.69 -2.73 13.57
CA THR B 239 3.19 -4.01 14.05
C THR B 239 4.29 -5.06 13.82
N PRO B 240 4.98 -5.51 14.89
CA PRO B 240 6.13 -6.40 14.79
C PRO B 240 5.81 -7.81 14.37
N ASP B 241 6.66 -8.36 13.50
CA ASP B 241 6.54 -9.75 13.06
C ASP B 241 6.84 -10.76 14.19
N SER B 242 6.25 -11.93 14.09
CA SER B 242 6.48 -13.04 15.01
C SER B 242 7.62 -13.93 14.52
N GLY B 243 7.84 -13.94 13.20
CA GLY B 243 8.66 -14.97 12.57
C GLY B 243 7.95 -16.33 12.60
N ILE B 244 8.72 -17.35 12.26
CA ILE B 244 8.25 -18.70 12.02
C ILE B 244 9.06 -19.61 12.90
N PRO B 245 8.40 -20.48 13.67
CA PRO B 245 9.16 -21.36 14.56
C PRO B 245 10.00 -22.40 13.83
N TYR B 246 11.13 -22.77 14.43
CA TYR B 246 11.87 -23.96 14.04
C TYR B 246 11.01 -25.19 14.30
N ALA B 247 11.06 -26.15 13.38
CA ALA B 247 10.54 -27.50 13.63
C ALA B 247 11.31 -28.04 14.83
N LYS B 248 10.68 -28.89 15.63
CA LYS B 248 11.32 -29.43 16.82
C LYS B 248 11.25 -30.97 16.77
N SER B 249 12.31 -31.56 16.22
CA SER B 249 12.42 -33.02 16.08
C SER B 249 12.99 -33.61 17.37
N SER B 250 12.47 -34.77 17.76
CA SER B 250 12.99 -35.48 18.95
C SER B 250 14.49 -35.77 18.87
N ASP B 251 15.01 -36.01 17.67
CA ASP B 251 16.45 -36.30 17.47
C ASP B 251 17.24 -35.09 16.94
N ARG B 252 16.81 -33.87 17.27
CA ARG B 252 17.52 -32.67 16.83
C ARG B 252 18.96 -32.67 17.38
N SER B 253 19.93 -32.40 16.52
CA SER B 253 21.35 -32.31 16.92
C SER B 253 22.16 -31.62 15.82
N LYS B 254 23.46 -31.48 16.03
CA LYS B 254 24.36 -31.04 14.93
C LYS B 254 24.30 -31.96 13.70
N HIS B 255 23.94 -33.22 13.90
CA HIS B 255 23.84 -34.18 12.79
C HIS B 255 22.52 -34.09 12.03
N ASN B 256 21.43 -33.82 12.74
CA ASN B 256 20.11 -33.57 12.12
C ASN B 256 19.56 -32.25 12.66
N PRO B 257 20.06 -31.12 12.13
CA PRO B 257 19.60 -29.83 12.64
C PRO B 257 18.21 -29.49 12.15
N ASP B 258 17.48 -28.68 12.90
CA ASP B 258 16.14 -28.25 12.49
C ASP B 258 16.12 -26.91 11.75
N LYS B 259 15.13 -26.77 10.87
CA LYS B 259 14.88 -25.55 10.13
C LYS B 259 13.42 -25.08 10.33
N PRO B 260 13.06 -23.87 9.83
CA PRO B 260 11.71 -23.39 10.11
C PRO B 260 10.64 -24.34 9.61
N VAL B 261 9.54 -24.46 10.34
CA VAL B 261 8.41 -25.26 9.87
C VAL B 261 7.92 -24.76 8.51
N ASN B 262 7.31 -25.65 7.73
CA ASN B 262 6.72 -25.29 6.46
C ASN B 262 5.20 -25.12 6.66
N VAL B 263 4.77 -23.87 6.68
CA VAL B 263 3.37 -23.48 6.86
C VAL B 263 3.04 -22.46 5.77
N ASP B 264 1.80 -22.00 5.70
CA ASP B 264 1.42 -21.03 4.68
C ASP B 264 2.30 -19.78 4.80
N ARG B 265 2.60 -19.18 3.66
CA ARG B 265 3.55 -18.07 3.57
C ARG B 265 3.22 -16.93 4.56
N GLY B 266 1.95 -16.56 4.66
CA GLY B 266 1.49 -15.40 5.43
C GLY B 266 1.33 -15.59 6.93
N ASN B 267 1.47 -16.81 7.44
CA ASN B 267 1.21 -17.08 8.86
C ASN B 267 1.93 -16.11 9.80
N PHE B 268 1.15 -15.46 10.63
CA PHE B 268 1.60 -14.54 11.67
C PHE B 268 1.05 -15.05 13.02
N TYR B 269 1.95 -15.35 13.95
CA TYR B 269 1.55 -15.88 15.26
C TYR B 269 1.35 -14.82 16.34
N GLY B 270 1.56 -13.55 16.01
CA GLY B 270 1.36 -12.45 16.94
C GLY B 270 -0.08 -11.97 16.99
N LEU B 271 -0.27 -10.85 17.68
CA LEU B 271 -1.58 -10.34 18.04
C LEU B 271 -1.69 -8.85 17.72
N THR B 272 -2.53 -8.51 16.75
CA THR B 272 -2.78 -7.11 16.40
C THR B 272 -3.35 -6.28 17.55
N GLY B 273 -4.10 -6.91 18.46
CA GLY B 273 -4.61 -6.22 19.64
C GLY B 273 -3.59 -5.96 20.76
N ARG B 274 -2.44 -6.63 20.71
CA ARG B 274 -1.46 -6.56 21.78
C ARG B 274 -0.11 -6.00 21.40
N ASP B 275 0.43 -6.47 20.28
CA ASP B 275 1.85 -6.25 19.97
C ASP B 275 2.09 -4.90 19.35
N PHE B 276 3.22 -4.28 19.69
CA PHE B 276 3.57 -2.94 19.20
C PHE B 276 5.08 -2.77 19.20
N GLN B 277 5.56 -1.88 18.35
CA GLN B 277 6.98 -1.57 18.28
C GLN B 277 7.11 -0.08 17.98
N LYS B 278 7.44 0.69 19.02
CA LYS B 278 7.46 2.15 18.96
C LYS B 278 8.87 2.61 19.24
N SER B 279 9.39 3.53 18.43
CA SER B 279 10.70 4.09 18.72
C SER B 279 10.78 5.55 18.31
N ARG B 280 11.70 6.24 18.97
CA ARG B 280 12.00 7.63 18.72
C ARG B 280 13.52 7.76 18.82
N ILE B 281 14.14 8.39 17.81
CA ILE B 281 15.55 8.75 17.86
C ILE B 281 15.71 10.25 17.62
N ASP B 282 16.52 10.91 18.44
CA ASP B 282 16.95 12.30 18.29
C ASP B 282 18.46 12.38 18.38
N THR B 283 19.10 13.04 17.41
CA THR B 283 20.56 13.20 17.42
C THR B 283 20.94 14.60 16.94
N SER B 284 21.71 15.31 17.76
CA SER B 284 22.24 16.64 17.46
C SER B 284 23.72 16.49 17.31
N THR B 285 24.29 17.05 16.25
CA THR B 285 25.73 16.99 16.00
C THR B 285 26.23 18.40 15.67
N ILE B 286 27.33 18.79 16.29
CA ILE B 286 27.98 20.09 16.05
C ILE B 286 29.44 19.82 15.71
N THR B 287 29.84 20.21 14.51
CA THR B 287 31.21 19.97 14.02
C THR B 287 31.89 21.32 13.71
N VAL B 288 33.02 21.58 14.35
CA VAL B 288 33.84 22.78 14.12
C VAL B 288 35.20 22.37 13.52
N GLU B 289 35.52 22.89 12.33
CA GLU B 289 36.80 22.62 11.66
C GLU B 289 37.57 23.92 11.47
N HIS B 290 38.88 23.84 11.64
CA HIS B 290 39.74 25.00 11.37
C HIS B 290 41.04 24.53 10.73
N ASP B 291 41.37 25.09 9.57
CA ASP B 291 42.66 24.84 8.93
C ASP B 291 43.74 25.73 9.59
N LEU B 292 44.66 25.10 10.29
CA LEU B 292 45.79 25.79 10.91
C LEU B 292 46.84 26.16 9.86
N THR B 293 47.06 25.27 8.91
CA THR B 293 47.90 25.53 7.74
C THR B 293 47.22 24.89 6.53
N ASP B 294 47.87 24.92 5.36
CA ASP B 294 47.36 24.16 4.21
C ASP B 294 47.51 22.61 4.37
N SER B 295 48.30 22.18 5.35
CA SER B 295 48.52 20.76 5.63
C SER B 295 47.95 20.24 6.95
N LEU B 296 47.25 21.08 7.72
CA LEU B 296 46.85 20.76 9.09
C LEU B 296 45.48 21.31 9.44
N THR B 297 44.54 20.41 9.73
CA THR B 297 43.20 20.77 10.14
C THR B 297 42.93 20.21 11.55
N ILE B 298 42.36 21.05 12.41
CA ILE B 298 41.88 20.64 13.72
C ILE B 298 40.35 20.63 13.68
N ARG B 299 39.75 19.62 14.32
CA ARG B 299 38.32 19.37 14.21
C ARG B 299 37.76 18.94 15.56
N ASN B 300 36.64 19.53 15.97
CA ASN B 300 35.91 19.11 17.16
C ASN B 300 34.50 18.76 16.77
N THR B 301 34.02 17.63 17.27
CA THR B 301 32.68 17.15 17.01
C THR B 301 32.02 16.84 18.35
N SER B 302 30.81 17.37 18.51
CA SER B 302 30.00 17.10 19.68
C SER B 302 28.72 16.48 19.22
N ARG B 303 28.38 15.33 19.78
CA ARG B 303 27.12 14.68 19.51
C ARG B 303 26.35 14.44 20.83
N TYR B 304 25.10 14.89 20.87
CA TYR B 304 24.15 14.50 21.86
C TYR B 304 23.05 13.65 21.18
N GLY B 305 22.77 12.49 21.75
CA GLY B 305 21.80 11.55 21.21
C GLY B 305 20.84 11.07 22.29
N ASN B 306 19.64 10.71 21.86
CA ASN B 306 18.57 10.34 22.75
C ASN B 306 17.66 9.35 22.01
N SER B 307 17.52 8.12 22.52
CA SER B 307 16.64 7.12 21.87
C SER B 307 15.72 6.42 22.86
N HIS B 308 14.46 6.27 22.49
CA HIS B 308 13.46 5.59 23.28
C HIS B 308 12.95 4.39 22.46
N GLN B 309 12.78 3.26 23.13
CA GLN B 309 12.16 2.08 22.54
C GLN B 309 11.14 1.48 23.47
N ASP B 310 9.97 1.19 22.89
CA ASP B 310 8.87 0.61 23.62
C ASP B 310 8.29 -0.51 22.72
N TYR B 311 8.74 -1.75 23.00
CA TYR B 311 8.49 -2.92 22.16
C TYR B 311 7.79 -4.01 22.97
N LEU B 312 6.79 -4.64 22.35
CA LEU B 312 6.13 -5.85 22.86
C LEU B 312 5.74 -6.73 21.68
N TRP B 313 6.28 -7.93 21.60
CA TRP B 313 6.06 -8.80 20.45
C TRP B 313 5.92 -10.26 20.83
N THR B 314 5.52 -11.08 19.86
CA THR B 314 5.24 -12.49 20.05
C THR B 314 6.34 -13.37 19.42
N GLN B 315 6.73 -14.44 20.10
CA GLN B 315 7.62 -15.45 19.55
C GLN B 315 6.88 -16.78 19.51
N PRO B 316 6.93 -17.49 18.37
CA PRO B 316 6.14 -18.71 18.24
C PRO B 316 6.75 -19.91 18.98
N ASP B 317 6.13 -20.24 20.11
CA ASP B 317 6.28 -21.49 20.86
C ASP B 317 7.49 -21.65 21.79
N ASP B 318 8.51 -20.81 21.65
CA ASP B 318 9.80 -20.96 22.33
C ASP B 318 10.25 -22.39 22.68
N SER B 319 10.21 -23.26 21.68
CA SER B 319 10.78 -24.65 21.75
C SER B 319 10.13 -25.54 22.81
N GLN B 320 8.87 -25.29 23.10
CA GLN B 320 8.11 -26.06 24.08
C GLN B 320 7.56 -27.36 23.49
N GLY B 321 7.62 -27.53 22.17
CA GLY B 321 7.17 -28.74 21.52
C GLY B 321 5.68 -28.82 21.26
N ASN B 322 4.93 -27.75 21.55
CA ASN B 322 3.50 -27.71 21.24
C ASN B 322 3.19 -27.84 19.74
N ILE B 323 4.13 -27.41 18.88
CA ILE B 323 3.97 -27.52 17.43
C ILE B 323 3.77 -28.95 16.94
N ASN B 324 4.32 -29.92 17.66
CA ASN B 324 4.15 -31.32 17.33
C ASN B 324 2.76 -31.92 17.59
N ASN B 325 1.87 -31.18 18.24
CA ASN B 325 0.45 -31.57 18.33
C ASN B 325 -0.44 -30.60 17.57
N GLY B 326 0.16 -29.66 16.83
CA GLY B 326 -0.59 -28.72 15.98
C GLY B 326 -0.91 -27.36 16.57
N SER B 327 -0.24 -26.98 17.66
CA SER B 327 -0.49 -25.71 18.35
C SER B 327 0.79 -24.89 18.67
N VAL B 328 0.58 -23.64 19.04
CA VAL B 328 1.67 -22.68 19.26
C VAL B 328 1.38 -21.81 20.48
N TRP B 329 2.28 -21.80 21.45
CA TRP B 329 2.21 -20.85 22.56
C TRP B 329 2.70 -19.47 22.09
N ARG B 330 1.86 -18.44 22.27
CA ARG B 330 2.23 -17.06 21.96
C ARG B 330 3.03 -16.45 23.09
N ARG B 331 4.31 -16.79 23.09
CA ARG B 331 5.21 -16.21 24.05
C ARG B 331 5.41 -14.74 23.74
N GLN B 332 5.52 -14.01 24.81
CA GLN B 332 5.50 -12.57 24.81
C GLN B 332 6.92 -12.17 25.15
N ASN B 333 7.49 -11.28 24.35
CA ASN B 333 8.76 -10.69 24.71
C ASN B 333 8.61 -9.18 24.61
N ASN B 334 9.42 -8.46 25.38
CA ASN B 334 9.29 -7.02 25.43
C ASN B 334 10.55 -6.32 25.89
N ARG B 335 10.58 -5.02 25.60
CA ARG B 335 11.64 -4.15 26.07
C ARG B 335 11.17 -2.68 26.09
N VAL B 336 11.43 -2.02 27.21
CA VAL B 336 11.27 -0.59 27.33
C VAL B 336 12.63 -0.02 27.68
N SER B 337 13.08 0.93 26.87
CA SER B 337 14.47 1.35 26.94
C SER B 337 14.60 2.85 26.66
N THR B 338 15.42 3.56 27.44
CA THR B 338 15.82 4.95 27.11
C THR B 338 17.33 5.05 27.18
N THR B 339 17.93 5.67 26.18
CA THR B 339 19.37 5.82 26.12
C THR B 339 19.74 7.25 25.75
N THR B 340 20.73 7.77 26.43
CA THR B 340 21.25 9.11 26.27
C THR B 340 22.73 8.92 25.98
N THR B 341 23.26 9.62 24.98
CA THR B 341 24.67 9.52 24.63
C THR B 341 25.22 10.91 24.39
N ALA B 342 26.38 11.19 24.96
CA ALA B 342 27.06 12.46 24.78
C ALA B 342 28.51 12.16 24.39
N VAL B 343 28.94 12.65 23.23
CA VAL B 343 30.32 12.38 22.74
C VAL B 343 31.03 13.67 22.34
N ASN B 344 32.29 13.79 22.70
CA ASN B 344 33.14 14.83 22.15
C ASN B 344 34.40 14.21 21.56
N GLN B 345 34.69 14.57 20.33
CA GLN B 345 35.80 14.00 19.58
C GLN B 345 36.62 15.14 19.00
N THR B 346 37.88 15.27 19.41
CA THR B 346 38.78 16.27 18.88
C THR B 346 39.83 15.56 18.02
N ASP B 347 39.94 15.96 16.74
CA ASP B 347 40.89 15.34 15.81
C ASP B 347 41.89 16.35 15.22
N LEU B 348 43.12 15.89 15.01
CA LEU B 348 44.14 16.62 14.27
C LEU B 348 44.54 15.74 13.10
N PHE B 349 44.42 16.22 11.88
CA PHE B 349 44.79 15.42 10.71
C PHE B 349 45.43 16.27 9.60
N GLY B 350 46.15 15.59 8.72
CA GLY B 350 46.76 16.22 7.56
C GLY B 350 48.09 15.59 7.20
N GLU B 351 49.11 16.44 6.96
CA GLU B 351 50.41 15.99 6.44
C GLU B 351 51.58 16.67 7.13
N PHE B 352 52.65 15.91 7.31
CA PHE B 352 53.94 16.50 7.62
C PHE B 352 55.05 15.69 6.96
N TYR B 353 56.22 16.30 6.94
CA TYR B 353 57.43 15.73 6.40
C TYR B 353 58.42 15.51 7.55
N LEU B 354 59.06 14.35 7.56
CA LEU B 354 60.03 14.05 8.59
C LEU B 354 61.06 13.10 7.99
N GLY B 355 62.32 13.50 8.03
CA GLY B 355 63.38 12.81 7.30
C GLY B 355 63.16 12.70 5.80
N GLY B 356 62.48 13.70 5.22
CA GLY B 356 62.14 13.70 3.80
C GLY B 356 61.02 12.78 3.35
N PHE B 357 60.32 12.16 4.29
CA PHE B 357 59.21 11.24 3.99
C PHE B 357 57.89 11.91 4.31
N LYS B 358 56.89 11.67 3.47
CA LYS B 358 55.58 12.25 3.69
C LYS B 358 54.82 11.40 4.71
N ASN B 359 54.15 12.05 5.66
CA ASN B 359 53.35 11.40 6.68
C ASN B 359 51.92 11.93 6.57
N SER B 360 51.00 11.14 6.02
CA SER B 360 49.58 11.46 6.06
C SER B 360 48.99 10.83 7.33
N PHE B 361 48.58 11.67 8.27
CA PHE B 361 48.23 11.20 9.61
C PHE B 361 46.85 11.66 10.09
N SER B 362 46.37 10.97 11.14
CA SER B 362 45.23 11.43 11.91
C SER B 362 45.38 10.99 13.36
N THR B 363 45.08 11.89 14.28
CA THR B 363 45.19 11.58 15.70
C THR B 363 44.07 12.30 16.46
N GLY B 364 43.61 11.73 17.58
CA GLY B 364 42.51 12.32 18.33
C GLY B 364 42.21 11.81 19.73
N LEU B 365 41.39 12.59 20.43
CA LEU B 365 40.88 12.26 21.76
C LEU B 365 39.39 12.17 21.68
N GLU B 366 38.81 11.21 22.38
CA GLU B 366 37.38 10.97 22.38
C GLU B 366 36.91 10.74 23.82
N PHE B 367 35.91 11.52 24.25
CA PHE B 367 35.28 11.38 25.57
C PHE B 367 33.80 11.15 25.34
N SER B 368 33.22 10.17 26.02
CA SER B 368 31.77 9.97 25.95
C SER B 368 31.12 9.49 27.22
N ARG B 369 29.80 9.63 27.27
CA ARG B 369 28.99 9.24 28.40
C ARG B 369 27.71 8.64 27.88
N GLU B 370 27.43 7.38 28.21
CA GLU B 370 26.14 6.76 27.90
C GLU B 370 25.34 6.50 29.19
N ASP B 371 24.08 6.93 29.18
CA ASP B 371 23.05 6.62 30.20
C ASP B 371 22.10 5.65 29.57
N SER B 372 21.86 4.51 30.19
CA SER B 372 20.75 3.69 29.72
C SER B 372 19.85 3.29 30.87
N LYS B 373 18.56 3.24 30.57
CA LYS B 373 17.54 2.84 31.54
C LYS B 373 16.76 1.72 30.90
N ARG B 374 16.90 0.50 31.42
CA ARG B 374 16.22 -0.68 30.83
C ARG B 374 15.11 -1.16 31.76
N ASP B 375 13.89 -1.18 31.27
CA ASP B 375 12.73 -1.66 32.03
C ASP B 375 11.98 -2.68 31.14
N GLY B 376 10.74 -3.01 31.49
CA GLY B 376 9.93 -3.91 30.66
C GLY B 376 8.51 -3.94 31.15
N TYR B 377 7.79 -4.97 30.70
CA TYR B 377 6.40 -5.20 31.09
C TYR B 377 6.28 -6.54 31.79
N ILE B 378 5.25 -6.68 32.61
CA ILE B 378 4.85 -7.95 33.21
C ILE B 378 3.54 -8.30 32.50
N VAL B 379 3.49 -9.48 31.89
CA VAL B 379 2.38 -9.85 31.03
C VAL B 379 1.90 -11.25 31.37
N ASP B 380 0.59 -11.43 31.52
CA ASP B 380 0.00 -12.74 31.73
C ASP B 380 -0.17 -13.46 30.38
N THR B 381 0.66 -14.47 30.14
CA THR B 381 0.50 -15.38 29.00
C THR B 381 0.18 -16.85 29.39
N ASN B 382 -0.39 -17.05 30.57
CA ASN B 382 -0.65 -18.38 31.10
C ASN B 382 -1.67 -19.11 30.22
N THR B 383 -1.29 -20.28 29.71
CA THR B 383 -2.15 -21.06 28.82
C THR B 383 -3.24 -21.86 29.53
N GLY B 384 -3.08 -22.04 30.84
CA GLY B 384 -3.95 -22.92 31.62
C GLY B 384 -3.35 -24.31 31.79
N LEU B 385 -2.32 -24.66 31.01
CA LEU B 385 -1.59 -25.92 31.15
C LEU B 385 -0.06 -25.69 31.30
N GLY B 386 0.43 -25.78 32.54
CA GLY B 386 1.86 -25.61 32.84
C GLY B 386 2.45 -24.30 32.32
N SER B 387 1.66 -23.23 32.34
CA SER B 387 2.03 -21.86 31.90
C SER B 387 2.21 -21.66 30.38
N ASN B 388 2.95 -22.56 29.72
CA ASN B 388 3.35 -22.39 28.34
C ASN B 388 3.08 -23.61 27.41
N LYS B 389 2.22 -24.53 27.83
CA LYS B 389 1.87 -25.70 27.02
C LYS B 389 0.48 -25.56 26.42
N CYS B 390 0.30 -26.19 25.26
CA CYS B 390 -0.88 -26.03 24.40
C CYS B 390 -1.17 -27.33 23.69
N ASN B 391 -2.42 -27.47 23.26
CA ASN B 391 -2.86 -28.54 22.37
C ASN B 391 -4.12 -28.06 21.67
N PRO B 392 -4.65 -28.83 20.71
CA PRO B 392 -5.80 -28.27 19.95
C PRO B 392 -7.04 -27.87 20.78
N SER B 393 -7.27 -28.52 21.93
CA SER B 393 -8.39 -28.17 22.81
C SER B 393 -8.22 -26.83 23.51
N LEU B 394 -6.97 -26.37 23.67
CA LEU B 394 -6.65 -25.08 24.28
C LEU B 394 -6.60 -23.91 23.30
N ILE B 395 -6.49 -24.19 22.01
CA ILE B 395 -6.45 -23.11 20.98
C ILE B 395 -7.65 -22.17 21.10
N GLY B 396 -7.43 -20.86 21.08
CA GLY B 396 -8.52 -19.88 21.18
C GLY B 396 -8.89 -19.59 22.61
N ALA B 397 -10.18 -19.42 22.86
CA ALA B 397 -10.69 -18.89 24.12
C ALA B 397 -10.35 -19.69 25.39
N PRO B 398 -10.28 -21.04 25.31
CA PRO B 398 -9.89 -21.76 26.52
C PRO B 398 -8.48 -21.50 27.05
N SER B 399 -7.56 -21.00 26.22
CA SER B 399 -6.23 -20.60 26.71
C SER B 399 -6.11 -19.10 26.98
N GLY B 400 -7.24 -18.37 27.02
CA GLY B 400 -7.22 -16.91 26.95
C GLY B 400 -6.52 -16.37 25.68
N TYR B 401 -6.52 -17.16 24.61
CA TYR B 401 -5.86 -16.85 23.35
C TYR B 401 -4.33 -16.80 23.41
N ASN B 402 -3.77 -17.43 24.44
CA ASN B 402 -2.32 -17.62 24.54
C ASN B 402 -1.82 -18.83 23.75
N CYS B 403 -2.74 -19.67 23.27
CA CYS B 403 -2.43 -20.73 22.32
C CYS B 403 -3.14 -20.43 21.05
N THR B 404 -2.49 -20.69 19.93
CA THR B 404 -3.12 -20.61 18.61
C THR B 404 -2.77 -21.85 17.80
N SER B 405 -3.29 -21.88 16.58
CA SER B 405 -3.06 -22.97 15.62
C SER B 405 -1.74 -22.78 14.86
N LEU B 406 -1.01 -23.89 14.68
CA LEU B 406 0.21 -23.87 13.85
C LEU B 406 -0.10 -23.59 12.36
N GLU B 407 -1.18 -24.20 11.86
CA GLU B 407 -1.53 -24.06 10.45
C GLU B 407 -2.33 -22.80 10.17
N ASN B 408 -3.32 -22.49 11.02
CA ASN B 408 -4.25 -21.39 10.76
C ASN B 408 -4.45 -20.43 11.93
N PRO B 409 -3.38 -19.72 12.33
CA PRO B 409 -3.50 -18.79 13.43
C PRO B 409 -4.37 -17.59 13.09
N ASN B 410 -5.03 -17.04 14.12
CA ASN B 410 -5.83 -15.82 13.98
C ASN B 410 -5.20 -14.64 14.72
N PRO B 411 -4.56 -13.72 13.98
CA PRO B 411 -3.92 -12.59 14.66
C PRO B 411 -4.86 -11.58 15.35
N HIS B 412 -6.15 -11.62 15.04
CA HIS B 412 -7.13 -10.71 15.64
C HIS B 412 -7.73 -11.23 16.96
N ASP B 413 -7.34 -12.43 17.41
CA ASP B 413 -7.83 -12.98 18.66
C ASP B 413 -7.87 -11.91 19.72
N PRO B 414 -9.01 -11.77 20.43
CA PRO B 414 -9.16 -10.75 21.50
C PRO B 414 -8.49 -11.20 22.81
N TRP B 415 -7.19 -11.42 22.75
CA TRP B 415 -6.34 -11.61 23.93
C TRP B 415 -6.58 -10.46 24.92
N ASN B 416 -6.57 -10.74 26.21
CA ASN B 416 -6.84 -9.69 27.18
C ASN B 416 -6.24 -9.91 28.55
N GLY B 417 -5.00 -10.39 28.58
CA GLY B 417 -4.25 -10.53 29.82
C GLY B 417 -3.76 -9.18 30.34
N SER B 418 -3.38 -9.13 31.60
CA SER B 418 -2.83 -7.88 32.18
C SER B 418 -1.45 -7.58 31.58
N ILE B 419 -1.24 -6.29 31.29
CA ILE B 419 0.04 -5.73 30.91
C ILE B 419 0.32 -4.61 31.91
N THR B 420 1.35 -4.74 32.72
CA THR B 420 1.79 -3.63 33.55
C THR B 420 3.29 -3.43 33.38
N ARG B 421 3.74 -2.17 33.35
CA ARG B 421 5.15 -1.84 33.41
C ARG B 421 5.76 -2.32 34.73
N LYS B 422 7.01 -2.81 34.69
CA LYS B 422 7.75 -3.17 35.91
C LYS B 422 8.06 -1.93 36.75
N TYR B 423 8.44 -0.84 36.08
CA TYR B 423 8.91 0.37 36.74
C TYR B 423 10.01 0.08 37.76
N ALA B 424 10.89 -0.84 37.42
CA ALA B 424 11.98 -1.29 38.29
C ALA B 424 13.20 -1.51 37.41
N PRO B 425 13.75 -0.42 36.87
CA PRO B 425 14.74 -0.53 35.80
C PRO B 425 16.15 -0.89 36.21
N LEU B 426 16.94 -1.34 35.24
CA LEU B 426 18.39 -1.39 35.39
C LEU B 426 18.90 -0.09 34.77
N ASN B 427 19.55 0.75 35.58
CA ASN B 427 20.08 2.04 35.13
C ASN B 427 21.59 1.98 35.10
N THR B 428 22.18 2.27 33.95
CA THR B 428 23.62 2.16 33.76
C THR B 428 24.20 3.48 33.26
N VAL B 429 25.30 3.92 33.88
CA VAL B 429 26.03 5.11 33.46
C VAL B 429 27.44 4.69 33.05
N GLY B 430 27.77 4.89 31.76
CA GLY B 430 29.07 4.50 31.18
C GLY B 430 29.92 5.70 30.73
N THR B 431 31.22 5.66 30.97
CA THR B 431 32.17 6.70 30.56
C THR B 431 33.22 6.03 29.70
N THR B 432 33.65 6.70 28.62
CA THR B 432 34.77 6.25 27.81
C THR B 432 35.75 7.41 27.60
N LYS B 433 37.04 7.08 27.58
CA LYS B 433 38.08 7.98 27.15
C LYS B 433 38.89 7.17 26.17
N ALA B 434 39.17 7.72 24.98
CA ALA B 434 40.04 7.05 24.02
C ALA B 434 41.05 7.99 23.39
N ILE B 435 42.18 7.42 22.97
CA ILE B 435 43.20 8.14 22.23
C ILE B 435 43.63 7.25 21.07
N TYR B 436 43.86 7.84 19.90
CA TYR B 436 44.25 7.09 18.73
C TYR B 436 45.24 7.91 17.86
N ALA B 437 45.97 7.19 17.01
CA ALA B 437 46.92 7.82 16.09
C ALA B 437 47.06 6.91 14.90
N PHE B 438 46.96 7.46 13.71
CA PHE B 438 47.07 6.71 12.48
C PHE B 438 48.04 7.48 11.57
N ASP B 439 48.97 6.77 10.92
CA ASP B 439 49.94 7.39 10.01
C ASP B 439 50.21 6.51 8.80
N THR B 440 50.16 7.12 7.62
CA THR B 440 50.59 6.49 6.37
C THR B 440 51.86 7.21 5.86
N ILE B 441 52.93 6.44 5.68
CA ILE B 441 54.22 6.98 5.27
C ILE B 441 54.48 6.57 3.82
N ASP B 442 54.70 7.55 2.93
CA ASP B 442 55.14 7.25 1.56
C ASP B 442 56.63 7.09 1.58
N LEU B 443 57.10 5.85 1.42
CA LEU B 443 58.53 5.56 1.34
C LEU B 443 59.08 6.00 -0.03
N ASN B 444 58.40 5.61 -1.10
CA ASN B 444 58.57 6.20 -2.44
C ASN B 444 57.22 6.03 -3.17
N GLU B 445 57.15 6.25 -4.49
CA GLU B 445 55.85 6.11 -5.18
C GLU B 445 55.35 4.65 -5.29
N GLN B 446 56.21 3.65 -5.05
CA GLN B 446 55.78 2.23 -5.02
C GLN B 446 55.53 1.61 -3.63
N TRP B 447 55.94 2.26 -2.54
CA TRP B 447 55.86 1.65 -1.22
C TRP B 447 55.27 2.59 -0.18
N GLN B 448 54.29 2.09 0.57
CA GLN B 448 53.69 2.82 1.69
C GLN B 448 53.59 1.91 2.92
N VAL B 449 53.76 2.49 4.10
CA VAL B 449 53.57 1.77 5.36
C VAL B 449 52.49 2.48 6.18
N ASN B 450 51.55 1.70 6.70
CA ASN B 450 50.49 2.16 7.61
C ASN B 450 50.73 1.60 8.99
N ILE B 451 50.71 2.46 10.00
CA ILE B 451 50.70 2.04 11.40
C ILE B 451 49.53 2.77 12.08
N GLY B 452 48.90 2.09 13.03
CA GLY B 452 47.78 2.65 13.78
C GLY B 452 47.68 2.04 15.15
N ALA B 453 47.41 2.87 16.15
CA ALA B 453 47.13 2.38 17.49
C ALA B 453 45.91 3.09 18.10
N ARG B 454 45.32 2.43 19.09
CA ARG B 454 44.20 2.97 19.85
C ARG B 454 44.18 2.37 21.26
N PHE B 455 43.96 3.23 22.25
CA PHE B 455 43.71 2.84 23.63
C PHE B 455 42.35 3.37 24.08
N ASP B 456 41.48 2.47 24.57
CA ASP B 456 40.16 2.84 25.11
C ASP B 456 40.09 2.50 26.59
N SER B 457 39.50 3.40 27.37
CA SER B 457 39.32 3.22 28.81
C SER B 457 37.82 3.38 29.12
N PHE B 458 37.27 2.47 29.92
CA PHE B 458 35.81 2.32 30.12
C PHE B 458 35.49 2.27 31.64
N GLU B 459 34.49 3.03 32.10
CA GLU B 459 33.99 2.97 33.50
C GLU B 459 32.48 2.89 33.46
N THR B 460 31.87 1.92 34.15
CA THR B 460 30.39 1.84 34.27
C THR B 460 29.93 1.68 35.71
N THR B 461 28.74 2.22 35.98
CA THR B 461 28.04 1.99 37.23
C THR B 461 26.63 1.58 36.88
N ALA B 462 26.18 0.46 37.41
CA ALA B 462 24.84 -0.05 37.15
C ALA B 462 24.06 -0.10 38.46
N LYS B 463 22.87 0.49 38.46
CA LYS B 463 21.94 0.40 39.56
C LYS B 463 20.76 -0.43 39.14
N ASN B 464 20.55 -1.54 39.83
CA ASN B 464 19.48 -2.45 39.49
C ASN B 464 18.37 -2.36 40.52
N HIS B 465 17.26 -1.76 40.12
CA HIS B 465 16.04 -1.67 40.96
C HIS B 465 15.15 -2.91 40.81
N GLY B 466 15.55 -3.88 39.98
CA GLY B 466 14.83 -5.15 39.85
C GLY B 466 15.03 -6.14 40.99
N VAL B 467 16.04 -5.91 41.83
CA VAL B 467 16.30 -6.73 43.02
C VAL B 467 16.19 -5.85 44.25
N ARG B 468 15.99 -6.50 45.40
CA ARG B 468 15.65 -5.85 46.66
C ARG B 468 16.61 -6.29 47.78
N PRO B 469 17.36 -5.35 48.38
CA PRO B 469 17.51 -3.92 48.05
C PRO B 469 18.19 -3.71 46.70
N ALA B 470 18.02 -2.52 46.12
CA ALA B 470 18.71 -2.15 44.89
C ALA B 470 20.21 -2.33 45.04
N THR B 471 20.87 -2.80 43.97
CA THR B 471 22.33 -2.98 43.95
C THR B 471 22.99 -1.86 43.15
N LYS B 472 24.20 -1.54 43.58
CA LYS B 472 25.06 -0.60 42.91
C LYS B 472 26.39 -1.32 42.64
N LEU B 473 26.73 -1.52 41.36
CA LEU B 473 27.90 -2.29 40.96
C LEU B 473 28.70 -1.52 39.91
N SER B 474 29.99 -1.35 40.13
CA SER B 474 30.90 -0.65 39.21
C SER B 474 31.87 -1.58 38.52
N ASP B 475 32.39 -1.14 37.39
CA ASP B 475 33.34 -1.91 36.61
C ASP B 475 34.25 -0.97 35.81
N LYS B 476 35.51 -1.37 35.67
CA LYS B 476 36.55 -0.62 34.95
C LYS B 476 37.26 -1.58 34.02
N SER B 477 37.59 -1.11 32.82
CA SER B 477 38.37 -1.91 31.86
C SER B 477 39.02 -1.04 30.80
N SER B 478 39.91 -1.65 30.01
CA SER B 478 40.52 -0.97 28.88
C SER B 478 40.77 -1.94 27.73
N PHE B 479 41.03 -1.35 26.56
CA PHE B 479 41.12 -2.08 25.31
C PHE B 479 42.31 -1.48 24.52
N TRP B 480 43.38 -2.25 24.35
CA TRP B 480 44.51 -1.90 23.47
C TRP B 480 44.23 -2.45 22.08
N ASN B 481 44.63 -1.72 21.06
CA ASN B 481 44.44 -2.16 19.70
C ASN B 481 45.48 -1.51 18.77
N TRP B 482 46.08 -2.29 17.88
CA TRP B 482 47.03 -1.72 16.92
C TRP B 482 47.12 -2.51 15.63
N GLN B 483 47.53 -1.84 14.56
CA GLN B 483 47.61 -2.47 13.24
C GLN B 483 48.70 -1.87 12.37
N ALA B 484 49.16 -2.67 11.43
CA ALA B 484 50.23 -2.33 10.53
C ALA B 484 49.94 -2.86 9.14
N GLY B 485 50.25 -2.05 8.13
CA GLY B 485 49.97 -2.38 6.73
C GLY B 485 51.15 -2.02 5.84
N LEU B 486 51.33 -2.79 4.77
CA LEU B 486 52.36 -2.57 3.77
C LEU B 486 51.67 -2.59 2.41
N VAL B 487 51.93 -1.57 1.58
CA VAL B 487 51.33 -1.49 0.25
C VAL B 487 52.44 -1.37 -0.82
N TRP B 488 52.39 -2.25 -1.82
CA TRP B 488 53.27 -2.19 -2.98
C TRP B 488 52.42 -1.80 -4.18
N LYS B 489 52.84 -0.76 -4.90
CA LYS B 489 52.18 -0.31 -6.13
C LYS B 489 53.11 -0.56 -7.33
N PRO B 490 52.96 -1.71 -8.01
CA PRO B 490 53.82 -1.94 -9.18
C PRO B 490 53.63 -0.84 -10.21
N VAL B 491 52.37 -0.50 -10.49
CA VAL B 491 51.99 0.62 -11.35
C VAL B 491 50.97 1.47 -10.59
N PRO B 492 50.79 2.76 -10.96
CA PRO B 492 49.93 3.69 -10.16
C PRO B 492 48.48 3.25 -9.89
N ASN B 493 47.90 2.50 -10.83
CA ASN B 493 46.53 2.03 -10.74
C ASN B 493 46.42 0.57 -10.19
N GLY B 494 47.41 0.17 -9.41
CA GLY B 494 47.52 -1.20 -8.96
C GLY B 494 48.10 -1.21 -7.56
N SER B 495 47.64 -2.18 -6.77
CA SER B 495 47.97 -2.23 -5.36
C SER B 495 48.00 -3.68 -4.90
N ILE B 496 49.03 -4.04 -4.12
CA ILE B 496 49.12 -5.34 -3.48
C ILE B 496 49.51 -5.05 -2.05
N TYR B 497 48.73 -5.59 -1.09
CA TYR B 497 48.91 -5.21 0.32
C TYR B 497 48.91 -6.40 1.26
N ALA B 498 49.69 -6.27 2.33
CA ALA B 498 49.67 -7.18 3.47
C ALA B 498 49.23 -6.36 4.67
N SER B 499 48.63 -7.03 5.64
CA SER B 499 48.08 -6.33 6.80
C SER B 499 47.98 -7.23 8.02
N TYR B 500 48.31 -6.65 9.16
CA TYR B 500 48.27 -7.32 10.42
C TYR B 500 47.56 -6.44 11.43
N ALA B 501 46.59 -6.98 12.16
CA ALA B 501 45.98 -6.24 13.27
C ALA B 501 45.86 -7.15 14.49
N THR B 502 46.05 -6.57 15.68
CA THR B 502 45.84 -7.28 16.93
C THR B 502 45.10 -6.40 17.94
N SER B 503 44.33 -7.01 18.84
CA SER B 503 43.62 -6.29 19.91
C SER B 503 43.58 -7.14 21.19
N ALA B 504 43.80 -6.51 22.34
CA ALA B 504 43.83 -7.25 23.63
C ALA B 504 43.23 -6.47 24.81
N THR B 505 43.55 -6.88 26.04
CA THR B 505 43.31 -6.14 27.30
C THR B 505 44.61 -6.14 28.15
N GLU B 533 41.10 -11.40 23.24
CA GLU B 533 42.24 -11.26 22.34
C GLU B 533 41.96 -11.69 20.89
N THR B 534 42.30 -10.83 19.92
CA THR B 534 42.02 -11.06 18.51
C THR B 534 43.23 -10.79 17.61
N THR B 535 43.39 -11.56 16.54
CA THR B 535 44.47 -11.36 15.58
C THR B 535 43.95 -11.51 14.14
N ASN B 536 44.27 -10.54 13.28
CA ASN B 536 43.85 -10.53 11.86
C ASN B 536 45.05 -10.47 10.95
N TYR B 537 45.04 -11.34 9.94
CA TYR B 537 46.00 -11.31 8.86
C TYR B 537 45.19 -11.11 7.60
N GLU B 538 45.67 -10.25 6.73
CA GLU B 538 45.05 -10.09 5.44
C GLU B 538 46.11 -9.84 4.36
N LEU B 539 45.80 -10.32 3.18
CA LEU B 539 46.64 -10.24 2.03
C LEU B 539 45.71 -9.95 0.88
N GLY B 540 45.90 -8.85 0.15
CA GLY B 540 44.97 -8.50 -0.91
C GLY B 540 45.54 -7.71 -2.05
N THR B 541 44.70 -7.52 -3.07
CA THR B 541 45.09 -6.74 -4.24
C THR B 541 43.90 -5.92 -4.76
N LYS B 542 44.17 -4.68 -5.17
CA LYS B 542 43.14 -3.79 -5.74
C LYS B 542 43.63 -3.14 -7.03
N TRP B 543 42.75 -3.08 -8.02
CA TRP B 543 43.08 -2.54 -9.35
C TRP B 543 42.02 -1.57 -9.86
N ALA B 544 42.47 -0.48 -10.49
CA ALA B 544 41.59 0.54 -11.06
C ALA B 544 41.80 0.53 -12.57
N PHE B 545 40.73 0.29 -13.32
CA PHE B 545 40.77 0.21 -14.78
C PHE B 545 39.88 1.29 -15.41
N PHE B 546 39.93 1.35 -16.74
CA PHE B 546 39.14 2.25 -17.60
C PHE B 546 39.05 3.66 -17.03
N ASN B 547 40.22 4.26 -16.82
CA ASN B 547 40.39 5.61 -16.27
C ASN B 547 39.81 5.72 -14.87
N GLU B 548 40.06 4.70 -14.05
CA GLU B 548 39.59 4.64 -12.66
C GLU B 548 38.07 4.71 -12.49
N ARG B 549 37.34 4.12 -13.43
CA ARG B 549 35.88 4.01 -13.34
C ARG B 549 35.41 2.60 -12.96
N LEU B 550 36.35 1.65 -12.89
CA LEU B 550 36.08 0.26 -12.52
C LEU B 550 37.13 -0.18 -11.49
N GLU B 551 36.70 -0.55 -10.27
CA GLU B 551 37.63 -1.03 -9.24
C GLU B 551 37.39 -2.52 -9.02
N LEU B 552 38.46 -3.32 -9.15
CA LEU B 552 38.42 -4.75 -8.81
C LEU B 552 39.23 -4.98 -7.52
N SER B 553 38.76 -5.88 -6.66
CA SER B 553 39.40 -6.22 -5.39
C SER B 553 39.46 -7.73 -5.19
N ALA B 554 40.50 -8.18 -4.50
CA ALA B 554 40.56 -9.56 -4.03
C ALA B 554 41.28 -9.53 -2.70
N ALA B 555 40.76 -10.25 -1.71
CA ALA B 555 41.46 -10.40 -0.42
C ALA B 555 41.33 -11.83 0.14
N ILE B 556 42.35 -12.24 0.88
CA ILE B 556 42.30 -13.44 1.69
C ILE B 556 42.65 -13.01 3.09
N PHE B 557 42.04 -13.62 4.10
CA PHE B 557 42.28 -13.19 5.48
C PHE B 557 42.06 -14.33 6.46
N ARG B 558 42.66 -14.18 7.63
CA ARG B 558 42.45 -15.06 8.75
C ARG B 558 42.21 -14.23 9.99
N THR B 559 41.14 -14.54 10.70
CA THR B 559 40.88 -13.98 12.02
C THR B 559 40.94 -15.08 13.08
N ASP B 560 41.71 -14.86 14.14
CA ASP B 560 41.81 -15.79 15.28
C ASP B 560 41.33 -15.03 16.51
N LYS B 561 40.47 -15.66 17.30
CA LYS B 561 39.93 -15.03 18.49
C LYS B 561 39.98 -15.99 19.68
N ASP B 562 40.52 -15.50 20.79
CA ASP B 562 40.52 -16.25 22.07
C ASP B 562 39.44 -15.69 22.99
N ASN B 563 38.74 -16.61 23.68
CA ASN B 563 37.62 -16.28 24.57
C ASN B 563 36.50 -15.53 23.82
N THR B 564 36.05 -16.14 22.72
CA THR B 564 35.02 -15.57 21.85
C THR B 564 33.63 -15.43 22.55
N ARG B 565 33.12 -14.19 22.61
CA ARG B 565 31.89 -13.85 23.34
C ARG B 565 30.75 -13.59 22.37
N ASN B 575 34.49 -17.41 27.16
CA ASN B 575 33.08 -17.81 27.15
C ASN B 575 32.82 -19.02 26.21
N ALA B 576 32.48 -18.80 24.93
CA ALA B 576 32.40 -19.88 23.93
C ALA B 576 33.79 -20.34 23.40
N GLY B 577 34.87 -19.68 23.84
CA GLY B 577 36.24 -20.18 23.61
C GLY B 577 36.88 -19.67 22.33
N GLN B 578 37.88 -20.40 21.84
CA GLN B 578 38.68 -20.02 20.67
C GLN B 578 37.94 -20.18 19.31
N SER B 579 38.02 -19.18 18.43
CA SER B 579 37.42 -19.28 17.08
C SER B 579 38.36 -18.80 15.95
N ARG B 580 38.12 -19.32 14.75
CA ARG B 580 38.89 -18.95 13.57
C ARG B 580 37.94 -18.74 12.40
N VAL B 581 38.17 -17.66 11.64
CA VAL B 581 37.51 -17.46 10.36
C VAL B 581 38.59 -17.20 9.31
N ASP B 582 38.64 -18.07 8.30
CA ASP B 582 39.47 -17.88 7.11
C ASP B 582 38.53 -17.54 5.98
N GLY B 583 38.93 -16.62 5.11
CA GLY B 583 38.07 -16.22 4.02
C GLY B 583 38.69 -15.59 2.81
N VAL B 584 37.84 -15.44 1.80
CA VAL B 584 38.18 -14.83 0.52
C VAL B 584 37.05 -13.87 0.15
N GLU B 585 37.43 -12.67 -0.30
CA GLU B 585 36.49 -11.65 -0.74
C GLU B 585 36.92 -11.12 -2.10
N LEU B 586 35.97 -11.08 -3.04
CA LEU B 586 36.19 -10.52 -4.37
C LEU B 586 35.16 -9.41 -4.61
N SER B 587 35.58 -8.25 -5.14
CA SER B 587 34.66 -7.14 -5.49
C SER B 587 34.89 -6.57 -6.87
N ALA B 588 33.82 -6.06 -7.45
CA ALA B 588 33.85 -5.32 -8.71
C ALA B 588 32.85 -4.17 -8.58
N SER B 589 33.29 -2.94 -8.89
CA SER B 589 32.48 -1.75 -8.65
C SER B 589 32.78 -0.66 -9.70
N GLY B 590 31.78 -0.29 -10.50
CA GLY B 590 31.88 0.79 -11.48
C GLY B 590 31.45 0.41 -12.91
N LYS B 591 32.01 1.10 -13.91
CA LYS B 591 31.63 0.89 -15.33
C LYS B 591 32.43 -0.21 -16.02
N LEU B 592 31.73 -1.12 -16.68
CA LEU B 592 32.36 -2.13 -17.52
C LEU B 592 32.56 -1.58 -18.94
N THR B 593 31.48 -0.99 -19.47
CA THR B 593 31.50 -0.20 -20.70
C THR B 593 30.85 1.13 -20.35
N GLU B 594 30.67 1.99 -21.35
CA GLU B 594 30.04 3.29 -21.12
C GLU B 594 28.60 3.18 -20.61
N LYS B 595 27.89 2.14 -21.06
CA LYS B 595 26.48 1.93 -20.73
C LYS B 595 26.21 0.90 -19.63
N TRP B 596 27.20 0.09 -19.28
CA TRP B 596 27.02 -1.09 -18.44
C TRP B 596 27.74 -0.92 -17.10
N LYS B 597 26.97 -0.73 -16.02
CA LYS B 597 27.50 -0.58 -14.65
C LYS B 597 27.34 -1.85 -13.81
N VAL B 598 28.24 -2.01 -12.85
CA VAL B 598 28.23 -3.19 -11.99
C VAL B 598 28.65 -2.85 -10.53
N PHE B 599 27.97 -3.47 -9.58
CA PHE B 599 28.35 -3.42 -8.18
C PHE B 599 28.13 -4.84 -7.65
N ALA B 600 29.21 -5.52 -7.32
CA ALA B 600 29.17 -6.97 -7.09
C ALA B 600 30.29 -7.45 -6.17
N GLY B 601 30.05 -8.57 -5.48
CA GLY B 601 31.04 -9.17 -4.60
C GLY B 601 30.77 -10.65 -4.36
N TYR B 602 31.82 -11.37 -3.98
CA TYR B 602 31.71 -12.76 -3.54
C TYR B 602 32.41 -12.86 -2.20
N SER B 603 31.86 -13.69 -1.31
CA SER B 603 32.42 -13.90 0.03
C SER B 603 32.43 -15.39 0.35
N TYR B 604 33.59 -15.88 0.75
CA TYR B 604 33.77 -17.23 1.25
C TYR B 604 34.27 -17.10 2.70
N LEU B 605 33.55 -17.71 3.63
CA LEU B 605 33.88 -17.66 5.04
C LEU B 605 33.93 -19.07 5.56
N ASP B 606 35.14 -19.56 5.82
CA ASP B 606 35.34 -20.85 6.44
C ASP B 606 35.56 -20.59 7.91
N SER B 607 34.54 -20.87 8.74
CA SER B 607 34.61 -20.53 10.16
C SER B 607 34.55 -21.77 11.04
N GLU B 608 35.12 -21.66 12.24
CA GLU B 608 35.25 -22.78 13.15
C GLU B 608 35.36 -22.36 14.60
N LEU B 609 34.72 -23.12 15.49
CA LEU B 609 35.03 -23.08 16.95
C LEU B 609 36.07 -24.15 17.28
N VAL B 610 37.11 -23.78 18.04
CA VAL B 610 38.28 -24.65 18.32
C VAL B 610 38.57 -24.81 19.82
N SER B 627 33.04 -30.30 22.43
CA SER B 627 31.70 -30.76 22.05
C SER B 627 31.08 -29.85 20.98
N ASN B 628 31.22 -28.53 21.11
CA ASN B 628 31.03 -27.61 19.96
C ASN B 628 32.30 -27.45 19.10
N ASN B 629 33.39 -28.09 19.53
CA ASN B 629 34.64 -28.08 18.81
C ASN B 629 34.45 -28.56 17.36
N GLY B 630 34.80 -27.71 16.39
CA GLY B 630 34.59 -28.01 14.97
C GLY B 630 33.30 -27.50 14.32
N ASN B 631 32.45 -26.84 15.11
CA ASN B 631 31.22 -26.25 14.58
C ASN B 631 31.48 -24.91 13.89
N GLU B 632 30.64 -24.60 12.89
CA GLU B 632 30.63 -23.28 12.24
C GLU B 632 30.08 -22.18 13.16
N MET B 633 30.49 -20.94 12.89
CA MET B 633 30.02 -19.79 13.64
C MET B 633 28.59 -19.53 13.23
N PRO B 634 27.72 -19.13 14.18
CA PRO B 634 26.37 -18.74 13.77
C PRO B 634 26.38 -17.49 12.91
N ASN B 635 25.33 -17.30 12.11
CA ASN B 635 25.13 -16.07 11.33
C ASN B 635 26.31 -15.78 10.38
N THR B 636 26.89 -16.85 9.83
CA THR B 636 28.10 -16.78 9.02
C THR B 636 27.93 -17.69 7.81
N PRO B 637 27.33 -17.18 6.72
CA PRO B 637 27.17 -18.03 5.53
C PRO B 637 28.53 -18.32 4.92
N LYS B 638 28.74 -19.57 4.57
CA LYS B 638 30.00 -20.03 4.02
C LYS B 638 30.25 -19.37 2.66
N ASN B 639 29.22 -19.33 1.83
CA ASN B 639 29.21 -18.68 0.53
C ASN B 639 28.12 -17.60 0.44
N SER B 640 28.47 -16.44 -0.10
CA SER B 640 27.45 -15.48 -0.53
C SER B 640 27.91 -14.71 -1.75
N PHE B 641 26.95 -14.30 -2.56
CA PHE B 641 27.22 -13.64 -3.81
C PHE B 641 26.14 -12.57 -4.02
N SER B 642 26.57 -11.35 -4.33
CA SER B 642 25.68 -10.25 -4.64
C SER B 642 26.14 -9.62 -5.95
N LEU B 643 25.22 -9.50 -6.90
CA LEU B 643 25.47 -8.85 -8.18
C LEU B 643 24.37 -7.84 -8.40
N TRP B 644 24.73 -6.58 -8.59
CA TRP B 644 23.78 -5.54 -9.03
C TRP B 644 24.33 -4.91 -10.30
N THR B 645 23.49 -4.82 -11.33
CA THR B 645 23.91 -4.27 -12.62
C THR B 645 22.83 -3.44 -13.32
N THR B 646 23.25 -2.35 -13.95
CA THR B 646 22.36 -1.54 -14.80
C THR B 646 22.94 -1.35 -16.18
N TYR B 647 22.06 -1.27 -17.17
CA TYR B 647 22.44 -1.10 -18.57
C TYR B 647 21.61 0.04 -19.17
N ASP B 648 22.28 1.06 -19.73
CA ASP B 648 21.63 2.16 -20.45
C ASP B 648 21.26 1.69 -21.88
N ILE B 649 20.16 0.93 -21.96
CA ILE B 649 19.76 0.23 -23.18
C ILE B 649 19.30 1.17 -24.33
N PHE B 650 18.63 2.26 -23.98
CA PHE B 650 18.32 3.33 -24.91
C PHE B 650 18.74 4.61 -24.22
N PRO B 651 18.78 5.74 -24.95
CA PRO B 651 18.85 7.01 -24.20
C PRO B 651 17.52 7.21 -23.46
N LYS B 652 17.56 7.88 -22.31
CA LYS B 652 16.40 8.01 -21.41
C LYS B 652 15.90 6.71 -20.72
N THR B 653 16.44 5.54 -21.05
CA THR B 653 15.99 4.28 -20.47
C THR B 653 17.14 3.45 -19.94
N THR B 654 16.97 2.98 -18.71
CA THR B 654 17.91 2.08 -18.06
C THR B 654 17.11 0.85 -17.60
N ILE B 655 17.67 -0.33 -17.82
CA ILE B 655 17.17 -1.55 -17.20
C ILE B 655 18.27 -2.09 -16.31
N GLY B 656 17.86 -2.92 -15.36
CA GLY B 656 18.79 -3.52 -14.43
C GLY B 656 18.23 -4.66 -13.61
N GLY B 657 19.12 -5.34 -12.92
CA GLY B 657 18.72 -6.39 -12.02
C GLY B 657 19.76 -6.71 -10.99
N GLY B 658 19.39 -7.63 -10.10
CA GLY B 658 20.32 -8.20 -9.16
C GLY B 658 20.04 -9.66 -8.93
N ALA B 659 21.11 -10.40 -8.67
CA ALA B 659 21.02 -11.79 -8.25
C ALA B 659 21.81 -11.91 -6.95
N PHE B 660 21.18 -12.49 -5.92
CA PHE B 660 21.78 -12.57 -4.61
C PHE B 660 21.68 -14.00 -4.12
N TYR B 661 22.82 -14.60 -3.77
CA TYR B 661 22.82 -15.93 -3.15
C TYR B 661 23.35 -15.81 -1.70
N VAL B 662 22.68 -16.51 -0.78
CA VAL B 662 23.17 -16.67 0.59
C VAL B 662 23.06 -18.16 0.94
N ASP B 663 24.17 -18.74 1.39
CA ASP B 663 24.28 -20.15 1.79
C ASP B 663 23.47 -20.36 3.09
N LYS B 664 23.32 -21.59 3.53
CA LYS B 664 22.65 -21.86 4.80
C LYS B 664 23.33 -21.09 5.94
N VAL B 665 22.57 -20.77 6.98
CA VAL B 665 23.08 -20.02 8.11
C VAL B 665 22.57 -20.67 9.39
N TYR B 666 23.50 -21.01 10.28
CA TYR B 666 23.16 -21.54 11.59
C TYR B 666 22.81 -20.43 12.57
N GLY B 667 21.84 -20.71 13.42
CA GLY B 667 21.44 -19.81 14.46
C GLY B 667 22.28 -19.92 15.72
N ASP B 668 22.79 -21.11 16.04
CA ASP B 668 23.49 -21.33 17.33
C ASP B 668 24.90 -21.87 17.16
N VAL B 669 25.76 -21.63 18.17
CA VAL B 669 27.08 -22.27 18.27
C VAL B 669 26.99 -23.79 18.14
N GLY B 670 25.92 -24.38 18.68
CA GLY B 670 25.72 -25.83 18.61
C GLY B 670 25.33 -26.38 17.25
N ASN B 671 24.97 -25.51 16.31
CA ASN B 671 24.62 -25.87 14.94
C ASN B 671 23.41 -26.82 14.86
N THR B 672 22.44 -26.64 15.78
CA THR B 672 21.21 -27.46 15.87
C THR B 672 20.01 -26.82 15.17
N VAL B 673 20.11 -25.55 14.82
CA VAL B 673 19.08 -24.86 14.05
C VAL B 673 19.71 -24.02 12.95
N TYR B 674 18.97 -23.84 11.86
CA TYR B 674 19.50 -23.20 10.67
C TYR B 674 18.38 -22.74 9.76
N VAL B 675 18.71 -21.83 8.84
CA VAL B 675 17.83 -21.47 7.73
C VAL B 675 18.52 -21.84 6.44
N PRO B 676 17.76 -22.41 5.49
CA PRO B 676 18.39 -22.91 4.27
C PRO B 676 18.91 -21.79 3.37
N ASP B 677 19.79 -22.16 2.44
CA ASP B 677 20.28 -21.27 1.40
C ASP B 677 19.17 -20.84 0.44
N TYR B 678 19.38 -19.75 -0.30
CA TYR B 678 18.41 -19.27 -1.29
C TYR B 678 19.08 -18.38 -2.34
N TRP B 679 18.40 -18.30 -3.49
CA TRP B 679 18.66 -17.34 -4.56
C TRP B 679 17.51 -16.34 -4.55
N ARG B 680 17.83 -15.05 -4.66
CA ARG B 680 16.83 -14.02 -4.85
C ARG B 680 17.21 -13.20 -6.08
N TYR B 681 16.23 -12.85 -6.89
CA TYR B 681 16.46 -12.01 -8.06
C TYR B 681 15.59 -10.76 -7.98
N ASP B 682 16.18 -9.62 -8.36
CA ASP B 682 15.49 -8.33 -8.43
C ASP B 682 15.56 -7.77 -9.85
N ALA B 683 14.57 -6.97 -10.25
CA ALA B 683 14.58 -6.30 -11.57
C ALA B 683 14.27 -4.83 -11.38
N MET B 684 14.84 -3.99 -12.25
CA MET B 684 14.47 -2.57 -12.32
C MET B 684 14.46 -2.02 -13.75
N ALA B 685 13.65 -0.99 -13.94
CA ALA B 685 13.63 -0.22 -15.16
C ALA B 685 13.37 1.22 -14.79
N SER B 686 14.05 2.15 -15.45
CA SER B 686 13.79 3.58 -15.27
C SER B 686 13.71 4.31 -16.63
N TYR B 687 12.93 5.38 -16.63
CA TYR B 687 12.68 6.21 -17.77
C TYR B 687 12.83 7.66 -17.31
N LYS B 688 13.70 8.42 -17.96
CA LYS B 688 13.79 9.86 -17.74
C LYS B 688 12.67 10.55 -18.54
N LEU B 689 11.60 10.97 -17.84
CA LEU B 689 10.51 11.72 -18.47
C LEU B 689 11.03 13.08 -18.94
N SER B 690 11.93 13.69 -18.17
CA SER B 690 12.70 14.86 -18.58
C SER B 690 14.02 14.85 -17.82
N LYS B 691 14.81 15.91 -17.90
CA LYS B 691 16.04 16.04 -17.10
C LYS B 691 15.78 16.18 -15.59
N ASN B 692 14.56 16.60 -15.24
CA ASN B 692 14.16 16.82 -13.85
C ASN B 692 13.21 15.76 -13.24
N VAL B 693 12.71 14.81 -14.05
CA VAL B 693 11.78 13.80 -13.53
C VAL B 693 12.17 12.41 -14.02
N ASP B 694 12.36 11.48 -13.08
CA ASP B 694 12.55 10.04 -13.38
C ASP B 694 11.33 9.27 -12.92
N PHE B 695 10.98 8.23 -13.68
CA PHE B 695 9.98 7.23 -13.32
C PHE B 695 10.72 5.89 -13.20
N GLN B 696 10.54 5.18 -12.09
CA GLN B 696 11.30 3.93 -11.82
C GLN B 696 10.37 2.77 -11.39
N LEU B 697 10.66 1.57 -11.90
CA LEU B 697 9.96 0.37 -11.52
C LEU B 697 11.00 -0.51 -10.84
N ASN B 698 10.67 -1.07 -9.67
CA ASN B 698 11.47 -2.10 -9.05
C ASN B 698 10.61 -3.32 -8.76
N VAL B 699 11.14 -4.49 -9.09
CA VAL B 699 10.49 -5.75 -8.73
C VAL B 699 11.49 -6.45 -7.80
N GLN B 700 11.10 -6.58 -6.54
CA GLN B 700 11.93 -7.18 -5.52
C GLN B 700 11.46 -8.61 -5.36
N ASN B 701 12.42 -9.55 -5.35
CA ASN B 701 12.12 -10.96 -5.20
C ASN B 701 11.20 -11.38 -6.34
N VAL B 702 11.76 -11.40 -7.54
CA VAL B 702 11.01 -11.57 -8.79
C VAL B 702 10.27 -12.90 -8.80
N PHE B 703 10.89 -13.96 -8.29
CA PHE B 703 10.28 -15.30 -8.28
C PHE B 703 9.50 -15.63 -6.99
N ASP B 704 9.27 -14.64 -6.12
CA ASP B 704 8.49 -14.84 -4.90
C ASP B 704 9.06 -15.98 -4.03
N LYS B 705 10.38 -16.04 -3.94
CA LYS B 705 11.04 -17.04 -3.11
C LYS B 705 10.71 -16.80 -1.65
N LYS B 706 10.32 -17.86 -0.95
CA LYS B 706 10.18 -17.80 0.50
C LYS B 706 11.53 -18.14 1.10
N TYR B 707 12.04 -17.27 1.96
CA TYR B 707 13.33 -17.48 2.59
C TYR B 707 13.42 -16.70 3.90
N PHE B 708 14.47 -17.02 4.66
CA PHE B 708 14.62 -16.53 5.99
C PHE B 708 15.94 -15.80 6.11
N ASP B 709 15.81 -14.51 6.34
CA ASP B 709 16.94 -13.57 6.38
C ASP B 709 17.62 -13.44 7.73
N LYS B 710 17.04 -13.95 8.81
CA LYS B 710 17.72 -13.98 10.12
C LYS B 710 17.40 -15.29 10.81
N ALA B 711 18.44 -15.96 11.29
CA ALA B 711 18.33 -17.20 12.04
C ALA B 711 18.74 -16.88 13.46
N TYR B 712 17.78 -16.96 14.40
CA TYR B 712 18.08 -16.72 15.81
C TYR B 712 18.60 -17.99 16.47
N ALA B 713 19.23 -17.81 17.63
CA ALA B 713 19.91 -18.91 18.34
C ALA B 713 18.99 -20.01 18.82
N ALA B 714 17.74 -19.66 19.05
CA ALA B 714 16.74 -20.58 19.52
C ALA B 714 15.37 -20.15 19.00
N HIS B 715 14.48 -21.14 18.94
CA HIS B 715 13.04 -20.93 18.87
C HIS B 715 12.49 -20.65 17.50
N TYR B 716 13.09 -19.71 16.75
CA TYR B 716 12.49 -19.20 15.51
C TYR B 716 13.44 -18.46 14.59
N ALA B 717 12.94 -18.15 13.40
CA ALA B 717 13.63 -17.38 12.39
C ALA B 717 12.69 -16.34 11.77
N SER B 718 13.31 -15.31 11.19
CA SER B 718 12.57 -14.23 10.56
C SER B 718 12.42 -14.53 9.09
N GLN B 719 11.20 -14.40 8.57
CA GLN B 719 10.89 -14.61 7.17
C GLN B 719 10.97 -13.30 6.41
N ALA B 720 11.60 -13.29 5.24
CA ALA B 720 11.78 -12.07 4.46
C ALA B 720 10.53 -11.78 3.68
N ALA B 721 10.50 -10.59 3.10
CA ALA B 721 9.39 -10.18 2.28
C ALA B 721 9.30 -11.04 1.03
N GLY B 722 8.08 -11.21 0.52
CA GLY B 722 7.82 -11.85 -0.77
C GLY B 722 7.99 -10.87 -1.93
N ARG B 723 7.49 -11.26 -3.11
CA ARG B 723 7.50 -10.39 -4.29
C ARG B 723 6.83 -9.05 -4.00
N THR B 724 7.53 -7.99 -4.38
CA THR B 724 7.07 -6.63 -4.16
C THR B 724 7.36 -5.81 -5.42
N ILE B 725 6.35 -5.08 -5.88
CA ILE B 725 6.46 -4.23 -7.08
C ILE B 725 6.35 -2.78 -6.62
N LEU B 726 7.34 -1.95 -6.96
CA LEU B 726 7.39 -0.54 -6.52
C LEU B 726 7.45 0.36 -7.76
N PHE B 727 6.61 1.39 -7.79
CA PHE B 727 6.66 2.42 -8.82
C PHE B 727 7.06 3.72 -8.14
N SER B 728 8.15 4.34 -8.62
CA SER B 728 8.65 5.61 -8.08
C SER B 728 8.58 6.73 -9.10
N THR B 729 8.22 7.93 -8.63
CA THR B 729 8.33 9.16 -9.39
C THR B 729 9.33 10.04 -8.62
N ASN B 730 10.49 10.36 -9.22
CA ASN B 730 11.54 11.19 -8.58
C ASN B 730 11.77 12.53 -9.29
N PHE B 731 11.78 13.62 -8.52
CA PHE B 731 12.01 15.00 -8.99
C PHE B 731 13.42 15.39 -8.56
N HIS B 732 14.16 16.11 -9.40
CA HIS B 732 15.44 16.74 -8.97
C HIS B 732 15.70 17.96 -9.84
N PHE B 733 15.80 19.12 -9.21
CA PHE B 733 16.06 20.40 -9.87
C PHE B 733 17.35 20.96 -9.28
N LEU B 734 18.42 21.02 -10.07
CA LEU B 734 19.74 21.50 -9.64
C LEU B 734 20.19 22.66 -10.51
C1 C8E C . -0.69 -9.62 -8.69
C2 C8E C . -0.85 -8.26 -9.34
C3 C8E C . 0.07 -7.19 -8.74
C4 C8E C . -0.29 -5.77 -9.22
C5 C8E C . 0.77 -4.70 -8.86
C6 C8E C . 0.17 -3.39 -8.33
C7 C8E C . 1.20 -2.27 -8.26
C8 C8E C . 0.73 -1.03 -7.54
C1 C8E D . -34.38 -19.63 -27.95
C2 C8E D . -34.92 -18.73 -29.04
C3 C8E D . -34.21 -17.37 -29.07
C4 C8E D . -35.10 -16.25 -29.60
C5 C8E D . -34.31 -14.99 -29.96
C6 C8E D . -35.13 -13.70 -29.93
C7 C8E D . -34.35 -12.51 -30.53
C8 C8E D . -34.78 -11.17 -29.96
#